data_3ESK
# 
_entry.id   3ESK 
# 
_audit_conform.dict_name       mmcif_pdbx.dic 
_audit_conform.dict_version    5.378 
_audit_conform.dict_location   http://mmcif.pdb.org/dictionaries/ascii/mmcif_pdbx.dic 
# 
loop_
_database_2.database_id 
_database_2.database_code 
_database_2.pdbx_database_accession 
_database_2.pdbx_DOI 
PDB   3ESK         pdb_00003esk 10.2210/pdb3esk/pdb 
RCSB  RCSB049714   ?            ?                   
WWPDB D_1000049714 ?            ?                   
# 
loop_
_pdbx_database_related.db_name 
_pdbx_database_related.db_id 
_pdbx_database_related.details 
_pdbx_database_related.content_type 
PDB 1ELR 'Structure of the TPR2A domain of HOP in complex with the HSP90 peptide MEEVD' unspecified 
PDB 1ELW 'Structure of the TPR1 domain of HOP in complex with a HSC70 peptide'          unspecified 
# 
_pdbx_database_status.status_code                     REL 
_pdbx_database_status.entry_id                        3ESK 
_pdbx_database_status.recvd_initial_deposition_date   2008-10-06 
_pdbx_database_status.deposit_site                    RCSB 
_pdbx_database_status.process_site                    RCSB 
_pdbx_database_status.status_code_sf                  REL 
_pdbx_database_status.status_code_mr                  ? 
_pdbx_database_status.SG_entry                        ? 
_pdbx_database_status.status_code_cs                  ? 
_pdbx_database_status.methods_development_category    ? 
_pdbx_database_status.pdb_format_compatible           Y 
_pdbx_database_status.status_code_nmr_data            ? 
# 
loop_
_audit_author.name 
_audit_author.pdbx_ordinal 
'Kajander, T.' 1 
'Regan, L.'    2 
# 
_citation.id                        primary 
_citation.title                     
;Electrostatic interactions of Hsp-organizing protein tetratricopeptide domains with Hsp70 and Hsp90: computational analysis and protein engineering.
;
_citation.journal_abbrev            J.Biol.Chem. 
_citation.journal_volume            284 
_citation.page_first                25364 
_citation.page_last                 25374 
_citation.year                      2009 
_citation.journal_id_ASTM           JBCHA3 
_citation.country                   US 
_citation.journal_id_ISSN           0021-9258 
_citation.journal_id_CSD            0071 
_citation.book_publisher            ? 
_citation.pdbx_database_id_PubMed   19586912 
_citation.pdbx_database_id_DOI      10.1074/jbc.M109.033894 
# 
loop_
_citation_author.citation_id 
_citation_author.name 
_citation_author.ordinal 
_citation_author.identifier_ORCID 
primary 'Kajander, T.' 1 ? 
primary 'Sachs, J.N.'  2 ? 
primary 'Goldman, A.'  3 ? 
primary 'Regan, L.'    4 ? 
# 
_cell.entry_id           3ESK 
_cell.length_a           73.459 
_cell.length_b           48.023 
_cell.length_c           37.896 
_cell.angle_alpha        90.00 
_cell.angle_beta         91.56 
_cell.angle_gamma        90.00 
_cell.Z_PDB              4 
_cell.pdbx_unique_axis   ? 
_cell.length_a_esd       ? 
_cell.length_b_esd       ? 
_cell.length_c_esd       ? 
_cell.angle_alpha_esd    ? 
_cell.angle_beta_esd     ? 
_cell.angle_gamma_esd    ? 
# 
_symmetry.entry_id                         3ESK 
_symmetry.space_group_name_H-M             'C 1 2 1' 
_symmetry.pdbx_full_space_group_name_H-M   ? 
_symmetry.cell_setting                     ? 
_symmetry.Int_Tables_number                5 
_symmetry.space_group_name_Hall            ? 
# 
loop_
_entity.id 
_entity.type 
_entity.src_method 
_entity.pdbx_description 
_entity.formula_weight 
_entity.pdbx_number_of_molecules 
_entity.pdbx_ec 
_entity.pdbx_mutation 
_entity.pdbx_fragment 
_entity.details 
1 polymer     man 'Stress-induced-phosphoprotein 1'   15254.223 1  ? ? 'TPR2A domain, UNP residues 223-350'             ? 
2 polymer     syn 'Heat shock cognate 71 kDa protein' 1161.175  1  ? ? 'Hsc70 C-terminal peptide, UNP residues 635-646' ? 
3 non-polymer syn 'NICKEL (II) ION'                   58.693    1  ? ? ?                                                ? 
4 water       nat water                               18.015    94 ? ? ?                                                ? 
# 
loop_
_entity_name_com.entity_id 
_entity_name_com.name 
1 'STI1, Hsc70/Hsp90-organizing protein, Hop, Transformation-sensitive protein IEF SSP 3521, NY-REN-11 antigen' 
2 'Heat shock 70 kDa protein 8'                                                                                 
# 
loop_
_entity_poly.entity_id 
_entity_poly.type 
_entity_poly.nstd_linkage 
_entity_poly.nstd_monomer 
_entity_poly.pdbx_seq_one_letter_code 
_entity_poly.pdbx_seq_one_letter_code_can 
_entity_poly.pdbx_strand_id 
_entity_poly.pdbx_target_identifier 
1 'polypeptide(L)' no no 
;GKQALKEKELGNDAYKKKDFDTALKHYDKAKELDPTNMTYITNQAAVYFEKGDYNKCRELCEKAIEVGRENREDYRQIAK
AYARIGNSYFKEEKYKDAIHFYNKSLAEHRTPDVLKKCQQAEKILKEQE
;
;GKQALKEKELGNDAYKKKDFDTALKHYDKAKELDPTNMTYITNQAAVYFEKGDYNKCRELCEKAIEVGRENREDYRQIAK
AYARIGNSYFKEEKYKDAIHFYNKSLAEHRTPDVLKKCQQAEKILKEQE
;
A ? 
2 'polypeptide(L)' no no GASSGPTIEEVD GASSGPTIEEVD B ? 
# 
loop_
_entity_poly_seq.entity_id 
_entity_poly_seq.num 
_entity_poly_seq.mon_id 
_entity_poly_seq.hetero 
1 1   GLY n 
1 2   LYS n 
1 3   GLN n 
1 4   ALA n 
1 5   LEU n 
1 6   LYS n 
1 7   GLU n 
1 8   LYS n 
1 9   GLU n 
1 10  LEU n 
1 11  GLY n 
1 12  ASN n 
1 13  ASP n 
1 14  ALA n 
1 15  TYR n 
1 16  LYS n 
1 17  LYS n 
1 18  LYS n 
1 19  ASP n 
1 20  PHE n 
1 21  ASP n 
1 22  THR n 
1 23  ALA n 
1 24  LEU n 
1 25  LYS n 
1 26  HIS n 
1 27  TYR n 
1 28  ASP n 
1 29  LYS n 
1 30  ALA n 
1 31  LYS n 
1 32  GLU n 
1 33  LEU n 
1 34  ASP n 
1 35  PRO n 
1 36  THR n 
1 37  ASN n 
1 38  MET n 
1 39  THR n 
1 40  TYR n 
1 41  ILE n 
1 42  THR n 
1 43  ASN n 
1 44  GLN n 
1 45  ALA n 
1 46  ALA n 
1 47  VAL n 
1 48  TYR n 
1 49  PHE n 
1 50  GLU n 
1 51  LYS n 
1 52  GLY n 
1 53  ASP n 
1 54  TYR n 
1 55  ASN n 
1 56  LYS n 
1 57  CYS n 
1 58  ARG n 
1 59  GLU n 
1 60  LEU n 
1 61  CYS n 
1 62  GLU n 
1 63  LYS n 
1 64  ALA n 
1 65  ILE n 
1 66  GLU n 
1 67  VAL n 
1 68  GLY n 
1 69  ARG n 
1 70  GLU n 
1 71  ASN n 
1 72  ARG n 
1 73  GLU n 
1 74  ASP n 
1 75  TYR n 
1 76  ARG n 
1 77  GLN n 
1 78  ILE n 
1 79  ALA n 
1 80  LYS n 
1 81  ALA n 
1 82  TYR n 
1 83  ALA n 
1 84  ARG n 
1 85  ILE n 
1 86  GLY n 
1 87  ASN n 
1 88  SER n 
1 89  TYR n 
1 90  PHE n 
1 91  LYS n 
1 92  GLU n 
1 93  GLU n 
1 94  LYS n 
1 95  TYR n 
1 96  LYS n 
1 97  ASP n 
1 98  ALA n 
1 99  ILE n 
1 100 HIS n 
1 101 PHE n 
1 102 TYR n 
1 103 ASN n 
1 104 LYS n 
1 105 SER n 
1 106 LEU n 
1 107 ALA n 
1 108 GLU n 
1 109 HIS n 
1 110 ARG n 
1 111 THR n 
1 112 PRO n 
1 113 ASP n 
1 114 VAL n 
1 115 LEU n 
1 116 LYS n 
1 117 LYS n 
1 118 CYS n 
1 119 GLN n 
1 120 GLN n 
1 121 ALA n 
1 122 GLU n 
1 123 LYS n 
1 124 ILE n 
1 125 LEU n 
1 126 LYS n 
1 127 GLU n 
1 128 GLN n 
1 129 GLU n 
2 1   GLY n 
2 2   ALA n 
2 3   SER n 
2 4   SER n 
2 5   GLY n 
2 6   PRO n 
2 7   THR n 
2 8   ILE n 
2 9   GLU n 
2 10  GLU n 
2 11  VAL n 
2 12  ASP n 
# 
_entity_src_gen.entity_id                          1 
_entity_src_gen.pdbx_src_id                        1 
_entity_src_gen.pdbx_alt_source_flag               sample 
_entity_src_gen.pdbx_seq_type                      ? 
_entity_src_gen.pdbx_beg_seq_num                   ? 
_entity_src_gen.pdbx_end_seq_num                   ? 
_entity_src_gen.gene_src_common_name               Human 
_entity_src_gen.gene_src_genus                     ? 
_entity_src_gen.pdbx_gene_src_gene                 STIP1 
_entity_src_gen.gene_src_species                   ? 
_entity_src_gen.gene_src_strain                    ? 
_entity_src_gen.gene_src_tissue                    ? 
_entity_src_gen.gene_src_tissue_fraction           ? 
_entity_src_gen.gene_src_details                   ? 
_entity_src_gen.pdbx_gene_src_fragment             ? 
_entity_src_gen.pdbx_gene_src_scientific_name      'Homo sapiens' 
_entity_src_gen.pdbx_gene_src_ncbi_taxonomy_id     9606 
_entity_src_gen.pdbx_gene_src_variant              ? 
_entity_src_gen.pdbx_gene_src_cell_line            ? 
_entity_src_gen.pdbx_gene_src_atcc                 ? 
_entity_src_gen.pdbx_gene_src_organ                ? 
_entity_src_gen.pdbx_gene_src_organelle            ? 
_entity_src_gen.pdbx_gene_src_cell                 ? 
_entity_src_gen.pdbx_gene_src_cellular_location    ? 
_entity_src_gen.host_org_common_name               ? 
_entity_src_gen.pdbx_host_org_scientific_name      'Escherichia coli' 
_entity_src_gen.pdbx_host_org_ncbi_taxonomy_id     562 
_entity_src_gen.host_org_genus                     ? 
_entity_src_gen.pdbx_host_org_gene                 ? 
_entity_src_gen.pdbx_host_org_organ                ? 
_entity_src_gen.host_org_species                   ? 
_entity_src_gen.pdbx_host_org_tissue               ? 
_entity_src_gen.pdbx_host_org_tissue_fraction      ? 
_entity_src_gen.pdbx_host_org_strain               'BL21(DE3)' 
_entity_src_gen.pdbx_host_org_variant              ? 
_entity_src_gen.pdbx_host_org_cell_line            ? 
_entity_src_gen.pdbx_host_org_atcc                 ? 
_entity_src_gen.pdbx_host_org_culture_collection   ? 
_entity_src_gen.pdbx_host_org_cell                 ? 
_entity_src_gen.pdbx_host_org_organelle            ? 
_entity_src_gen.pdbx_host_org_cellular_location    ? 
_entity_src_gen.pdbx_host_org_vector_type          plasmid 
_entity_src_gen.pdbx_host_org_vector               ? 
_entity_src_gen.host_org_details                   ? 
_entity_src_gen.expression_system_id               ? 
_entity_src_gen.plasmid_name                       pPROXHTA 
_entity_src_gen.plasmid_details                    ? 
_entity_src_gen.pdbx_description                   ? 
# 
_pdbx_entity_src_syn.entity_id              2 
_pdbx_entity_src_syn.pdbx_src_id            1 
_pdbx_entity_src_syn.pdbx_alt_source_flag   sample 
_pdbx_entity_src_syn.pdbx_beg_seq_num       ? 
_pdbx_entity_src_syn.pdbx_end_seq_num       ? 
_pdbx_entity_src_syn.organism_scientific    'Homo sapiens' 
_pdbx_entity_src_syn.organism_common_name   human 
_pdbx_entity_src_syn.ncbi_taxonomy_id       9606 
_pdbx_entity_src_syn.details                ? 
# 
loop_
_struct_ref.id 
_struct_ref.db_name 
_struct_ref.db_code 
_struct_ref.pdbx_db_accession 
_struct_ref.entity_id 
_struct_ref.pdbx_seq_one_letter_code 
_struct_ref.pdbx_align_begin 
_struct_ref.pdbx_db_isoform 
1 UNP STIP1_HUMAN P31948 1 
;KQALKEKELGNDAYKKKDFDTALKHYDKAKELDPTNMTYITNQAAVYFEKGDYNKCRELCEKAIEVGRENREDYRQIAKA
YARIGNSYFKEEKYKDAIHFYNKSLAEHRTPDVLKKCQQAEKILKEQE
;
222 ? 
2 UNP HSP7C_HUMAN P11142 2 GASSGPTIEEVD 635 ? 
# 
loop_
_struct_ref_seq.align_id 
_struct_ref_seq.ref_id 
_struct_ref_seq.pdbx_PDB_id_code 
_struct_ref_seq.pdbx_strand_id 
_struct_ref_seq.seq_align_beg 
_struct_ref_seq.pdbx_seq_align_beg_ins_code 
_struct_ref_seq.seq_align_end 
_struct_ref_seq.pdbx_seq_align_end_ins_code 
_struct_ref_seq.pdbx_db_accession 
_struct_ref_seq.db_align_beg 
_struct_ref_seq.pdbx_db_align_beg_ins_code 
_struct_ref_seq.db_align_end 
_struct_ref_seq.pdbx_db_align_end_ins_code 
_struct_ref_seq.pdbx_auth_seq_align_beg 
_struct_ref_seq.pdbx_auth_seq_align_end 
1 1 3ESK A 2 ? 129 ? P31948 222 ? 349 ? 223 350 
2 2 3ESK B 1 ? 12  ? P11142 635 ? 646 ? -1  10  
# 
_struct_ref_seq_dif.align_id                     1 
_struct_ref_seq_dif.pdbx_pdb_id_code             3ESK 
_struct_ref_seq_dif.mon_id                       GLY 
_struct_ref_seq_dif.pdbx_pdb_strand_id           A 
_struct_ref_seq_dif.seq_num                      1 
_struct_ref_seq_dif.pdbx_pdb_ins_code            ? 
_struct_ref_seq_dif.pdbx_seq_db_name             UNP 
_struct_ref_seq_dif.pdbx_seq_db_accession_code   P31948 
_struct_ref_seq_dif.db_mon_id                    ? 
_struct_ref_seq_dif.pdbx_seq_db_seq_num          ? 
_struct_ref_seq_dif.details                      'expression tag' 
_struct_ref_seq_dif.pdbx_auth_seq_num            222 
_struct_ref_seq_dif.pdbx_ordinal                 1 
# 
loop_
_chem_comp.id 
_chem_comp.type 
_chem_comp.mon_nstd_flag 
_chem_comp.name 
_chem_comp.pdbx_synonyms 
_chem_comp.formula 
_chem_comp.formula_weight 
ALA 'L-peptide linking' y ALANINE           ? 'C3 H7 N O2'     89.093  
ARG 'L-peptide linking' y ARGININE          ? 'C6 H15 N4 O2 1' 175.209 
ASN 'L-peptide linking' y ASPARAGINE        ? 'C4 H8 N2 O3'    132.118 
ASP 'L-peptide linking' y 'ASPARTIC ACID'   ? 'C4 H7 N O4'     133.103 
CYS 'L-peptide linking' y CYSTEINE          ? 'C3 H7 N O2 S'   121.158 
GLN 'L-peptide linking' y GLUTAMINE         ? 'C5 H10 N2 O3'   146.144 
GLU 'L-peptide linking' y 'GLUTAMIC ACID'   ? 'C5 H9 N O4'     147.129 
GLY 'peptide linking'   y GLYCINE           ? 'C2 H5 N O2'     75.067  
HIS 'L-peptide linking' y HISTIDINE         ? 'C6 H10 N3 O2 1' 156.162 
HOH non-polymer         . WATER             ? 'H2 O'           18.015  
ILE 'L-peptide linking' y ISOLEUCINE        ? 'C6 H13 N O2'    131.173 
LEU 'L-peptide linking' y LEUCINE           ? 'C6 H13 N O2'    131.173 
LYS 'L-peptide linking' y LYSINE            ? 'C6 H15 N2 O2 1' 147.195 
MET 'L-peptide linking' y METHIONINE        ? 'C5 H11 N O2 S'  149.211 
NI  non-polymer         . 'NICKEL (II) ION' ? 'Ni 2'           58.693  
PHE 'L-peptide linking' y PHENYLALANINE     ? 'C9 H11 N O2'    165.189 
PRO 'L-peptide linking' y PROLINE           ? 'C5 H9 N O2'     115.130 
SER 'L-peptide linking' y SERINE            ? 'C3 H7 N O3'     105.093 
THR 'L-peptide linking' y THREONINE         ? 'C4 H9 N O3'     119.119 
TYR 'L-peptide linking' y TYROSINE          ? 'C9 H11 N O3'    181.189 
VAL 'L-peptide linking' y VALINE            ? 'C5 H11 N O2'    117.146 
# 
_exptl.entry_id          3ESK 
_exptl.method            'X-RAY DIFFRACTION' 
_exptl.crystals_number   1 
# 
_exptl_crystal.id                    1 
_exptl_crystal.density_meas          ? 
_exptl_crystal.density_Matthews      2.04 
_exptl_crystal.density_percent_sol   39.77 
_exptl_crystal.description           ? 
_exptl_crystal.F_000                 ? 
_exptl_crystal.preparation           ? 
# 
_exptl_crystal_grow.crystal_id      1 
_exptl_crystal_grow.method          ? 
_exptl_crystal_grow.temp            298 
_exptl_crystal_grow.temp_details    ? 
_exptl_crystal_grow.pH              8.5 
_exptl_crystal_grow.pdbx_pH_range   ? 
_exptl_crystal_grow.pdbx_details    'TRIS pH 8.5, PEG MME 2000, NiCl2, Xylitol, VAPOR DIFFUSION, temperature 298K' 
# 
_diffrn.id                     1 
_diffrn.ambient_temp           100 
_diffrn.ambient_temp_details   ? 
_diffrn.crystal_id             1 
# 
_diffrn_detector.diffrn_id              1 
_diffrn_detector.detector               'IMAGE PLATE' 
_diffrn_detector.type                   'MAR scanner 345 mm plate' 
_diffrn_detector.pdbx_collection_date   2005-10-28 
_diffrn_detector.details                MIRROS 
# 
_diffrn_radiation.diffrn_id                        1 
_diffrn_radiation.wavelength_id                    1 
_diffrn_radiation.pdbx_monochromatic_or_laue_m_l   M 
_diffrn_radiation.monochromator                    ? 
_diffrn_radiation.pdbx_diffrn_protocol             'SINGLE WAVELENGTH' 
_diffrn_radiation.pdbx_scattering_type             x-ray 
# 
_diffrn_radiation_wavelength.id           1 
_diffrn_radiation_wavelength.wavelength   1.5418 
_diffrn_radiation_wavelength.wt           1.0 
# 
_diffrn_source.diffrn_id                   1 
_diffrn_source.source                      'ROTATING ANODE' 
_diffrn_source.type                        'RIGAKU MICROMAX-007' 
_diffrn_source.pdbx_synchrotron_site       ? 
_diffrn_source.pdbx_synchrotron_beamline   ? 
_diffrn_source.pdbx_wavelength             1.5418 
_diffrn_source.pdbx_wavelength_list        ? 
# 
_reflns.entry_id                     3ESK 
_reflns.observed_criterion_sigma_I   -3.000 
_reflns.observed_criterion_sigma_F   ? 
_reflns.d_resolution_low             50.000 
_reflns.d_resolution_high            2.050 
_reflns.number_obs                   8178 
_reflns.number_all                   ? 
_reflns.percent_possible_obs         94.7 
_reflns.pdbx_Rmerge_I_obs            ? 
_reflns.pdbx_Rsym_value              0.07400 
_reflns.pdbx_netI_over_sigmaI        13.8000 
_reflns.B_iso_Wilson_estimate        ? 
_reflns.pdbx_redundancy              2.500 
_reflns.R_free_details               ? 
_reflns.limit_h_max                  ? 
_reflns.limit_h_min                  ? 
_reflns.limit_k_max                  ? 
_reflns.limit_k_min                  ? 
_reflns.limit_l_max                  ? 
_reflns.limit_l_min                  ? 
_reflns.observed_criterion_F_max     ? 
_reflns.observed_criterion_F_min     ? 
_reflns.pdbx_chi_squared             ? 
_reflns.pdbx_scaling_rejects         ? 
_reflns.pdbx_ordinal                 1 
_reflns.pdbx_diffrn_id               1 
# 
_reflns_shell.d_res_high             2.05 
_reflns_shell.d_res_low              2.10 
_reflns_shell.percent_possible_all   81.2 
_reflns_shell.Rmerge_I_obs           ? 
_reflns_shell.pdbx_Rsym_value        0.23900 
_reflns_shell.meanI_over_sigI_obs    3.900 
_reflns_shell.pdbx_redundancy        ? 
_reflns_shell.percent_possible_obs   ? 
_reflns_shell.number_unique_all      ? 
_reflns_shell.number_measured_all    ? 
_reflns_shell.number_measured_obs    ? 
_reflns_shell.number_unique_obs      ? 
_reflns_shell.pdbx_chi_squared       ? 
_reflns_shell.pdbx_ordinal           1 
_reflns_shell.pdbx_diffrn_id         1 
# 
_refine.pdbx_refine_id                           'X-RAY DIFFRACTION' 
_refine.entry_id                                 3ESK 
_refine.ls_number_reflns_obs                     7281 
_refine.ls_number_reflns_all                     ? 
_refine.pdbx_ls_sigma_I                          ? 
_refine.pdbx_ls_sigma_F                          ? 
_refine.pdbx_data_cutoff_high_absF               ? 
_refine.pdbx_data_cutoff_low_absF                ? 
_refine.pdbx_data_cutoff_high_rms_absF           ? 
_refine.ls_d_res_low                             20.00 
_refine.ls_d_res_high                            2.05 
_refine.ls_percent_reflns_obs                    96.2 
_refine.ls_R_factor_obs                          0.183 
_refine.ls_R_factor_all                          ? 
_refine.ls_R_factor_R_work                       0.177 
_refine.ls_R_factor_R_free                       0.244 
_refine.ls_R_factor_R_free_error                 ? 
_refine.ls_R_factor_R_free_error_details         ? 
_refine.ls_percent_reflns_R_free                 9.700 
_refine.ls_number_reflns_R_free                  784 
_refine.ls_number_parameters                     ? 
_refine.ls_number_restraints                     ? 
_refine.occupancy_min                            ? 
_refine.occupancy_max                            ? 
_refine.correlation_coeff_Fo_to_Fc               0.944 
_refine.correlation_coeff_Fo_to_Fc_free          0.899 
_refine.B_iso_mean                               16.65 
_refine.aniso_B[1][1]                            0.82000 
_refine.aniso_B[2][2]                            -0.57000 
_refine.aniso_B[3][3]                            -0.24000 
_refine.aniso_B[1][2]                            0.00000 
_refine.aniso_B[1][3]                            0.28000 
_refine.aniso_B[2][3]                            0.00000 
_refine.solvent_model_details                    MASK 
_refine.solvent_model_param_ksol                 ? 
_refine.solvent_model_param_bsol                 ? 
_refine.pdbx_solvent_vdw_probe_radii             1.20 
_refine.pdbx_solvent_ion_probe_radii             0.80 
_refine.pdbx_solvent_shrinkage_radii             0.80 
_refine.pdbx_ls_cross_valid_method               THROUGHOUT 
_refine.details                                  'HYDROGENS HAVE BEEN ADDED IN THE RIDING POSITIONS' 
_refine.pdbx_starting_model                      'PDB ENTRY 1ELR' 
_refine.pdbx_method_to_determine_struct          'MOLECULAR REPLACEMENT' 
_refine.pdbx_isotropic_thermal_model             ? 
_refine.pdbx_stereochemistry_target_values       'MAXIMUM LIKELIHOOD' 
_refine.pdbx_stereochem_target_val_spec_case     ? 
_refine.pdbx_R_Free_selection_details            RANDOM 
_refine.pdbx_overall_ESU_R                       0.257 
_refine.pdbx_overall_ESU_R_Free                  0.210 
_refine.overall_SU_ML                            0.140 
_refine.pdbx_overall_phase_error                 ? 
_refine.overall_SU_B                             5.140 
_refine.ls_redundancy_reflns_obs                 ? 
_refine.B_iso_min                                ? 
_refine.B_iso_max                                ? 
_refine.overall_SU_R_Cruickshank_DPI             ? 
_refine.overall_SU_R_free                        ? 
_refine.ls_wR_factor_R_free                      ? 
_refine.ls_wR_factor_R_work                      ? 
_refine.overall_FOM_free_R_set                   ? 
_refine.overall_FOM_work_R_set                   ? 
_refine.pdbx_diffrn_id                           1 
_refine.pdbx_TLS_residual_ADP_flag               ? 
_refine.pdbx_overall_SU_R_free_Cruickshank_DPI   ? 
_refine.pdbx_overall_SU_R_Blow_DPI               ? 
_refine.pdbx_overall_SU_R_free_Blow_DPI          ? 
# 
_refine_hist.pdbx_refine_id                   'X-RAY DIFFRACTION' 
_refine_hist.cycle_id                         LAST 
_refine_hist.pdbx_number_atoms_protein        1085 
_refine_hist.pdbx_number_atoms_nucleic_acid   0 
_refine_hist.pdbx_number_atoms_ligand         1 
_refine_hist.number_atoms_solvent             94 
_refine_hist.number_atoms_total               1180 
_refine_hist.d_res_high                       2.05 
_refine_hist.d_res_low                        20.00 
# 
loop_
_refine_ls_restr.type 
_refine_ls_restr.dev_ideal 
_refine_ls_restr.dev_ideal_target 
_refine_ls_restr.weight 
_refine_ls_restr.number 
_refine_ls_restr.pdbx_refine_id 
_refine_ls_restr.pdbx_restraint_function 
r_bond_refined_d             0.023  0.022  ? 1090 'X-RAY DIFFRACTION' ? 
r_bond_other_d               0.001  0.020  ? 747  'X-RAY DIFFRACTION' ? 
r_angle_refined_deg          1.685  1.950  ? 1463 'X-RAY DIFFRACTION' ? 
r_angle_other_deg            0.983  3.000  ? 1809 'X-RAY DIFFRACTION' ? 
r_dihedral_angle_1_deg       5.392  5.000  ? 134  'X-RAY DIFFRACTION' ? 
r_dihedral_angle_2_deg       35.277 25.263 ? 57   'X-RAY DIFFRACTION' ? 
r_dihedral_angle_3_deg       14.897 15.000 ? 193  'X-RAY DIFFRACTION' ? 
r_dihedral_angle_4_deg       21.154 15.000 ? 5    'X-RAY DIFFRACTION' ? 
r_chiral_restr               0.100  0.200  ? 155  'X-RAY DIFFRACTION' ? 
r_gen_planes_refined         0.008  0.020  ? 1227 'X-RAY DIFFRACTION' ? 
r_gen_planes_other           0.001  0.020  ? 218  'X-RAY DIFFRACTION' ? 
r_nbd_refined                ?      ?      ? ?    'X-RAY DIFFRACTION' ? 
r_nbd_other                  ?      ?      ? ?    'X-RAY DIFFRACTION' ? 
r_nbtor_refined              ?      ?      ? ?    'X-RAY DIFFRACTION' ? 
r_nbtor_other                ?      ?      ? ?    'X-RAY DIFFRACTION' ? 
r_xyhbond_nbd_refined        ?      ?      ? ?    'X-RAY DIFFRACTION' ? 
r_xyhbond_nbd_other          ?      ?      ? ?    'X-RAY DIFFRACTION' ? 
r_metal_ion_refined          ?      ?      ? ?    'X-RAY DIFFRACTION' ? 
r_metal_ion_other            ?      ?      ? ?    'X-RAY DIFFRACTION' ? 
r_symmetry_vdw_refined       ?      ?      ? ?    'X-RAY DIFFRACTION' ? 
r_symmetry_vdw_other         ?      ?      ? ?    'X-RAY DIFFRACTION' ? 
r_symmetry_hbond_refined     ?      ?      ? ?    'X-RAY DIFFRACTION' ? 
r_symmetry_hbond_other       ?      ?      ? ?    'X-RAY DIFFRACTION' ? 
r_symmetry_metal_ion_refined ?      ?      ? ?    'X-RAY DIFFRACTION' ? 
r_symmetry_metal_ion_other   ?      ?      ? ?    'X-RAY DIFFRACTION' ? 
r_mcbond_it                  1.553  2.000  ? 673  'X-RAY DIFFRACTION' ? 
r_mcbond_other               0.398  2.000  ? 273  'X-RAY DIFFRACTION' ? 
r_mcangle_it                 2.358  3.000  ? 1063 'X-RAY DIFFRACTION' ? 
r_scbond_it                  1.673  2.000  ? 417  'X-RAY DIFFRACTION' ? 
r_scangle_it                 2.543  3.000  ? 400  'X-RAY DIFFRACTION' ? 
r_rigid_bond_restr           ?      ?      ? ?    'X-RAY DIFFRACTION' ? 
r_sphericity_free            ?      ?      ? ?    'X-RAY DIFFRACTION' ? 
r_sphericity_bonded          ?      ?      ? ?    'X-RAY DIFFRACTION' ? 
# 
_refine_ls_shell.pdbx_refine_id                   'X-RAY DIFFRACTION' 
_refine_ls_shell.pdbx_total_number_of_bins_used   20 
_refine_ls_shell.d_res_high                       2.05 
_refine_ls_shell.d_res_low                        2.10 
_refine_ls_shell.number_reflns_R_work             545 
_refine_ls_shell.R_factor_R_work                  0.2160 
_refine_ls_shell.percent_reflns_obs               96.33 
_refine_ls_shell.R_factor_R_free                  0.3420 
_refine_ls_shell.R_factor_R_free_error            ? 
_refine_ls_shell.percent_reflns_R_free            ? 
_refine_ls_shell.number_reflns_R_free             58 
_refine_ls_shell.number_reflns_all                ? 
_refine_ls_shell.R_factor_all                     ? 
_refine_ls_shell.redundancy_reflns_obs            ? 
_refine_ls_shell.number_reflns_obs                ? 
# 
_struct.entry_id                  3ESK 
_struct.title                     'Structure of HOP TPR2A domain in complex with the non-cognate Hsc70 peptide ligand' 
_struct.pdbx_model_details        ? 
_struct.pdbx_CASP_flag            ? 
_struct.pdbx_model_type_details   ? 
# 
_struct_keywords.entry_id        3ESK 
_struct_keywords.pdbx_keywords   CHAPERONE 
_struct_keywords.text            'TPR2A, Hsp90, Hsc70, tetratricopeptide repeat, Nucleus, TPR repeat, Chaperone, Stress response' 
# 
loop_
_struct_asym.id 
_struct_asym.pdbx_blank_PDB_chainid_flag 
_struct_asym.pdbx_modified 
_struct_asym.entity_id 
_struct_asym.details 
A N N 1 ? 
B N N 2 ? 
C N N 3 ? 
D N N 4 ? 
E N N 4 ? 
# 
_struct_biol.id        1 
_struct_biol.details   ? 
# 
loop_
_struct_conf.conf_type_id 
_struct_conf.id 
_struct_conf.pdbx_PDB_helix_id 
_struct_conf.beg_label_comp_id 
_struct_conf.beg_label_asym_id 
_struct_conf.beg_label_seq_id 
_struct_conf.pdbx_beg_PDB_ins_code 
_struct_conf.end_label_comp_id 
_struct_conf.end_label_asym_id 
_struct_conf.end_label_seq_id 
_struct_conf.pdbx_end_PDB_ins_code 
_struct_conf.beg_auth_comp_id 
_struct_conf.beg_auth_asym_id 
_struct_conf.beg_auth_seq_id 
_struct_conf.end_auth_comp_id 
_struct_conf.end_auth_asym_id 
_struct_conf.end_auth_seq_id 
_struct_conf.pdbx_PDB_helix_class 
_struct_conf.details 
_struct_conf.pdbx_PDB_helix_length 
HELX_P HELX_P1 1 GLY A 1   ? LYS A 16  ? GLY A 222 LYS A 237 1 ? 16 
HELX_P HELX_P2 2 ASP A 19  ? ASP A 34  ? ASP A 240 ASP A 255 1 ? 16 
HELX_P HELX_P3 3 ASN A 37  ? GLY A 52  ? ASN A 258 GLY A 273 1 ? 16 
HELX_P HELX_P4 4 ASP A 53  ? ARG A 72  ? ASP A 274 ARG A 293 1 ? 20 
HELX_P HELX_P5 5 ASP A 74  ? GLU A 92  ? ASP A 295 GLU A 313 1 ? 19 
HELX_P HELX_P6 6 LYS A 94  ? HIS A 109 ? LYS A 315 HIS A 330 1 ? 16 
HELX_P HELX_P7 7 THR A 111 ? GLN A 128 ? THR A 332 GLN A 349 1 ? 18 
# 
_struct_conf_type.id          HELX_P 
_struct_conf_type.criteria    ? 
_struct_conf_type.reference   ? 
# 
loop_
_struct_conn.id 
_struct_conn.conn_type_id 
_struct_conn.pdbx_leaving_atom_flag 
_struct_conn.pdbx_PDB_id 
_struct_conn.ptnr1_label_asym_id 
_struct_conn.ptnr1_label_comp_id 
_struct_conn.ptnr1_label_seq_id 
_struct_conn.ptnr1_label_atom_id 
_struct_conn.pdbx_ptnr1_label_alt_id 
_struct_conn.pdbx_ptnr1_PDB_ins_code 
_struct_conn.pdbx_ptnr1_standard_comp_id 
_struct_conn.ptnr1_symmetry 
_struct_conn.ptnr2_label_asym_id 
_struct_conn.ptnr2_label_comp_id 
_struct_conn.ptnr2_label_seq_id 
_struct_conn.ptnr2_label_atom_id 
_struct_conn.pdbx_ptnr2_label_alt_id 
_struct_conn.pdbx_ptnr2_PDB_ins_code 
_struct_conn.ptnr1_auth_asym_id 
_struct_conn.ptnr1_auth_comp_id 
_struct_conn.ptnr1_auth_seq_id 
_struct_conn.ptnr2_auth_asym_id 
_struct_conn.ptnr2_auth_comp_id 
_struct_conn.ptnr2_auth_seq_id 
_struct_conn.ptnr2_symmetry 
_struct_conn.pdbx_ptnr3_label_atom_id 
_struct_conn.pdbx_ptnr3_label_seq_id 
_struct_conn.pdbx_ptnr3_label_comp_id 
_struct_conn.pdbx_ptnr3_label_asym_id 
_struct_conn.pdbx_ptnr3_label_alt_id 
_struct_conn.pdbx_ptnr3_PDB_ins_code 
_struct_conn.details 
_struct_conn.pdbx_dist_value 
_struct_conn.pdbx_value_order 
_struct_conn.pdbx_role 
metalc1 metalc ? ? C NI . NI ? ? ? 1_555 D HOH .   O   ? ? A NI 1 A HOH 26  1_555 ? ? ? ? ? ? ? 2.591 ? ? 
metalc2 metalc ? ? C NI . NI ? ? ? 1_555 D HOH .   O   ? ? A NI 1 A HOH 88  1_555 ? ? ? ? ? ? ? 2.319 ? ? 
metalc3 metalc ? ? C NI . NI ? ? ? 1_555 A HIS 100 NE2 ? ? A NI 1 A HIS 321 1_555 ? ? ? ? ? ? ? 2.064 ? ? 
metalc4 metalc ? ? C NI . NI ? ? ? 1_555 A LYS 104 NZ  ? ? A NI 1 A LYS 325 1_555 ? ? ? ? ? ? ? 2.184 ? ? 
# 
_struct_conn_type.id          metalc 
_struct_conn_type.criteria    ? 
_struct_conn_type.reference   ? 
# 
_struct_site.id                   AC1 
_struct_site.pdbx_evidence_code   Software 
_struct_site.pdbx_auth_asym_id    A 
_struct_site.pdbx_auth_comp_id    NI 
_struct_site.pdbx_auth_seq_id     1 
_struct_site.pdbx_auth_ins_code   ? 
_struct_site.pdbx_num_residues    6 
_struct_site.details              'BINDING SITE FOR RESIDUE NI A 1' 
# 
loop_
_struct_site_gen.id 
_struct_site_gen.site_id 
_struct_site_gen.pdbx_num_res 
_struct_site_gen.label_comp_id 
_struct_site_gen.label_asym_id 
_struct_site_gen.label_seq_id 
_struct_site_gen.pdbx_auth_ins_code 
_struct_site_gen.auth_comp_id 
_struct_site_gen.auth_asym_id 
_struct_site_gen.auth_seq_id 
_struct_site_gen.label_atom_id 
_struct_site_gen.label_alt_id 
_struct_site_gen.symmetry 
_struct_site_gen.details 
1 AC1 6 HOH D .   ? HOH A 26  . ? 1_555 ? 
2 AC1 6 HOH D .   ? HOH A 88  . ? 1_555 ? 
3 AC1 6 HOH D .   ? HOH A 136 . ? 1_556 ? 
4 AC1 6 HIS A 26  ? HIS A 247 . ? 1_556 ? 
5 AC1 6 HIS A 100 ? HIS A 321 . ? 1_555 ? 
6 AC1 6 LYS A 104 ? LYS A 325 . ? 1_555 ? 
# 
_atom_sites.entry_id                    3ESK 
_atom_sites.fract_transf_matrix[1][1]   -0.00896898 
_atom_sites.fract_transf_matrix[1][2]   0.00575463 
_atom_sites.fract_transf_matrix[1][3]   0.00847897 
_atom_sites.fract_transf_matrix[2][1]   -0.01482949 
_atom_sites.fract_transf_matrix[2][2]   -0.01285283 
_atom_sites.fract_transf_matrix[2][3]   -0.00696336 
_atom_sites.fract_transf_matrix[3][1]   0.00593868 
_atom_sites.fract_transf_matrix[3][2]   -0.01720888 
_atom_sites.fract_transf_matrix[3][3]   0.01911651 
_atom_sites.fract_transf_vector[1]      0.246601 
_atom_sites.fract_transf_vector[2]      0.005965 
_atom_sites.fract_transf_vector[3]      0.237350 
# 
loop_
_atom_type.symbol 
C  
N  
NI 
O  
S  
# 
loop_
_atom_site.group_PDB 
_atom_site.id 
_atom_site.type_symbol 
_atom_site.label_atom_id 
_atom_site.label_alt_id 
_atom_site.label_comp_id 
_atom_site.label_asym_id 
_atom_site.label_entity_id 
_atom_site.label_seq_id 
_atom_site.pdbx_PDB_ins_code 
_atom_site.Cartn_x 
_atom_site.Cartn_y 
_atom_site.Cartn_z 
_atom_site.occupancy 
_atom_site.B_iso_or_equiv 
_atom_site.pdbx_formal_charge 
_atom_site.auth_seq_id 
_atom_site.auth_comp_id 
_atom_site.auth_asym_id 
_atom_site.auth_atom_id 
_atom_site.pdbx_PDB_model_num 
ATOM   1    N  N   . GLY A 1 1   ? -17.494 12.290  -1.454  1.00 47.38 ? 222 GLY A N   1 
ATOM   2    C  CA  . GLY A 1 1   ? -17.724 10.960  -1.995  1.00 38.96 ? 222 GLY A CA  1 
ATOM   3    C  C   . GLY A 1 1   ? -17.625 10.809  -3.514  1.00 39.66 ? 222 GLY A C   1 
ATOM   4    O  O   . GLY A 1 1   ? -16.740 10.110  -3.978  1.00 39.04 ? 222 GLY A O   1 
ATOM   5    N  N   . LYS A 1 2   ? -18.543 11.420  -4.269  1.00 37.38 ? 223 LYS A N   1 
ATOM   6    C  CA  . LYS A 1 2   ? -18.504 11.416  -5.753  1.00 36.03 ? 223 LYS A CA  1 
ATOM   7    C  C   . LYS A 1 2   ? -17.233 12.065  -6.352  1.00 33.48 ? 223 LYS A C   1 
ATOM   8    O  O   . LYS A 1 2   ? -16.473 11.432  -7.109  1.00 35.44 ? 223 LYS A O   1 
ATOM   9    C  CB  . LYS A 1 2   ? -19.758 12.105  -6.347  1.00 36.57 ? 223 LYS A CB  1 
ATOM   10   N  N   . GLN A 1 3   ? -17.015 13.331  -6.042  1.00 30.86 ? 224 GLN A N   1 
ATOM   11   C  CA  . GLN A 1 3   ? -15.820 14.030  -6.519  1.00 29.22 ? 224 GLN A CA  1 
ATOM   12   C  C   . GLN A 1 3   ? -14.551 13.429  -5.940  1.00 25.97 ? 224 GLN A C   1 
ATOM   13   O  O   . GLN A 1 3   ? -13.539 13.460  -6.599  1.00 24.39 ? 224 GLN A O   1 
ATOM   14   C  CB  . GLN A 1 3   ? -15.866 15.504  -6.156  1.00 30.36 ? 224 GLN A CB  1 
ATOM   15   C  CG  . GLN A 1 3   ? -14.791 16.352  -6.845  1.00 31.12 ? 224 GLN A CG  1 
ATOM   16   C  CD  . GLN A 1 3   ? -14.874 16.256  -8.354  1.00 32.29 ? 224 GLN A CD  1 
ATOM   17   O  OE1 . GLN A 1 3   ? -15.986 16.195  -8.911  1.00 33.00 ? 224 GLN A OE1 1 
ATOM   18   N  NE2 . GLN A 1 3   ? -13.717 16.266  -9.031  1.00 30.39 ? 224 GLN A NE2 1 
ATOM   19   N  N   . ALA A 1 4   ? -14.621 12.860  -4.727  1.00 23.05 ? 225 ALA A N   1 
ATOM   20   C  CA  . ALA A 1 4   ? -13.458 12.264  -4.098  1.00 23.77 ? 225 ALA A CA  1 
ATOM   21   C  C   . ALA A 1 4   ? -12.946 11.205  -5.027  1.00 22.26 ? 225 ALA A C   1 
ATOM   22   O  O   . ALA A 1 4   ? -11.764 11.109  -5.331  1.00 20.72 ? 225 ALA A O   1 
ATOM   23   C  CB  . ALA A 1 4   ? -13.820 11.639  -2.768  1.00 24.00 ? 225 ALA A CB  1 
ATOM   24   N  N   . LEU A 1 5   ? -13.863 10.407  -5.536  1.00 23.13 ? 226 LEU A N   1 
ATOM   25   C  CA  . LEU A 1 5   ? -13.471 9.264   -6.337  1.00 22.67 ? 226 LEU A CA  1 
ATOM   26   C  C   . LEU A 1 5   ? -12.983 9.668   -7.751  1.00 21.46 ? 226 LEU A C   1 
ATOM   27   O  O   . LEU A 1 5   ? -12.083 9.024   -8.315  1.00 18.78 ? 226 LEU A O   1 
ATOM   28   C  CB  . LEU A 1 5   ? -14.610 8.223   -6.326  1.00 24.21 ? 226 LEU A CB  1 
ATOM   29   C  CG  . LEU A 1 5   ? -14.745 7.493   -4.929  1.00 25.48 ? 226 LEU A CG  1 
ATOM   30   C  CD1 . LEU A 1 5   ? -16.029 6.681   -4.860  1.00 23.99 ? 226 LEU A CD1 1 
ATOM   31   C  CD2 . LEU A 1 5   ? -13.516 6.559   -4.482  1.00 24.67 ? 226 LEU A CD2 1 
ATOM   32   N  N   . LYS A 1 6   ? -13.571 10.728  -8.318  1.00 22.09 ? 227 LYS A N   1 
ATOM   33   C  CA  . LYS A 1 6   ? -13.039 11.324  -9.550  1.00 21.24 ? 227 LYS A CA  1 
ATOM   34   C  C   . LYS A 1 6   ? -11.610 11.914  -9.288  1.00 20.03 ? 227 LYS A C   1 
ATOM   35   O  O   . LYS A 1 6   ? -10.754 11.820  -10.127 1.00 15.27 ? 227 LYS A O   1 
ATOM   36   C  CB  . LYS A 1 6   ? -13.979 12.422  -10.067 1.00 24.33 ? 227 LYS A CB  1 
ATOM   37   C  CG  . LYS A 1 6   ? -15.330 11.966  -10.574 1.00 27.18 ? 227 LYS A CG  1 
ATOM   38   C  CD  . LYS A 1 6   ? -16.184 13.146  -11.155 1.00 28.29 ? 227 LYS A CD  1 
ATOM   39   N  N   . GLU A 1 7   ? -11.365 12.522  -8.107  1.00 20.19 ? 228 GLU A N   1 
ATOM   40   C  CA  . GLU A 1 7   ? -9.987  12.957  -7.772  1.00 19.77 ? 228 GLU A CA  1 
ATOM   41   C  C   . GLU A 1 7   ? -9.021  11.729  -7.711  1.00 16.87 ? 228 GLU A C   1 
ATOM   42   O  O   . GLU A 1 7   ? -7.963  11.757  -8.296  1.00 12.77 ? 228 GLU A O   1 
ATOM   43   C  CB  . GLU A 1 7   ? -9.925  13.737  -6.463  1.00 21.35 ? 228 GLU A CB  1 
ATOM   44   C  CG  . GLU A 1 7   ? -10.667 15.102  -6.458  1.00 22.87 ? 228 GLU A CG  1 
ATOM   45   C  CD  . GLU A 1 7   ? -10.154 16.077  -7.540  1.00 25.08 ? 228 GLU A CD  1 
ATOM   46   O  OE1 . GLU A 1 7   ? -10.999 16.836  -8.057  1.00 27.74 ? 228 GLU A OE1 1 
ATOM   47   O  OE2 . GLU A 1 7   ? -8.955  16.061  -7.892  1.00 24.48 ? 228 GLU A OE2 1 
ATOM   48   N  N   . LYS A 1 8   ? -9.392  10.689  -6.978  1.00 17.05 ? 229 LYS A N   1 
ATOM   49   C  CA  . LYS A 1 8   ? -8.568  9.452   -6.858  1.00 16.92 ? 229 LYS A CA  1 
ATOM   50   C  C   . LYS A 1 8   ? -8.218  8.857   -8.232  1.00 16.86 ? 229 LYS A C   1 
ATOM   51   O  O   . LYS A 1 8   ? -7.049  8.530   -8.581  1.00 18.59 ? 229 LYS A O   1 
ATOM   52   C  CB  . LYS A 1 8   ? -9.339  8.437   -5.996  1.00 16.55 ? 229 LYS A CB  1 
ATOM   53   C  CG  . LYS A 1 8   ? -8.706  7.074   -5.836  1.00 18.70 ? 229 LYS A CG  1 
ATOM   54   C  CD  . LYS A 1 8   ? -9.700  6.004   -5.450  1.00 20.44 ? 229 LYS A CD  1 
ATOM   55   C  CE  . LYS A 1 8   ? -10.421 5.420   -6.626  1.00 21.37 ? 229 LYS A CE  1 
ATOM   56   N  NZ  . LYS A 1 8   ? -11.039 4.122   -6.323  1.00 23.13 ? 229 LYS A NZ  1 
ATOM   57   N  N   . GLU A 1 9   ? -9.235  8.771   -9.068  1.00 19.44 ? 230 GLU A N   1 
ATOM   58   C  CA  . GLU A 1 9   ? -9.032  8.192   -10.388 1.00 19.03 ? 230 GLU A CA  1 
ATOM   59   C  C   . GLU A 1 9   ? -8.105  9.021   -11.274 1.00 18.68 ? 230 GLU A C   1 
ATOM   60   O  O   . GLU A 1 9   ? -7.280  8.462   -11.899 1.00 18.67 ? 230 GLU A O   1 
ATOM   61   C  CB  . GLU A 1 9   ? -10.349 7.808   -11.051 1.00 19.86 ? 230 GLU A CB  1 
ATOM   62   C  CG  . GLU A 1 9   ? -10.895 6.466   -10.604 1.00 25.84 ? 230 GLU A CG  1 
ATOM   63   C  CD  . GLU A 1 9   ? -9.878  5.275   -10.663 1.00 40.47 ? 230 GLU A CD  1 
ATOM   64   O  OE1 . GLU A 1 9   ? -9.010  5.216   -11.517 1.00 38.63 ? 230 GLU A OE1 1 
ATOM   65   O  OE2 . GLU A 1 9   ? -10.007 4.387   -9.854  1.00 42.68 ? 230 GLU A OE2 1 
ATOM   66   N  N   . LEU A 1 10  ? -8.217  10.346  -11.278 1.00 18.14 ? 231 LEU A N   1 
ATOM   67   C  CA  . LEU A 1 10  ? -7.153  11.144  -11.988 1.00 17.14 ? 231 LEU A CA  1 
ATOM   68   C  C   . LEU A 1 10  ? -5.795  10.867  -11.379 1.00 16.53 ? 231 LEU A C   1 
ATOM   69   O  O   . LEU A 1 10  ? -4.808  10.703  -12.102 1.00 15.20 ? 231 LEU A O   1 
ATOM   70   C  CB  . LEU A 1 10  ? -7.358  12.652  -11.968 1.00 17.30 ? 231 LEU A CB  1 
ATOM   71   C  CG  . LEU A 1 10  ? -8.560  13.146  -12.779 1.00 17.56 ? 231 LEU A CG  1 
ATOM   72   C  CD1 . LEU A 1 10  ? -9.054  14.572  -12.259 1.00 18.55 ? 231 LEU A CD1 1 
ATOM   73   C  CD2 . LEU A 1 10  ? -8.278  13.118  -14.211 1.00 17.30 ? 231 LEU A CD2 1 
ATOM   74   N  N   . GLY A 1 11  ? -5.737  10.747  -10.052 1.00 16.62 ? 232 GLY A N   1 
ATOM   75   C  CA  . GLY A 1 11  ? -4.449  10.408  -9.436  1.00 15.67 ? 232 GLY A CA  1 
ATOM   76   C  C   . GLY A 1 11  ? -3.928  9.049   -9.939  1.00 15.98 ? 232 GLY A C   1 
ATOM   77   O  O   . GLY A 1 11  ? -2.797  8.911   -10.315 1.00 16.95 ? 232 GLY A O   1 
ATOM   78   N  N   . ASN A 1 12  ? -4.787  8.050   -9.874  1.00 17.50 ? 233 ASN A N   1 
ATOM   79   C  CA  . ASN A 1 12  ? -4.500  6.707   -10.359 1.00 18.78 ? 233 ASN A CA  1 
ATOM   80   C  C   . ASN A 1 12  ? -3.908  6.750   -11.779 1.00 19.61 ? 233 ASN A C   1 
ATOM   81   O  O   . ASN A 1 12  ? -2.818  6.224   -12.022 1.00 19.68 ? 233 ASN A O   1 
ATOM   82   C  CB  . ASN A 1 12  ? -5.779  5.831   -10.239 1.00 18.54 ? 233 ASN A CB  1 
ATOM   83   C  CG  . ASN A 1 12  ? -6.098  5.425   -8.775  1.00 18.44 ? 233 ASN A CG  1 
ATOM   84   O  OD1 . ASN A 1 12  ? -5.365  5.790   -7.844  1.00 18.62 ? 233 ASN A OD1 1 
ATOM   85   N  ND2 . ASN A 1 12  ? -7.239  4.716   -8.562  1.00 16.48 ? 233 ASN A ND2 1 
ATOM   86   N  N   . ASP A 1 13  ? -4.560  7.500   -12.661 1.00 19.32 ? 234 ASP A N   1 
ATOM   87   C  CA  . ASP A 1 13  ? -4.114  7.670   -14.048 1.00 21.00 ? 234 ASP A CA  1 
ATOM   88   C  C   . ASP A 1 13  ? -2.640  8.224   -14.081 1.00 20.17 ? 234 ASP A C   1 
ATOM   89   O  O   . ASP A 1 13  ? -1.737  7.645   -14.736 1.00 19.79 ? 234 ASP A O   1 
ATOM   90   C  CB  . ASP A 1 13  ? -5.086  8.589   -14.817 1.00 21.87 ? 234 ASP A CB  1 
ATOM   91   C  CG  . ASP A 1 13  ? -6.495  7.968   -15.062 1.00 26.92 ? 234 ASP A CG  1 
ATOM   92   O  OD1 . ASP A 1 13  ? -7.501  8.740   -15.221 1.00 28.67 ? 234 ASP A OD1 1 
ATOM   93   O  OD2 . ASP A 1 13  ? -6.625  6.738   -15.087 1.00 28.13 ? 234 ASP A OD2 1 
ATOM   94   N  N   . ALA A 1 14  ? -2.397  9.303   -13.327 1.00 17.83 ? 235 ALA A N   1 
ATOM   95   C  CA  . ALA A 1 14  ? -1.045  9.905   -13.182 1.00 15.55 ? 235 ALA A CA  1 
ATOM   96   C  C   . ALA A 1 14  ? -0.005  8.914   -12.670 1.00 16.07 ? 235 ALA A C   1 
ATOM   97   O  O   . ALA A 1 14  ? 1.097   8.795   -13.251 1.00 16.36 ? 235 ALA A O   1 
ATOM   98   C  CB  . ALA A 1 14  ? -1.108  11.059  -12.222 1.00 13.08 ? 235 ALA A CB  1 
ATOM   99   N  N   . TYR A 1 15  ? -0.314  8.251   -11.554 1.00 16.96 ? 236 TYR A N   1 
ATOM   100  C  CA  . TYR A 1 15  ? 0.609   7.287   -10.927 1.00 15.88 ? 236 TYR A CA  1 
ATOM   101  C  C   . TYR A 1 15  ? 1.063   6.239   -11.942 1.00 17.37 ? 236 TYR A C   1 
ATOM   102  O  O   . TYR A 1 15  ? 2.250   5.932   -12.053 1.00 16.88 ? 236 TYR A O   1 
ATOM   103  C  CB  . TYR A 1 15  ? -0.073  6.638   -9.724  1.00 16.34 ? 236 TYR A CB  1 
ATOM   104  C  CG  . TYR A 1 15  ? 0.582   5.396   -9.184  1.00 16.17 ? 236 TYR A CG  1 
ATOM   105  C  CD1 . TYR A 1 15  ? 1.569   5.472   -8.258  1.00 16.66 ? 236 TYR A CD1 1 
ATOM   106  C  CD2 . TYR A 1 15  ? 0.168   4.116   -9.589  1.00 16.95 ? 236 TYR A CD2 1 
ATOM   107  C  CE1 . TYR A 1 15  ? 2.216   4.293   -7.759  1.00 17.16 ? 236 TYR A CE1 1 
ATOM   108  C  CE2 . TYR A 1 15  ? 0.792   2.936   -9.101  1.00 15.74 ? 236 TYR A CE2 1 
ATOM   109  C  CZ  . TYR A 1 15  ? 1.786   3.028   -8.162  1.00 16.74 ? 236 TYR A CZ  1 
ATOM   110  O  OH  . TYR A 1 15  ? 2.426   1.901   -7.657  1.00 17.09 ? 236 TYR A OH  1 
ATOM   111  N  N   . LYS A 1 16  ? 0.112   5.707   -12.701 1.00 20.09 ? 237 LYS A N   1 
ATOM   112  C  CA  . LYS A 1 16  ? 0.419   4.730   -13.728 1.00 23.20 ? 237 LYS A CA  1 
ATOM   113  C  C   . LYS A 1 16  ? 1.278   5.237   -14.842 1.00 25.65 ? 237 LYS A C   1 
ATOM   114  O  O   . LYS A 1 16  ? 1.717   4.407   -15.638 1.00 27.56 ? 237 LYS A O   1 
ATOM   115  C  CB  . LYS A 1 16  ? -0.842  4.073   -14.342 1.00 24.26 ? 237 LYS A CB  1 
ATOM   116  C  CG  . LYS A 1 16  ? -1.654  3.313   -13.345 1.00 25.29 ? 237 LYS A CG  1 
ATOM   117  C  CD  . LYS A 1 16  ? -2.915  2.733   -13.954 1.00 27.40 ? 237 LYS A CD  1 
ATOM   118  C  CE  . LYS A 1 16  ? -3.662  1.698   -13.300 0.00 35.09 ? 237 LYS A CE  1 
ATOM   119  N  NZ  . LYS A 1 16  ? -5.065  2.428   -13.052 0.00 35.77 ? 237 LYS A NZ  1 
ATOM   120  N  N   . LYS A 1 17  ? 1.492   6.555   -14.958 1.00 25.78 ? 238 LYS A N   1 
ATOM   121  C  CA  . LYS A 1 17  ? 2.435   7.100   -15.963 1.00 27.03 ? 238 LYS A CA  1 
ATOM   122  C  C   . LYS A 1 17  ? 3.637   7.703   -15.267 1.00 25.23 ? 238 LYS A C   1 
ATOM   123  O  O   . LYS A 1 17  ? 4.428   8.429   -15.872 1.00 26.68 ? 238 LYS A O   1 
ATOM   124  C  CB  . LYS A 1 17  ? 1.756   8.161   -16.861 1.00 28.68 ? 238 LYS A CB  1 
ATOM   125  C  CG  . LYS A 1 17  ? 0.628   7.686   -17.771 1.00 29.24 ? 238 LYS A CG  1 
ATOM   126  C  CD  . LYS A 1 17  ? 0.751   6.247   -18.185 1.00 31.22 ? 238 LYS A CD  1 
ATOM   127  C  CE  . LYS A 1 17  ? -0.204  5.844   -19.350 1.00 31.84 ? 238 LYS A CE  1 
ATOM   128  N  NZ  . LYS A 1 17  ? -0.784  4.429   -19.291 1.00 32.12 ? 238 LYS A NZ  1 
ATOM   129  N  N   . LYS A 1 18  ? 3.767   7.368   -14.007 1.00 23.50 ? 239 LYS A N   1 
ATOM   130  C  CA  . LYS A 1 18  ? 4.863   7.774   -13.197 1.00 24.49 ? 239 LYS A CA  1 
ATOM   131  C  C   . LYS A 1 18  ? 4.930   9.283   -12.995 1.00 23.29 ? 239 LYS A C   1 
ATOM   132  O  O   . LYS A 1 18  ? 5.953   9.850   -12.781 1.00 23.89 ? 239 LYS A O   1 
ATOM   133  C  CB  . LYS A 1 18  ? 6.162   7.212   -13.748 1.00 27.11 ? 239 LYS A CB  1 
ATOM   134  C  CG  . LYS A 1 18  ? 6.022   5.834   -14.289 1.00 26.68 ? 239 LYS A CG  1 
ATOM   135  C  CD  . LYS A 1 18  ? 7.222   5.422   -14.972 1.00 27.60 ? 239 LYS A CD  1 
ATOM   136  C  CE  . LYS A 1 18  ? 8.262   5.037   -14.007 1.00 28.95 ? 239 LYS A CE  1 
ATOM   137  N  NZ  . LYS A 1 18  ? 8.118   3.709   -13.473 0.00 38.76 ? 239 LYS A NZ  1 
ATOM   138  N  N   . ASP A 1 19  ? 3.778   9.900   -13.064 1.00 22.72 ? 240 ASP A N   1 
ATOM   139  C  CA  . ASP A 1 19  ? 3.641   11.310  -12.783 1.00 18.54 ? 240 ASP A CA  1 
ATOM   140  C  C   . ASP A 1 19  ? 3.225   11.418  -11.349 1.00 17.02 ? 240 ASP A C   1 
ATOM   141  O  O   . ASP A 1 19  ? 2.067   11.570  -11.064 1.00 16.99 ? 240 ASP A O   1 
ATOM   142  C  CB  . ASP A 1 19  ? 2.590   11.969  -13.679 1.00 17.92 ? 240 ASP A CB  1 
ATOM   143  C  CG  . ASP A 1 19  ? 2.463   13.474  -13.368 1.00 17.69 ? 240 ASP A CG  1 
ATOM   144  O  OD1 . ASP A 1 19  ? 3.149   13.894  -12.423 1.00 15.24 ? 240 ASP A OD1 1 
ATOM   145  O  OD2 . ASP A 1 19  ? 1.730   14.215  -14.059 1.00 18.11 ? 240 ASP A OD2 1 
ATOM   146  N  N   . PHE A 1 20  ? 4.179   11.370  -10.447 1.00 17.21 ? 241 PHE A N   1 
ATOM   147  C  CA  . PHE A 1 20  ? 3.905   11.153  -9.052  1.00 18.40 ? 241 PHE A CA  1 
ATOM   148  C  C   . PHE A 1 20  ? 3.413   12.437  -8.361  1.00 19.09 ? 241 PHE A C   1 
ATOM   149  O  O   . PHE A 1 20  ? 2.554   12.361  -7.506  1.00 19.06 ? 241 PHE A O   1 
ATOM   150  C  CB  . PHE A 1 20  ? 5.135   10.556  -8.331  1.00 19.89 ? 241 PHE A CB  1 
ATOM   151  C  CG  . PHE A 1 20  ? 5.531   9.202   -8.811  1.00 20.43 ? 241 PHE A CG  1 
ATOM   152  C  CD1 . PHE A 1 20  ? 6.870   8.921   -9.090  1.00 22.82 ? 241 PHE A CD1 1 
ATOM   153  C  CD2 . PHE A 1 20  ? 4.580   8.204   -9.079  1.00 21.72 ? 241 PHE A CD2 1 
ATOM   154  C  CE1 . PHE A 1 20  ? 7.227   7.646   -9.597  1.00 22.80 ? 241 PHE A CE1 1 
ATOM   155  C  CE2 . PHE A 1 20  ? 4.968   6.940   -9.602  1.00 20.40 ? 241 PHE A CE2 1 
ATOM   156  C  CZ  . PHE A 1 20  ? 6.272   6.683   -9.833  1.00 19.83 ? 241 PHE A CZ  1 
ATOM   157  N  N   . ASP A 1 21  ? 3.925   13.590  -8.778  1.00 21.44 ? 242 ASP A N   1 
ATOM   158  C  CA  . ASP A 1 21  ? 3.501   14.932  -8.345  1.00 23.49 ? 242 ASP A CA  1 
ATOM   159  C  C   . ASP A 1 21  ? 1.948   15.061  -8.490  1.00 22.20 ? 242 ASP A C   1 
ATOM   160  O  O   . ASP A 1 21  ? 1.248   15.381  -7.575  1.00 15.87 ? 242 ASP A O   1 
ATOM   161  C  CB  . ASP A 1 21  ? 4.346   15.981  -9.162  1.00 27.87 ? 242 ASP A CB  1 
ATOM   162  C  CG  . ASP A 1 21  ? 3.783   17.427  -9.177  1.00 29.79 ? 242 ASP A CG  1 
ATOM   163  O  OD1 . ASP A 1 21  ? 2.871   17.715  -8.468  0.00 43.16 ? 242 ASP A OD1 1 
ATOM   164  O  OD2 . ASP A 1 21  ? 4.272   18.319  -9.903  1.00 34.56 ? 242 ASP A OD2 1 
ATOM   165  N  N   . THR A 1 22  ? 1.476   14.708  -9.655  1.00 19.28 ? 243 THR A N   1 
ATOM   166  C  CA  . THR A 1 22  ? 0.085   14.881  -10.000 1.00 20.13 ? 243 THR A CA  1 
ATOM   167  C  C   . THR A 1 22  ? -0.819  13.932  -9.220  1.00 19.54 ? 243 THR A C   1 
ATOM   168  O  O   . THR A 1 22  ? -1.897  14.327  -8.775  1.00 16.20 ? 243 THR A O   1 
ATOM   169  C  CB  . THR A 1 22  ? -0.156  14.686  -11.488 1.00 20.20 ? 243 THR A CB  1 
ATOM   170  O  OG1 . THR A 1 22  ? 0.639   15.650  -12.202 1.00 20.73 ? 243 THR A OG1 1 
ATOM   171  C  CG2 . THR A 1 22  ? -1.668  14.869  -11.792 1.00 18.22 ? 243 THR A CG2 1 
ATOM   172  N  N   . ALA A 1 23  ? -0.344  12.686  -9.072  1.00 20.86 ? 244 ALA A N   1 
ATOM   173  C  CA  . ALA A 1 23  ? -1.003  11.676  -8.257  1.00 19.16 ? 244 ALA A CA  1 
ATOM   174  C  C   . ALA A 1 23  ? -1.212  12.099  -6.820  1.00 15.67 ? 244 ALA A C   1 
ATOM   175  O  O   . ALA A 1 23  ? -2.299  11.983  -6.299  1.00 14.84 ? 244 ALA A O   1 
ATOM   176  C  CB  . ALA A 1 23  ? -0.202  10.367  -8.297  1.00 19.96 ? 244 ALA A CB  1 
ATOM   177  N  N   . LEU A 1 24  ? -0.133  12.549  -6.195  1.00 16.19 ? 245 LEU A N   1 
ATOM   178  C  CA  . LEU A 1 24  ? -0.117  13.009  -4.809  1.00 16.23 ? 245 LEU A CA  1 
ATOM   179  C  C   . LEU A 1 24  ? -1.090  14.161  -4.617  1.00 16.25 ? 245 LEU A C   1 
ATOM   180  O  O   . LEU A 1 24  ? -1.928  14.132  -3.734  1.00 14.91 ? 245 LEU A O   1 
ATOM   181  C  CB  . LEU A 1 24  ? 1.299   13.430  -4.412  1.00 16.86 ? 245 LEU A CB  1 
ATOM   182  C  CG  . LEU A 1 24  ? 2.303   12.316  -4.098  1.00 18.15 ? 245 LEU A CG  1 
ATOM   183  C  CD1 . LEU A 1 24  ? 3.648   12.919  -3.716  1.00 17.61 ? 245 LEU A CD1 1 
ATOM   184  C  CD2 . LEU A 1 24  ? 1.736   11.327  -2.996  1.00 16.60 ? 245 LEU A CD2 1 
ATOM   185  N  N   . LYS A 1 25  ? -1.040  15.125  -5.522  1.00 15.27 ? 246 LYS A N   1 
ATOM   186  C  CA  . LYS A 1 25  ? -1.997  16.244  -5.460  1.00 16.05 ? 246 LYS A CA  1 
ATOM   187  C  C   . LYS A 1 25  ? -3.440  15.842  -5.589  1.00 15.13 ? 246 LYS A C   1 
ATOM   188  O  O   . LYS A 1 25  ? -4.329  16.310  -4.830  1.00 14.50 ? 246 LYS A O   1 
ATOM   189  C  CB  . LYS A 1 25  ? -1.641  17.283  -6.550  1.00 17.92 ? 246 LYS A CB  1 
ATOM   190  C  CG  . LYS A 1 25  ? -0.347  18.144  -6.183  1.00 19.29 ? 246 LYS A CG  1 
ATOM   191  C  CD  . LYS A 1 25  ? -0.188  19.372  -7.152  1.00 20.61 ? 246 LYS A CD  1 
ATOM   192  C  CE  . LYS A 1 25  ? 1.230   20.001  -7.174  1.00 22.91 ? 246 LYS A CE  1 
ATOM   193  N  NZ  . LYS A 1 25  ? 2.112   19.510  -6.101  1.00 22.30 ? 246 LYS A NZ  1 
ATOM   194  N  N   . HIS A 1 26  ? -3.742  14.998  -6.584  1.00 16.39 ? 247 HIS A N   1 
ATOM   195  C  CA  . HIS A 1 26  ? -5.143  14.532  -6.709  1.00 14.32 ? 247 HIS A CA  1 
ATOM   196  C  C   . HIS A 1 26  ? -5.493  13.642  -5.476  1.00 14.92 ? 247 HIS A C   1 
ATOM   197  O  O   . HIS A 1 26  ? -6.570  13.807  -4.874  1.00 14.92 ? 247 HIS A O   1 
ATOM   198  C  CB  . HIS A 1 26  ? -5.376  13.884  -8.071  1.00 15.85 ? 247 HIS A CB  1 
ATOM   199  C  CG  . HIS A 1 26  ? -5.639  14.900  -9.131  1.00 15.11 ? 247 HIS A CG  1 
ATOM   200  N  ND1 . HIS A 1 26  ? -6.884  15.475  -9.305  1.00 16.82 ? 247 HIS A ND1 1 
ATOM   201  C  CD2 . HIS A 1 26  ? -4.800  15.575  -9.948  1.00 15.14 ? 247 HIS A CD2 1 
ATOM   202  C  CE1 . HIS A 1 26  ? -6.821  16.398  -10.246 1.00 14.82 ? 247 HIS A CE1 1 
ATOM   203  N  NE2 . HIS A 1 26  ? -5.564  16.496  -10.641 1.00 15.47 ? 247 HIS A NE2 1 
ATOM   204  N  N   . TYR A 1 27  ? -4.591  12.734  -5.064  1.00 12.67 ? 248 TYR A N   1 
ATOM   205  C  CA  . TYR A 1 27  ? -4.839  12.019  -3.827  1.00 13.93 ? 248 TYR A CA  1 
ATOM   206  C  C   . TYR A 1 27  ? -5.125  12.901  -2.626  1.00 17.12 ? 248 TYR A C   1 
ATOM   207  O  O   . TYR A 1 27  ? -6.043  12.566  -1.865  1.00 18.85 ? 248 TYR A O   1 
ATOM   208  C  CB  . TYR A 1 27  ? -3.723  11.032  -3.481  1.00 13.55 ? 248 TYR A CB  1 
ATOM   209  C  CG  . TYR A 1 27  ? -3.577  9.914   -4.500  1.00 13.19 ? 248 TYR A CG  1 
ATOM   210  C  CD1 . TYR A 1 27  ? -2.346  9.416   -4.811  1.00 13.61 ? 248 TYR A CD1 1 
ATOM   211  C  CD2 . TYR A 1 27  ? -4.685  9.383   -5.196  1.00 14.19 ? 248 TYR A CD2 1 
ATOM   212  C  CE1 . TYR A 1 27  ? -2.175  8.409   -5.746  1.00 13.51 ? 248 TYR A CE1 1 
ATOM   213  C  CE2 . TYR A 1 27  ? -4.512  8.377   -6.152  1.00 13.96 ? 248 TYR A CE2 1 
ATOM   214  C  CZ  . TYR A 1 27  ? -3.272  7.878   -6.405  1.00 14.74 ? 248 TYR A CZ  1 
ATOM   215  O  OH  . TYR A 1 27  ? -3.062  6.834   -7.345  1.00 16.70 ? 248 TYR A OH  1 
ATOM   216  N  N   . ASP A 1 28  ? -4.343  13.976  -2.413  1.00 17.60 ? 249 ASP A N   1 
ATOM   217  C  CA  . ASP A 1 28  ? -4.668  14.985  -1.377  1.00 19.77 ? 249 ASP A CA  1 
ATOM   218  C  C   . ASP A 1 28  ? -6.066  15.532  -1.455  1.00 20.28 ? 249 ASP A C   1 
ATOM   219  O  O   . ASP A 1 28  ? -6.757  15.568  -0.449  1.00 20.62 ? 249 ASP A O   1 
ATOM   220  C  CB  . ASP A 1 28  ? -3.682  16.154  -1.388  1.00 20.41 ? 249 ASP A CB  1 
ATOM   221  C  CG  . ASP A 1 28  ? -2.324  15.760  -0.819  1.00 23.73 ? 249 ASP A CG  1 
ATOM   222  O  OD1 . ASP A 1 28  ? -2.312  14.780  -0.010  1.00 23.66 ? 249 ASP A OD1 1 
ATOM   223  O  OD2 . ASP A 1 28  ? -1.299  16.411  -1.160  1.00 24.77 ? 249 ASP A OD2 1 
ATOM   224  N  N   . LYS A 1 29  ? -6.496  15.970  -2.628  1.00 21.64 ? 250 LYS A N   1 
ATOM   225  C  CA  . LYS A 1 29  ? -7.897  16.500  -2.803  1.00 21.28 ? 250 LYS A CA  1 
ATOM   226  C  C   . LYS A 1 29  ? -8.987  15.452  -2.428  1.00 21.33 ? 250 LYS A C   1 
ATOM   227  O  O   . LYS A 1 29  ? -10.011 15.775  -1.842  1.00 20.16 ? 250 LYS A O   1 
ATOM   228  C  CB  . LYS A 1 29  ? -8.108  16.999  -4.259  1.00 21.22 ? 250 LYS A CB  1 
ATOM   229  N  N   . ALA A 1 30  ? -8.734  14.202  -2.802  1.00 22.09 ? 251 ALA A N   1 
ATOM   230  C  CA  . ALA A 1 30  ? -9.559  13.075  -2.453  1.00 23.28 ? 251 ALA A CA  1 
ATOM   231  C  C   . ALA A 1 30  ? -9.629  12.921  -0.940  1.00 23.34 ? 251 ALA A C   1 
ATOM   232  O  O   . ALA A 1 30  ? -10.751 12.691  -0.396  1.00 24.67 ? 251 ALA A O   1 
ATOM   233  C  CB  . ALA A 1 30  ? -9.049  11.751  -3.155  1.00 24.95 ? 251 ALA A CB  1 
ATOM   234  N  N   . LYS A 1 31  ? -8.486  13.090  -0.259  1.00 22.51 ? 252 LYS A N   1 
ATOM   235  C  CA  . LYS A 1 31  ? -8.419  12.886  1.199   1.00 23.61 ? 252 LYS A CA  1 
ATOM   236  C  C   . LYS A 1 31  ? -9.120  14.069  1.963   1.00 26.20 ? 252 LYS A C   1 
ATOM   237  O  O   . LYS A 1 31  ? -9.788  13.881  3.024   1.00 26.09 ? 252 LYS A O   1 
ATOM   238  C  CB  . LYS A 1 31  ? -6.948  12.651  1.661   1.00 21.33 ? 252 LYS A CB  1 
ATOM   239  N  N   . GLU A 1 32  ? -9.040  15.267  1.391   1.00 25.70 ? 253 GLU A N   1 
ATOM   240  C  CA  . GLU A 1 32  ? -9.694  16.437  1.980   1.00 28.67 ? 253 GLU A CA  1 
ATOM   241  C  C   . GLU A 1 32  ? -11.213 16.286  1.830   1.00 27.84 ? 253 GLU A C   1 
ATOM   242  O  O   . GLU A 1 32  ? -11.985 16.694  2.703   1.00 28.84 ? 253 GLU A O   1 
ATOM   243  C  CB  . GLU A 1 32  ? -9.113  17.715  1.343   1.00 31.02 ? 253 GLU A CB  1 
ATOM   244  C  CG  . GLU A 1 32  ? -9.830  18.989  1.596   1.00 34.84 ? 253 GLU A CG  1 
ATOM   245  C  CD  . GLU A 1 32  ? -9.492  20.022  0.517   1.00 38.15 ? 253 GLU A CD  1 
ATOM   246  O  OE1 . GLU A 1 32  ? -8.278  20.255  0.283   1.00 41.29 ? 253 GLU A OE1 1 
ATOM   247  O  OE2 . GLU A 1 32  ? -10.427 20.570  -0.113  1.00 40.39 ? 253 GLU A OE2 1 
ATOM   248  N  N   . LEU A 1 33  ? -11.669 15.648  0.754   1.00 27.54 ? 254 LEU A N   1 
ATOM   249  C  CA  . LEU A 1 33  ? -13.110 15.470  0.576   1.00 25.50 ? 254 LEU A CA  1 
ATOM   250  C  C   . LEU A 1 33  ? -13.649 14.296  1.341   1.00 25.61 ? 254 LEU A C   1 
ATOM   251  O  O   . LEU A 1 33  ? -14.857 14.241  1.627   1.00 24.97 ? 254 LEU A O   1 
ATOM   252  C  CB  . LEU A 1 33  ? -13.479 15.357  -0.877  1.00 25.49 ? 254 LEU A CB  1 
ATOM   253  C  CG  . LEU A 1 33  ? -13.212 16.622  -1.699  1.00 26.39 ? 254 LEU A CG  1 
ATOM   254  C  CD1 . LEU A 1 33  ? -13.099 16.228  -3.177  1.00 25.68 ? 254 LEU A CD1 1 
ATOM   255  C  CD2 . LEU A 1 33  ? -14.294 17.669  -1.480  1.00 26.72 ? 254 LEU A CD2 1 
ATOM   256  N  N   . ASP A 1 34  ? -12.789 13.360  1.711   1.00 25.38 ? 255 ASP A N   1 
ATOM   257  C  CA  . ASP A 1 34  ? -13.289 12.241  2.486   1.00 26.27 ? 255 ASP A CA  1 
ATOM   258  C  C   . ASP A 1 34  ? -12.188 11.593  3.243   1.00 25.12 ? 255 ASP A C   1 
ATOM   259  O  O   . ASP A 1 34  ? -11.633 10.589  2.790   1.00 27.00 ? 255 ASP A O   1 
ATOM   260  C  CB  . ASP A 1 34  ? -13.933 11.205  1.588   1.00 28.06 ? 255 ASP A CB  1 
ATOM   261  C  CG  . ASP A 1 34  ? -14.439 10.010  2.391   1.00 29.87 ? 255 ASP A CG  1 
ATOM   262  O  OD1 . ASP A 1 34  ? -14.636 10.116  3.656   1.00 28.93 ? 255 ASP A OD1 1 
ATOM   263  O  OD2 . ASP A 1 34  ? -14.582 8.971   1.731   1.00 28.81 ? 255 ASP A OD2 1 
ATOM   264  N  N   . PRO A 1 35  ? -11.870 12.169  4.396   1.00 24.55 ? 256 PRO A N   1 
ATOM   265  C  CA  . PRO A 1 35  ? -10.860 11.808  5.311   1.00 23.24 ? 256 PRO A CA  1 
ATOM   266  C  C   . PRO A 1 35  ? -10.956 10.385  5.866   1.00 20.25 ? 256 PRO A C   1 
ATOM   267  O  O   . PRO A 1 35  ? -10.027 9.916   6.460   1.00 20.71 ? 256 PRO A O   1 
ATOM   268  C  CB  . PRO A 1 35  ? -11.103 12.785  6.464   1.00 24.69 ? 256 PRO A CB  1 
ATOM   269  C  CG  . PRO A 1 35  ? -11.859 13.914  5.875   1.00 24.96 ? 256 PRO A CG  1 
ATOM   270  C  CD  . PRO A 1 35  ? -12.638 13.365  4.851   1.00 24.38 ? 256 PRO A CD  1 
ATOM   271  N  N   . THR A 1 36  ? -12.063 9.723   5.738   1.00 20.58 ? 257 THR A N   1 
ATOM   272  C  CA  . THR A 1 36  ? -12.241 8.435   6.417   1.00 22.25 ? 257 THR A CA  1 
ATOM   273  C  C   . THR A 1 36  ? -11.953 7.250   5.476   1.00 23.21 ? 257 THR A C   1 
ATOM   274  O  O   . THR A 1 36  ? -12.077 6.085   5.853   1.00 23.02 ? 257 THR A O   1 
ATOM   275  C  CB  . THR A 1 36  ? -13.685 8.238   6.824   1.00 22.59 ? 257 THR A CB  1 
ATOM   276  O  OG1 . THR A 1 36  ? -14.458 8.057   5.633   1.00 24.88 ? 257 THR A OG1 1 
ATOM   277  C  CG2 . THR A 1 36  ? -14.202 9.397   7.593   1.00 23.90 ? 257 THR A CG2 1 
ATOM   278  N  N   . ASN A 1 37  ? -11.636 7.560   4.233   1.00 22.65 ? 258 ASN A N   1 
ATOM   279  C  CA  . ASN A 1 37  ? -11.323 6.545   3.250   1.00 23.39 ? 258 ASN A CA  1 
ATOM   280  C  C   . ASN A 1 37  ? -9.780  6.265   3.241   1.00 21.73 ? 258 ASN A C   1 
ATOM   281  O  O   . ASN A 1 37  ? -8.979  7.066   2.819   1.00 20.35 ? 258 ASN A O   1 
ATOM   282  C  CB  . ASN A 1 37  ? -11.860 6.995   1.881   1.00 24.39 ? 258 ASN A CB  1 
ATOM   283  C  CG  . ASN A 1 37  ? -11.760 5.941   0.847   1.00 25.08 ? 258 ASN A CG  1 
ATOM   284  O  OD1 . ASN A 1 37  ? -11.151 4.906   1.056   1.00 25.73 ? 258 ASN A OD1 1 
ATOM   285  N  ND2 . ASN A 1 37  ? -12.345 6.191   -0.283  1.00 25.65 ? 258 ASN A ND2 1 
ATOM   286  N  N   . MET A 1 38  ? -9.388  5.095   3.729   1.00 22.30 ? 259 MET A N   1 
ATOM   287  C  CA  . MET A 1 38  ? -7.967  4.714   3.823   1.00 20.56 ? 259 MET A CA  1 
ATOM   288  C  C   . MET A 1 38  ? -7.334  4.413   2.438   1.00 20.27 ? 259 MET A C   1 
ATOM   289  O  O   . MET A 1 38  ? -6.126  4.451   2.289   1.00 18.70 ? 259 MET A O   1 
ATOM   290  C  CB  . MET A 1 38  ? -7.816  3.512   4.787   1.00 21.17 ? 259 MET A CB  1 
ATOM   291  C  CG  . MET A 1 38  ? -8.383  2.156   4.284   1.00 19.79 ? 259 MET A CG  1 
ATOM   292  S  SD  . MET A 1 38  ? -8.065  0.846   5.550   1.00 20.14 ? 259 MET A SD  1 
ATOM   293  C  CE  . MET A 1 38  ? -6.349  0.483   5.307   1.00 13.80 ? 259 MET A CE  1 
ATOM   294  N  N   . THR A 1 39  ? -8.154  4.145   1.423   1.00 20.06 ? 260 THR A N   1 
ATOM   295  C  CA  . THR A 1 39  ? -7.638  3.863   0.082   1.00 19.92 ? 260 THR A CA  1 
ATOM   296  C  C   . THR A 1 39  ? -6.762  5.014   -0.466  1.00 19.56 ? 260 THR A C   1 
ATOM   297  O  O   . THR A 1 39  ? -5.739  4.752   -1.062  1.00 15.91 ? 260 THR A O   1 
ATOM   298  C  CB  . THR A 1 39  ? -8.792  3.451   -0.890  1.00 21.02 ? 260 THR A CB  1 
ATOM   299  O  OG1 . THR A 1 39  ? -9.204  2.122   -0.563  1.00 21.92 ? 260 THR A OG1 1 
ATOM   300  C  CG2 . THR A 1 39  ? -8.381  3.434   -2.328  1.00 21.55 ? 260 THR A CG2 1 
ATOM   301  N  N   . TYR A 1 40  ? -7.139  6.271   -0.230  1.00 18.83 ? 261 TYR A N   1 
ATOM   302  C  CA  . TYR A 1 40  ? -6.365  7.379   -0.778  1.00 19.57 ? 261 TYR A CA  1 
ATOM   303  C  C   . TYR A 1 40  ? -4.976  7.428   -0.111  1.00 20.21 ? 261 TYR A C   1 
ATOM   304  O  O   . TYR A 1 40  ? -3.968  7.701   -0.759  1.00 20.30 ? 261 TYR A O   1 
ATOM   305  C  CB  . TYR A 1 40  ? -7.075  8.727   -0.588  1.00 20.80 ? 261 TYR A CB  1 
ATOM   306  C  CG  . TYR A 1 40  ? -8.538  8.733   -0.996  1.00 20.54 ? 261 TYR A CG  1 
ATOM   307  C  CD1 . TYR A 1 40  ? -9.470  9.419   -0.245  1.00 19.72 ? 261 TYR A CD1 1 
ATOM   308  C  CD2 . TYR A 1 40  ? -8.968  8.086   -2.134  1.00 21.67 ? 261 TYR A CD2 1 
ATOM   309  C  CE1 . TYR A 1 40  ? -10.805 9.436   -0.586  1.00 20.35 ? 261 TYR A CE1 1 
ATOM   310  C  CE2 . TYR A 1 40  ? -10.389 8.099   -2.496  1.00 20.68 ? 261 TYR A CE2 1 
ATOM   311  C  CZ  . TYR A 1 40  ? -11.267 8.783   -1.698  1.00 19.65 ? 261 TYR A CZ  1 
ATOM   312  O  OH  . TYR A 1 40  ? -12.616 8.827   -1.965  1.00 20.60 ? 261 TYR A OH  1 
ATOM   313  N  N   . ILE A 1 41  ? -4.950  7.134   1.185   1.00 18.21 ? 262 ILE A N   1 
ATOM   314  C  CA  . ILE A 1 41  ? -3.739  7.113   1.934   1.00 18.19 ? 262 ILE A CA  1 
ATOM   315  C  C   . ILE A 1 41  ? -2.865  5.924   1.463   1.00 17.74 ? 262 ILE A C   1 
ATOM   316  O  O   . ILE A 1 41  ? -1.660  6.088   1.249   1.00 17.75 ? 262 ILE A O   1 
ATOM   317  C  CB  . ILE A 1 41  ? -4.023  6.987   3.454   1.00 19.03 ? 262 ILE A CB  1 
ATOM   318  C  CG1 . ILE A 1 41  ? -4.981  8.124   3.930   1.00 19.34 ? 262 ILE A CG1 1 
ATOM   319  C  CG2 . ILE A 1 41  ? -2.642  6.928   4.206   1.00 17.38 ? 262 ILE A CG2 1 
ATOM   320  C  CD1 . ILE A 1 41  ? -5.411  8.038   5.351   1.00 19.34 ? 262 ILE A CD1 1 
ATOM   321  N  N   . THR A 1 42  ? -3.447  4.738   1.262   1.00 15.94 ? 263 THR A N   1 
ATOM   322  C  CA  . THR A 1 42  ? -2.618  3.607   0.773   1.00 15.40 ? 263 THR A CA  1 
ATOM   323  C  C   . THR A 1 42  ? -2.115  3.868   -0.636  1.00 14.71 ? 263 THR A C   1 
ATOM   324  O  O   . THR A 1 42  ? -0.982  3.488   -0.937  1.00 12.48 ? 263 THR A O   1 
ATOM   325  C  CB  . THR A 1 42  ? -3.270  2.168   0.907   1.00 17.42 ? 263 THR A CB  1 
ATOM   326  O  OG1 . THR A 1 42  ? -4.553  2.140   0.277   1.00 17.30 ? 263 THR A OG1 1 
ATOM   327  C  CG2 . THR A 1 42  ? -3.434  1.790   2.354   1.00 14.32 ? 263 THR A CG2 1 
ATOM   328  N  N   . ASN A 1 43  ? -2.925  4.586   -1.432  1.00 12.58 ? 264 ASN A N   1 
ATOM   329  C  CA  . ASN A 1 43  ? -2.540  5.076   -2.766  1.00 12.62 ? 264 ASN A CA  1 
ATOM   330  C  C   . ASN A 1 43  ? -1.335  5.991   -2.706  1.00 11.66 ? 264 ASN A C   1 
ATOM   331  O  O   . ASN A 1 43  ? -0.404  5.806   -3.435  1.00 12.69 ? 264 ASN A O   1 
ATOM   332  C  CB  . ASN A 1 43  ? -3.727  5.705   -3.492  1.00 11.32 ? 264 ASN A CB  1 
ATOM   333  C  CG  . ASN A 1 43  ? -4.665  4.628   -4.121  1.00 12.07 ? 264 ASN A CG  1 
ATOM   334  O  OD1 . ASN A 1 43  ? -4.498  3.430   -3.871  1.00 10.35 ? 264 ASN A OD1 1 
ATOM   335  N  ND2 . ASN A 1 43  ? -5.555  5.057   -5.017  1.00 10.61 ? 264 ASN A ND2 1 
ATOM   336  N  N   . GLN A 1 44  ? -1.319  6.921   -1.769  1.00 13.77 ? 265 GLN A N   1 
ATOM   337  C  CA  . GLN A 1 44  ? -0.108  7.733   -1.548  1.00 13.67 ? 265 GLN A CA  1 
ATOM   338  C  C   . GLN A 1 44  ? 1.049   6.905   -1.113  1.00 14.59 ? 265 GLN A C   1 
ATOM   339  O  O   . GLN A 1 44  ? 2.186   7.130   -1.529  1.00 14.73 ? 265 GLN A O   1 
ATOM   340  C  CB  . GLN A 1 44  ? -0.360  8.776   -0.482  1.00 15.39 ? 265 GLN A CB  1 
ATOM   341  C  CG  . GLN A 1 44  ? -1.237  9.774   -0.990  1.00 17.77 ? 265 GLN A CG  1 
ATOM   342  C  CD  . GLN A 1 44  ? -1.681  10.727  -0.018  1.00 19.05 ? 265 GLN A CD  1 
ATOM   343  O  OE1 . GLN A 1 44  ? -1.931  10.418  1.172   1.00 17.19 ? 265 GLN A OE1 1 
ATOM   344  N  NE2 . GLN A 1 44  ? -1.844  11.953  -0.521  1.00 21.29 ? 265 GLN A NE2 1 
ATOM   345  N  N   . ALA A 1 45  ? 0.800   5.949   -0.226  1.00 14.42 ? 266 ALA A N   1 
ATOM   346  C  CA  . ALA A 1 45  ? 1.888   5.035   0.130   1.00 13.89 ? 266 ALA A CA  1 
ATOM   347  C  C   . ALA A 1 45  ? 2.524   4.386   -1.146  1.00 13.35 ? 266 ALA A C   1 
ATOM   348  O  O   . ALA A 1 45  ? 3.785   4.280   -1.266  1.00 14.25 ? 266 ALA A O   1 
ATOM   349  C  CB  . ALA A 1 45  ? 1.329   3.963   1.152   1.00 13.00 ? 266 ALA A CB  1 
ATOM   350  N  N   . ALA A 1 46  ? 1.680   3.955   -2.104  1.00 12.67 ? 267 ALA A N   1 
ATOM   351  C  CA  . ALA A 1 46  ? 2.174   3.370   -3.358  1.00 15.87 ? 267 ALA A CA  1 
ATOM   352  C  C   . ALA A 1 46  ? 3.077   4.351   -4.071  1.00 16.59 ? 267 ALA A C   1 
ATOM   353  O  O   . ALA A 1 46  ? 4.088   3.961   -4.625  1.00 14.42 ? 267 ALA A O   1 
ATOM   354  C  CB  . ALA A 1 46  ? 1.039   2.931   -4.299  1.00 16.54 ? 267 ALA A CB  1 
ATOM   355  N  N   . VAL A 1 47  ? 2.724   5.638   -4.039  1.00 16.31 ? 268 VAL A N   1 
ATOM   356  C  CA  . VAL A 1 47  ? 3.543   6.644   -4.743  1.00 15.46 ? 268 VAL A CA  1 
ATOM   357  C  C   . VAL A 1 47  ? 4.907   6.720   -4.118  1.00 13.69 ? 268 VAL A C   1 
ATOM   358  O  O   . VAL A 1 47  ? 5.919   6.595   -4.788  1.00 13.86 ? 268 VAL A O   1 
ATOM   359  C  CB  . VAL A 1 47  ? 2.918   8.072   -4.659  1.00 14.67 ? 268 VAL A CB  1 
ATOM   360  C  CG1 . VAL A 1 47  ? 3.837   9.121   -5.232  1.00 10.35 ? 268 VAL A CG1 1 
ATOM   361  C  CG2 . VAL A 1 47  ? 1.568   8.054   -5.364  1.00 15.83 ? 268 VAL A CG2 1 
ATOM   362  N  N   . TYR A 1 48  ? 4.943   6.865   -2.822  1.00 14.68 ? 269 TYR A N   1 
ATOM   363  C  CA  . TYR A 1 48  ? 6.253   6.923   -2.180  1.00 16.18 ? 269 TYR A CA  1 
ATOM   364  C  C   . TYR A 1 48  ? 7.094   5.662   -2.421  1.00 15.01 ? 269 TYR A C   1 
ATOM   365  O  O   . TYR A 1 48  ? 8.309   5.773   -2.684  1.00 15.39 ? 269 TYR A O   1 
ATOM   366  C  CB  . TYR A 1 48  ? 6.118   7.332   -0.710  1.00 16.79 ? 269 TYR A CB  1 
ATOM   367  C  CG  . TYR A 1 48  ? 5.783   8.789   -0.590  1.00 16.42 ? 269 TYR A CG  1 
ATOM   368  C  CD1 . TYR A 1 48  ? 4.505   9.195   -0.368  1.00 18.47 ? 269 TYR A CD1 1 
ATOM   369  C  CD2 . TYR A 1 48  ? 6.764   9.768   -0.716  1.00 19.79 ? 269 TYR A CD2 1 
ATOM   370  C  CE1 . TYR A 1 48  ? 4.160   10.575  -0.280  1.00 19.10 ? 269 TYR A CE1 1 
ATOM   371  C  CE2 . TYR A 1 48  ? 6.442   11.192  -0.576  1.00 19.81 ? 269 TYR A CE2 1 
ATOM   372  C  CZ  . TYR A 1 48  ? 5.130   11.550  -0.375  1.00 19.47 ? 269 TYR A CZ  1 
ATOM   373  O  OH  . TYR A 1 48  ? 4.740   12.862  -0.331  1.00 21.56 ? 269 TYR A OH  1 
ATOM   374  N  N   . PHE A 1 49  ? 6.446   4.487   -2.445  1.00 15.70 ? 270 PHE A N   1 
ATOM   375  C  CA  . PHE A 1 49  ? 7.127   3.213   -2.737  1.00 16.15 ? 270 PHE A CA  1 
ATOM   376  C  C   . PHE A 1 49  ? 7.790   3.281   -4.108  1.00 18.07 ? 270 PHE A C   1 
ATOM   377  O  O   . PHE A 1 49  ? 8.969   2.943   -4.249  1.00 17.39 ? 270 PHE A O   1 
ATOM   378  C  CB  . PHE A 1 49  ? 6.121   2.077   -2.723  1.00 16.27 ? 270 PHE A CB  1 
ATOM   379  C  CG  . PHE A 1 49  ? 6.717   0.731   -2.880  1.00 17.32 ? 270 PHE A CG  1 
ATOM   380  C  CD1 . PHE A 1 49  ? 6.842   -0.105  -1.779  1.00 17.88 ? 270 PHE A CD1 1 
ATOM   381  C  CD2 . PHE A 1 49  ? 7.119   0.272   -4.117  1.00 17.49 ? 270 PHE A CD2 1 
ATOM   382  C  CE1 . PHE A 1 49  ? 7.359   -1.407  -1.933  1.00 16.70 ? 270 PHE A CE1 1 
ATOM   383  C  CE2 . PHE A 1 49  ? 7.638   -1.040  -4.259  1.00 17.98 ? 270 PHE A CE2 1 
ATOM   384  C  CZ  . PHE A 1 49  ? 7.780   -1.834  -3.131  1.00 17.03 ? 270 PHE A CZ  1 
ATOM   385  N  N   . GLU A 1 50  ? 7.023   3.683   -5.135  1.00 17.81 ? 271 GLU A N   1 
ATOM   386  C  CA  . GLU A 1 50  ? 7.606   3.772   -6.489  1.00 17.35 ? 271 GLU A CA  1 
ATOM   387  C  C   . GLU A 1 50  ? 8.660   4.857   -6.611  1.00 18.31 ? 271 GLU A C   1 
ATOM   388  O  O   . GLU A 1 50  ? 9.463   4.819   -7.510  1.00 21.02 ? 271 GLU A O   1 
ATOM   389  C  CB  . GLU A 1 50  ? 6.527   4.027   -7.536  1.00 16.59 ? 271 GLU A CB  1 
ATOM   390  C  CG  . GLU A 1 50  ? 5.498   2.924   -7.604  1.00 17.60 ? 271 GLU A CG  1 
ATOM   391  C  CD  . GLU A 1 50  ? 6.130   1.607   -8.011  1.00 18.77 ? 271 GLU A CD  1 
ATOM   392  O  OE1 . GLU A 1 50  ? 6.931   1.681   -8.918  1.00 19.22 ? 271 GLU A OE1 1 
ATOM   393  O  OE2 . GLU A 1 50  ? 5.857   0.534   -7.437  1.00 18.32 ? 271 GLU A OE2 1 
ATOM   394  N  N   . LYS A 1 51  ? 8.618   5.843   -5.734  1.00 18.45 ? 272 LYS A N   1 
ATOM   395  C  CA  . LYS A 1 51  ? 9.702   6.854   -5.605  1.00 20.84 ? 272 LYS A CA  1 
ATOM   396  C  C   . LYS A 1 51  ? 10.980  6.338   -4.892  1.00 22.03 ? 272 LYS A C   1 
ATOM   397  O  O   . LYS A 1 51  ? 12.018  6.913   -5.023  1.00 22.18 ? 272 LYS A O   1 
ATOM   398  C  CB  . LYS A 1 51  ? 9.149   8.047   -4.876  1.00 20.60 ? 272 LYS A CB  1 
ATOM   399  C  CG  . LYS A 1 51  ? 8.189   8.876   -5.782  1.00 21.19 ? 272 LYS A CG  1 
ATOM   400  C  CD  . LYS A 1 51  ? 7.618   10.029  -5.025  1.00 22.91 ? 272 LYS A CD  1 
ATOM   401  C  CE  . LYS A 1 51  ? 8.627   11.123  -4.773  1.00 24.92 ? 272 LYS A CE  1 
ATOM   402  N  NZ  . LYS A 1 51  ? 7.897   12.269  -4.182  1.00 25.18 ? 272 LYS A NZ  1 
ATOM   403  N  N   . GLY A 1 52  ? 10.895  5.229   -4.169  1.00 22.27 ? 273 GLY A N   1 
ATOM   404  C  CA  . GLY A 1 52  ? 12.050  4.688   -3.423  1.00 19.04 ? 273 GLY A CA  1 
ATOM   405  C  C   . GLY A 1 52  ? 12.007  5.107   -1.998  1.00 18.56 ? 273 GLY A C   1 
ATOM   406  O  O   . GLY A 1 52  ? 12.894  4.725   -1.243  1.00 20.87 ? 273 GLY A O   1 
ATOM   407  N  N   . ASP A 1 53  ? 10.993  5.893   -1.612  1.00 18.15 ? 274 ASP A N   1 
ATOM   408  C  CA  . ASP A 1 53  ? 10.887  6.442   -0.282  1.00 18.47 ? 274 ASP A CA  1 
ATOM   409  C  C   . ASP A 1 53  ? 10.143  5.449   0.603   1.00 16.08 ? 274 ASP A C   1 
ATOM   410  O  O   . ASP A 1 53  ? 8.962   5.651   0.975   1.00 14.21 ? 274 ASP A O   1 
ATOM   411  C  CB  . ASP A 1 53  ? 10.165  7.796   -0.262  1.00 19.93 ? 274 ASP A CB  1 
ATOM   412  C  CG  . ASP A 1 53  ? 10.362  8.554   1.070   1.00 20.99 ? 274 ASP A CG  1 
ATOM   413  O  OD1 . ASP A 1 53  ? 10.693  7.934   2.126   1.00 22.45 ? 274 ASP A OD1 1 
ATOM   414  O  OD2 . ASP A 1 53  ? 10.184  9.792   1.067   1.00 20.77 ? 274 ASP A OD2 1 
ATOM   415  N  N   . TYR A 1 54  ? 10.841  4.365   0.913   1.00 15.77 ? 275 TYR A N   1 
ATOM   416  C  CA  . TYR A 1 54  ? 10.197  3.217   1.636   1.00 15.72 ? 275 TYR A CA  1 
ATOM   417  C  C   . TYR A 1 54  ? 9.696   3.626   2.984   1.00 12.74 ? 275 TYR A C   1 
ATOM   418  O  O   . TYR A 1 54  ? 8.700   3.173   3.447   1.00 15.02 ? 275 TYR A O   1 
ATOM   419  C  CB  . TYR A 1 54  ? 11.156  2.020   1.724   1.00 14.70 ? 275 TYR A CB  1 
ATOM   420  C  CG  . TYR A 1 54  ? 11.481  1.548   0.351   1.00 17.33 ? 275 TYR A CG  1 
ATOM   421  C  CD1 . TYR A 1 54  ? 12.810  1.499   -0.127  1.00 17.83 ? 275 TYR A CD1 1 
ATOM   422  C  CD2 . TYR A 1 54  ? 10.446  1.195   -0.525  1.00 17.20 ? 275 TYR A CD2 1 
ATOM   423  C  CE1 . TYR A 1 54  ? 13.067  1.143   -1.438  1.00 16.88 ? 275 TYR A CE1 1 
ATOM   424  C  CE2 . TYR A 1 54  ? 10.689  0.840   -1.781  1.00 18.14 ? 275 TYR A CE2 1 
ATOM   425  C  CZ  . TYR A 1 54  ? 11.987  0.779   -2.251  1.00 17.93 ? 275 TYR A CZ  1 
ATOM   426  O  OH  . TYR A 1 54  ? 12.115  0.396   -3.554  1.00 18.76 ? 275 TYR A OH  1 
ATOM   427  N  N   . ASN A 1 55  ? 10.467  4.433   3.663   1.00 16.61 ? 276 ASN A N   1 
ATOM   428  C  CA  . ASN A 1 55  ? 10.104  4.951   4.968   1.00 15.94 ? 276 ASN A CA  1 
ATOM   429  C  C   . ASN A 1 55  ? 8.795   5.748   4.969   1.00 16.21 ? 276 ASN A C   1 
ATOM   430  O  O   . ASN A 1 55  ? 7.921   5.550   5.805   1.00 14.13 ? 276 ASN A O   1 
ATOM   431  C  CB  . ASN A 1 55  ? 11.209  5.839   5.481   1.00 18.11 ? 276 ASN A CB  1 
ATOM   432  C  CG  . ASN A 1 55  ? 10.875  6.393   6.808   1.00 20.90 ? 276 ASN A CG  1 
ATOM   433  O  OD1 . ASN A 1 55  ? 10.601  5.650   7.812   1.00 21.55 ? 276 ASN A OD1 1 
ATOM   434  N  ND2 . ASN A 1 55  ? 10.763  7.693   6.838   1.00 25.28 ? 276 ASN A ND2 1 
ATOM   435  N  N   . LYS A 1 56  ? 8.631   6.647   4.013   1.00 15.84 ? 277 LYS A N   1 
ATOM   436  C  CA  . LYS A 1 56  ? 7.388   7.427   3.967   1.00 17.85 ? 277 LYS A CA  1 
ATOM   437  C  C   . LYS A 1 56  ? 6.191   6.496   3.640   1.00 16.79 ? 277 LYS A C   1 
ATOM   438  O  O   . LYS A 1 56  ? 5.045   6.696   4.084   1.00 15.18 ? 277 LYS A O   1 
ATOM   439  C  CB  . LYS A 1 56  ? 7.504   8.511   2.860   1.00 19.88 ? 277 LYS A CB  1 
ATOM   440  C  CG  . LYS A 1 56  ? 6.247   9.400   2.681   1.00 21.52 ? 277 LYS A CG  1 
ATOM   441  C  CD  . LYS A 1 56  ? 5.871   10.047  4.011   1.00 24.70 ? 277 LYS A CD  1 
ATOM   442  C  CE  . LYS A 1 56  ? 5.078   11.417  3.904   1.00 25.33 ? 277 LYS A CE  1 
ATOM   443  N  NZ  . LYS A 1 56  ? 4.641   12.058  5.227   1.00 25.30 ? 277 LYS A NZ  1 
ATOM   444  N  N   . CYS A 1 57  ? 6.460   5.511   2.793   1.00 16.16 ? 278 CYS A N   1 
ATOM   445  C  CA  . CYS A 1 57  ? 5.420   4.558   2.403   1.00 14.23 ? 278 CYS A CA  1 
ATOM   446  C  C   . CYS A 1 57  ? 4.917   3.835   3.637   1.00 15.46 ? 278 CYS A C   1 
ATOM   447  O  O   . CYS A 1 57  ? 3.717   3.744   3.878   1.00 14.07 ? 278 CYS A O   1 
ATOM   448  C  CB  . CYS A 1 57  ? 6.032   3.554   1.456   1.00 13.64 ? 278 CYS A CB  1 
ATOM   449  S  SG  . CYS A 1 57  ? 4.992   2.091   1.033   1.00 15.33 ? 278 CYS A SG  1 
ATOM   450  N  N   . ARG A 1 58  ? 5.843   3.313   4.430   1.00 15.48 ? 279 ARG A N   1 
ATOM   451  C  CA  . ARG A 1 58  ? 5.460   2.701   5.688   1.00 16.41 ? 279 ARG A CA  1 
ATOM   452  C  C   . ARG A 1 58  ? 4.686   3.678   6.604   1.00 16.95 ? 279 ARG A C   1 
ATOM   453  O  O   . ARG A 1 58  ? 3.620   3.360   7.124   1.00 16.96 ? 279 ARG A O   1 
ATOM   454  C  CB  . ARG A 1 58  ? 6.672   2.107   6.382   1.00 15.70 ? 279 ARG A CB  1 
ATOM   455  C  CG  . ARG A 1 58  ? 7.169   0.971   5.621   1.00 16.87 ? 279 ARG A CG  1 
ATOM   456  C  CD  . ARG A 1 58  ? 8.326   0.256   6.313   1.00 15.62 ? 279 ARG A CD  1 
ATOM   457  N  NE  . ARG A 1 58  ? 9.641   0.928   6.242   1.00 13.95 ? 279 ARG A NE  1 
ATOM   458  C  CZ  . ARG A 1 58  ? 10.657  0.556   5.490   1.00 12.38 ? 279 ARG A CZ  1 
ATOM   459  N  NH1 . ARG A 1 58  ? 10.527  -0.409  4.610   1.00 16.05 ? 279 ARG A NH1 1 
ATOM   460  N  NH2 . ARG A 1 58  ? 11.806  1.168   5.591   1.00 13.77 ? 279 ARG A NH2 1 
ATOM   461  N  N   . GLU A 1 59  ? 5.195   4.876   6.773   1.00 18.01 ? 280 GLU A N   1 
ATOM   462  C  CA  . GLU A 1 59  ? 4.496   5.837   7.604   1.00 19.19 ? 280 GLU A CA  1 
ATOM   463  C  C   . GLU A 1 59  ? 3.055   5.988   7.143   1.00 19.37 ? 280 GLU A C   1 
ATOM   464  O  O   . GLU A 1 59  ? 2.131   5.966   7.945   1.00 16.73 ? 280 GLU A O   1 
ATOM   465  C  CB  . GLU A 1 59  ? 5.187   7.199   7.524   1.00 21.75 ? 280 GLU A CB  1 
ATOM   466  C  CG  . GLU A 1 59  ? 4.537   8.293   8.370   1.00 23.83 ? 280 GLU A CG  1 
ATOM   467  C  CD  . GLU A 1 59  ? 5.005   9.647   7.947   1.00 25.16 ? 280 GLU A CD  1 
ATOM   468  O  OE1 . GLU A 1 59  ? 6.189   9.879   8.212   1.00 25.82 ? 280 GLU A OE1 1 
ATOM   469  O  OE2 . GLU A 1 59  ? 4.222   10.453  7.341   1.00 26.23 ? 280 GLU A OE2 1 
ATOM   470  N  N   . LEU A 1 60  ? 2.868   6.133   5.832   1.00 16.77 ? 281 LEU A N   1 
ATOM   471  C  CA  . LEU A 1 60  ? 1.540   6.358   5.295   1.00 16.95 ? 281 LEU A CA  1 
ATOM   472  C  C   . LEU A 1 60  ? 0.610   5.108   5.489   1.00 16.07 ? 281 LEU A C   1 
ATOM   473  O  O   . LEU A 1 60  ? -0.564  5.213   5.827   1.00 15.95 ? 281 LEU A O   1 
ATOM   474  C  CB  . LEU A 1 60  ? 1.710   6.757   3.814   1.00 16.27 ? 281 LEU A CB  1 
ATOM   475  C  CG  . LEU A 1 60  ? 2.167   8.223   3.597   1.00 16.85 ? 281 LEU A CG  1 
ATOM   476  C  CD1 . LEU A 1 60  ? 2.190   8.551   2.126   1.00 14.93 ? 281 LEU A CD1 1 
ATOM   477  C  CD2 . LEU A 1 60  ? 1.216   9.235   4.335   1.00 15.07 ? 281 LEU A CD2 1 
ATOM   478  N  N   . CYS A 1 61  ? 1.168   3.921   5.264   1.00 16.98 ? 282 CYS A N   1 
ATOM   479  C  CA  . CYS A 1 61  ? 0.481   2.635   5.520   1.00 15.02 ? 282 CYS A CA  1 
ATOM   480  C  C   . CYS A 1 61  ? -0.051  2.504   6.951   1.00 14.11 ? 282 CYS A C   1 
ATOM   481  O  O   . CYS A 1 61  ? -1.190  2.054   7.158   1.00 11.71 ? 282 CYS A O   1 
ATOM   482  C  CB  . CYS A 1 61  ? 1.436   1.491   5.188   1.00 14.28 ? 282 CYS A CB  1 
ATOM   483  S  SG  . CYS A 1 61  ? 1.569   1.173   3.430   1.00 15.88 ? 282 CYS A SG  1 
ATOM   484  N  N   . GLU A 1 62  ? 0.790   2.920   7.922   1.00 15.24 ? 283 GLU A N   1 
ATOM   485  C  CA  . GLU A 1 62  ? 0.430   2.931   9.339   1.00 16.37 ? 283 GLU A CA  1 
ATOM   486  C  C   . GLU A 1 62  ? -0.792  3.848   9.602   1.00 17.23 ? 283 GLU A C   1 
ATOM   487  O  O   . GLU A 1 62  ? -1.774  3.470   10.283  1.00 15.95 ? 283 GLU A O   1 
ATOM   488  C  CB  . GLU A 1 62  ? 1.636   3.374   10.183  1.00 17.55 ? 283 GLU A CB  1 
ATOM   489  C  CG  . GLU A 1 62  ? 2.801   2.361   10.226  1.00 19.77 ? 283 GLU A CG  1 
ATOM   490  C  CD  . GLU A 1 62  ? 4.079   2.965   10.773  1.00 19.62 ? 283 GLU A CD  1 
ATOM   491  O  OE1 . GLU A 1 62  ? 4.093   4.165   11.058  1.00 22.92 ? 283 GLU A OE1 1 
ATOM   492  O  OE2 . GLU A 1 62  ? 5.114   2.297   10.857  1.00 19.63 ? 283 GLU A OE2 1 
ATOM   493  N  N   . LYS A 1 63  ? -0.761  5.055   9.041   1.00 17.32 ? 284 LYS A N   1 
ATOM   494  C  CA  . LYS A 1 63  ? -1.914  5.982   9.186   1.00 17.28 ? 284 LYS A CA  1 
ATOM   495  C  C   . LYS A 1 63  ? -3.194  5.392   8.573   1.00 17.58 ? 284 LYS A C   1 
ATOM   496  O  O   . LYS A 1 63  ? -4.317  5.456   9.121   1.00 15.54 ? 284 LYS A O   1 
ATOM   497  C  CB  . LYS A 1 63  ? -1.579  7.294   8.504   1.00 17.42 ? 284 LYS A CB  1 
ATOM   498  N  N   . ALA A 1 64  ? -3.028  4.819   7.387   1.00 19.04 ? 285 ALA A N   1 
ATOM   499  C  CA  . ALA A 1 64  ? -4.169  4.208   6.659   1.00 19.66 ? 285 ALA A CA  1 
ATOM   500  C  C   . ALA A 1 64  ? -4.813  3.159   7.544   1.00 19.75 ? 285 ALA A C   1 
ATOM   501  O  O   . ALA A 1 64  ? -6.020  3.112   7.631   1.00 23.33 ? 285 ALA A O   1 
ATOM   502  C  CB  . ALA A 1 64  ? -3.739  3.657   5.333   1.00 17.65 ? 285 ALA A CB  1 
ATOM   503  N  N   . ILE A 1 65  ? -3.984  2.368   8.242   1.00 21.97 ? 286 ILE A N   1 
ATOM   504  C  CA  . ILE A 1 65  ? -4.440  1.339   9.170   1.00 21.18 ? 286 ILE A CA  1 
ATOM   505  C  C   . ILE A 1 65  ? -5.192  1.914   10.345  1.00 24.96 ? 286 ILE A C   1 
ATOM   506  O  O   . ILE A 1 65  ? -6.298  1.413   10.637  1.00 25.82 ? 286 ILE A O   1 
ATOM   507  C  CB  . ILE A 1 65  ? -3.265  0.388   9.639   1.00 20.71 ? 286 ILE A CB  1 
ATOM   508  C  CG1 . ILE A 1 65  ? -2.742  -0.457  8.464   1.00 20.31 ? 286 ILE A CG1 1 
ATOM   509  C  CG2 . ILE A 1 65  ? -3.684  -0.531  10.766  1.00 18.38 ? 286 ILE A CG2 1 
ATOM   510  C  CD1 . ILE A 1 65  ? -1.545  -1.279  8.870   1.00 20.82 ? 286 ILE A CD1 1 
ATOM   511  N  N   . GLU A 1 66  ? -4.663  2.965   11.004  1.00 26.31 ? 287 GLU A N   1 
ATOM   512  C  CA  . GLU A 1 66  ? -5.444  3.597   12.103  1.00 27.61 ? 287 GLU A CA  1 
ATOM   513  C  C   . GLU A 1 66  ? -6.810  4.102   11.584  1.00 26.00 ? 287 GLU A C   1 
ATOM   514  O  O   . GLU A 1 66  ? -7.797  3.884   12.235  1.00 21.95 ? 287 GLU A O   1 
ATOM   515  C  CB  . GLU A 1 66  ? -4.759  4.783   12.761  1.00 30.74 ? 287 GLU A CB  1 
ATOM   516  C  CG  . GLU A 1 66  ? -3.321  4.640   13.094  1.00 33.59 ? 287 GLU A CG  1 
ATOM   517  C  CD  . GLU A 1 66  ? -2.817  5.871   13.828  1.00 36.44 ? 287 GLU A CD  1 
ATOM   518  O  OE1 . GLU A 1 66  ? -2.936  7.016   13.276  1.00 36.53 ? 287 GLU A OE1 1 
ATOM   519  O  OE2 . GLU A 1 66  ? -2.335  5.657   14.980  1.00 38.67 ? 287 GLU A OE2 1 
ATOM   520  N  N   . VAL A 1 67  ? -6.869  4.735   10.397  1.00 25.88 ? 288 VAL A N   1 
ATOM   521  C  CA  . VAL A 1 67  ? -8.156  5.211   9.832   1.00 27.29 ? 288 VAL A CA  1 
ATOM   522  C  C   . VAL A 1 67  ? -9.105  4.030   9.554   1.00 28.41 ? 288 VAL A C   1 
ATOM   523  O  O   . VAL A 1 67  ? -10.265 4.091   9.868   1.00 29.40 ? 288 VAL A O   1 
ATOM   524  C  CB  . VAL A 1 67  ? -7.964  6.067   8.528   1.00 28.36 ? 288 VAL A CB  1 
ATOM   525  C  CG1 . VAL A 1 67  ? -9.308  6.456   7.896   1.00 28.61 ? 288 VAL A CG1 1 
ATOM   526  C  CG2 . VAL A 1 67  ? -7.212  7.283   8.870   1.00 27.82 ? 288 VAL A CG2 1 
ATOM   527  N  N   . GLY A 1 68  ? -8.586  2.946   8.986   1.00 27.94 ? 289 GLY A N   1 
ATOM   528  C  CA  . GLY A 1 68  ? -9.387  1.784   8.745   1.00 28.62 ? 289 GLY A CA  1 
ATOM   529  C  C   . GLY A 1 68  ? -9.909  1.034   9.957   1.00 29.33 ? 289 GLY A C   1 
ATOM   530  O  O   . GLY A 1 68  ? -11.042 0.526   9.924   1.00 29.34 ? 289 GLY A O   1 
ATOM   531  N  N   . ARG A 1 69  ? -9.121  0.921   11.018  1.00 30.98 ? 290 ARG A N   1 
ATOM   532  C  CA  . ARG A 1 69  ? -9.620  0.228   12.218  1.00 32.70 ? 290 ARG A CA  1 
ATOM   533  C  C   . ARG A 1 69  ? -10.846 0.970   12.834  1.00 35.09 ? 290 ARG A C   1 
ATOM   534  O  O   . ARG A 1 69  ? -11.687 0.367   13.534  1.00 32.19 ? 290 ARG A O   1 
ATOM   535  C  CB  . ARG A 1 69  ? -8.524  0.119   13.272  1.00 33.26 ? 290 ARG A CB  1 
ATOM   536  C  CG  . ARG A 1 69  ? -7.376  -0.789  12.901  1.00 32.99 ? 290 ARG A CG  1 
ATOM   537  C  CD  . ARG A 1 69  ? -7.771  -2.253  12.887  1.00 33.13 ? 290 ARG A CD  1 
ATOM   538  N  NE  . ARG A 1 69  ? -6.579  -3.092  12.670  1.00 32.58 ? 290 ARG A NE  1 
ATOM   539  C  CZ  . ARG A 1 69  ? -6.541  -4.318  12.137  1.00 32.01 ? 290 ARG A CZ  1 
ATOM   540  N  NH1 . ARG A 1 69  ? -7.627  -4.910  11.673  1.00 31.81 ? 290 ARG A NH1 1 
ATOM   541  N  NH2 . ARG A 1 69  ? -5.365  -4.940  12.022  1.00 31.74 ? 290 ARG A NH2 1 
ATOM   542  N  N   . GLU A 1 70  ? -10.886 2.289   12.590  1.00 37.35 ? 291 GLU A N   1 
ATOM   543  C  CA  . GLU A 1 70  ? -12.025 3.137   12.942  1.00 39.04 ? 291 GLU A CA  1 
ATOM   544  C  C   . GLU A 1 70  ? -13.242 2.757   12.090  1.00 41.13 ? 291 GLU A C   1 
ATOM   545  O  O   . GLU A 1 70  ? -14.327 2.568   12.638  1.00 43.65 ? 291 GLU A O   1 
ATOM   546  C  CB  . GLU A 1 70  ? -11.671 4.623   12.783  1.00 37.75 ? 291 GLU A CB  1 
ATOM   547  N  N   . ASN A 1 71  ? -13.063 2.615   10.771  1.00 41.42 ? 292 ASN A N   1 
ATOM   548  C  CA  . ASN A 1 71  ? -14.158 2.216   9.865   1.00 41.74 ? 292 ASN A CA  1 
ATOM   549  C  C   . ASN A 1 71  ? -14.760 0.921   10.331  1.00 40.93 ? 292 ASN A C   1 
ATOM   550  O  O   . ASN A 1 71  ? -15.520 0.587   9.578   1.00 48.72 ? 292 ASN A O   1 
ATOM   551  C  CB  . ASN A 1 71  ? -13.637 2.026   8.447   1.00 41.86 ? 292 ASN A CB  1 
ATOM   552  N  N   . ARG A 1 72  ? -13.843 -0.009  10.576  1.00 40.82 ? 293 ARG A N   1 
ATOM   553  C  CA  . ARG A 1 72  ? -14.180 -1.306  11.127  1.00 39.63 ? 293 ARG A CA  1 
ATOM   554  C  C   . ARG A 1 72  ? -14.608 -2.330  10.092  1.00 39.04 ? 293 ARG A C   1 
ATOM   555  O  O   . ARG A 1 72  ? -14.559 -3.518  10.384  1.00 40.87 ? 293 ARG A O   1 
ATOM   556  C  CB  . ARG A 1 72  ? -15.206 -1.108  12.266  0.00 45.30 ? 293 ARG A CB  1 
ATOM   557  N  N   . GLU A 1 73  ? -15.039 -1.878  8.910   1.00 37.78 ? 294 GLU A N   1 
ATOM   558  C  CA  . GLU A 1 73  ? -15.446 -2.762  7.805   1.00 36.23 ? 294 GLU A CA  1 
ATOM   559  C  C   . GLU A 1 73  ? -14.356 -3.056  6.715   1.00 34.22 ? 294 GLU A C   1 
ATOM   560  O  O   . GLU A 1 73  ? -14.637 -3.712  5.690   1.00 31.59 ? 294 GLU A O   1 
ATOM   561  C  CB  . GLU A 1 73  ? -16.685 -2.142  7.129   1.00 36.14 ? 294 GLU A CB  1 
ATOM   562  N  N   . ASP A 1 74  ? -13.126 -2.595  6.947   1.00 32.03 ? 295 ASP A N   1 
ATOM   563  C  CA  . ASP A 1 74  ? -12.119 -2.448  5.886   1.00 30.67 ? 295 ASP A CA  1 
ATOM   564  C  C   . ASP A 1 74  ? -10.959 -3.483  5.953   1.00 27.18 ? 295 ASP A C   1 
ATOM   565  O  O   . ASP A 1 74  ? -9.843  -3.205  5.529   1.00 24.95 ? 295 ASP A O   1 
ATOM   566  C  CB  . ASP A 1 74  ? -11.506 -1.048  5.974   1.00 32.10 ? 295 ASP A CB  1 
ATOM   567  C  CG  . ASP A 1 74  ? -12.415 0.062   5.453   1.00 33.12 ? 295 ASP A CG  1 
ATOM   568  O  OD1 . ASP A 1 74  ? -13.251 -0.120  4.526   1.00 35.12 ? 295 ASP A OD1 1 
ATOM   569  O  OD2 . ASP A 1 74  ? -12.202 1.173   5.961   1.00 33.30 ? 295 ASP A OD2 1 
ATOM   570  N  N   . TYR A 1 75  ? -11.227 -4.659  6.503   1.00 23.54 ? 296 TYR A N   1 
ATOM   571  C  CA  . TYR A 1 75  ? -10.201 -5.709  6.586   1.00 21.44 ? 296 TYR A CA  1 
ATOM   572  C  C   . TYR A 1 75  ? -9.392  -5.965  5.308   1.00 19.26 ? 296 TYR A C   1 
ATOM   573  O  O   . TYR A 1 75  ? -8.200  -6.285  5.393   1.00 19.55 ? 296 TYR A O   1 
ATOM   574  C  CB  . TYR A 1 75  ? -10.798 -7.017  7.132   1.00 19.69 ? 296 TYR A CB  1 
ATOM   575  C  CG  . TYR A 1 75  ? -11.775 -7.674  6.160   1.00 18.50 ? 296 TYR A CG  1 
ATOM   576  C  CD1 . TYR A 1 75  ? -11.360 -8.734  5.378   1.00 19.02 ? 296 TYR A CD1 1 
ATOM   577  C  CD2 . TYR A 1 75  ? -13.101 -7.267  6.072   1.00 17.64 ? 296 TYR A CD2 1 
ATOM   578  C  CE1 . TYR A 1 75  ? -12.199 -9.378  4.524   1.00 18.94 ? 296 TYR A CE1 1 
ATOM   579  C  CE2 . TYR A 1 75  ? -13.988 -7.911  5.221   1.00 17.87 ? 296 TYR A CE2 1 
ATOM   580  C  CZ  . TYR A 1 75  ? -13.526 -8.960  4.432   1.00 17.60 ? 296 TYR A CZ  1 
ATOM   581  O  OH  . TYR A 1 75  ? -14.322 -9.584  3.524   1.00 17.45 ? 296 TYR A OH  1 
ATOM   582  N  N   . ARG A 1 76  ? -10.011 -5.851  4.135   1.00 19.18 ? 297 ARG A N   1 
ATOM   583  C  CA  . ARG A 1 76  ? -9.304  -6.133  2.882   1.00 19.72 ? 297 ARG A CA  1 
ATOM   584  C  C   . ARG A 1 76  ? -8.288  -4.975  2.581   1.00 19.06 ? 297 ARG A C   1 
ATOM   585  O  O   . ARG A 1 76  ? -7.156  -5.214  2.178   1.00 16.34 ? 297 ARG A O   1 
ATOM   586  C  CB  . ARG A 1 76  ? -10.263 -6.307  1.689   1.00 21.04 ? 297 ARG A CB  1 
ATOM   587  C  CG  . ARG A 1 76  ? -11.207 -7.572  1.752   1.00 22.21 ? 297 ARG A CG  1 
ATOM   588  C  CD  . ARG A 1 76  ? -12.125 -7.600  0.489   1.00 21.95 ? 297 ARG A CD  1 
ATOM   589  N  NE  . ARG A 1 76  ? -12.860 -8.869  0.240   1.00 21.40 ? 297 ARG A NE  1 
ATOM   590  C  CZ  . ARG A 1 76  ? -13.715 -9.037  -0.766  1.00 20.29 ? 297 ARG A CZ  1 
ATOM   591  N  NH1 . ARG A 1 76  ? -13.943 -8.025  -1.593  1.00 21.54 ? 297 ARG A NH1 1 
ATOM   592  N  NH2 . ARG A 1 76  ? -14.331 -10.179 -0.972  1.00 19.00 ? 297 ARG A NH2 1 
ATOM   593  N  N   . GLN A 1 77  ? -8.672  -3.746  2.840   1.00 16.68 ? 298 GLN A N   1 
ATOM   594  C  CA  . GLN A 1 77  ? -7.719  -2.644  2.614   1.00 20.06 ? 298 GLN A CA  1 
ATOM   595  C  C   . GLN A 1 77  ? -6.619  -2.634  3.690   1.00 18.20 ? 298 GLN A C   1 
ATOM   596  O  O   . GLN A 1 77  ? -5.494  -2.318  3.377   1.00 18.24 ? 298 GLN A O   1 
ATOM   597  C  CB  . GLN A 1 77  ? -8.424  -1.287  2.557   1.00 21.29 ? 298 GLN A CB  1 
ATOM   598  C  CG  . GLN A 1 77  ? -7.712  -0.196  1.736   1.00 21.88 ? 298 GLN A CG  1 
ATOM   599  C  CD  . GLN A 1 77  ? -7.486  -0.597  0.303   1.00 23.30 ? 298 GLN A CD  1 
ATOM   600  O  OE1 . GLN A 1 77  ? -8.248  -1.386  -0.248  1.00 22.38 ? 298 GLN A OE1 1 
ATOM   601  N  NE2 . GLN A 1 77  ? -6.383  -0.098  -0.306  1.00 25.07 ? 298 GLN A NE2 1 
ATOM   602  N  N   . ILE A 1 78  ? -6.960  -3.039  4.917   1.00 16.50 ? 299 ILE A N   1 
ATOM   603  C  CA  . ILE A 1 78  ? -6.019  -3.189  5.991   1.00 17.54 ? 299 ILE A CA  1 
ATOM   604  C  C   . ILE A 1 78  ? -4.999  -4.227  5.569   1.00 16.98 ? 299 ILE A C   1 
ATOM   605  O  O   . ILE A 1 78  ? -3.779  -3.995  5.670   1.00 16.18 ? 299 ILE A O   1 
ATOM   606  C  CB  . ILE A 1 78  ? -6.719  -3.563  7.379   1.00 18.22 ? 299 ILE A CB  1 
ATOM   607  C  CG1 . ILE A 1 78  ? -7.509  -2.367  7.921   1.00 19.30 ? 299 ILE A CG1 1 
ATOM   608  C  CG2 . ILE A 1 78  ? -5.652  -3.959  8.443   1.00 18.65 ? 299 ILE A CG2 1 
ATOM   609  C  CD1 . ILE A 1 78  ? -8.174  -2.571  9.253   1.00 18.98 ? 299 ILE A CD1 1 
ATOM   610  N  N   . ALA A 1 79  ? -5.493  -5.379  5.127   1.00 16.95 ? 300 ALA A N   1 
ATOM   611  C  CA  . ALA A 1 79  ? -4.653  -6.424  4.474   1.00 15.98 ? 300 ALA A CA  1 
ATOM   612  C  C   . ALA A 1 79  ? -3.696  -5.887  3.411   1.00 15.75 ? 300 ALA A C   1 
ATOM   613  O  O   . ALA A 1 79  ? -2.497  -6.285  3.329   1.00 11.48 ? 300 ALA A O   1 
ATOM   614  C  CB  . ALA A 1 79  ? -5.579  -7.477  3.848   1.00 15.67 ? 300 ALA A CB  1 
ATOM   615  N  N   . LYS A 1 80  ? -4.218  -4.998  2.541   1.00 15.75 ? 301 LYS A N   1 
ATOM   616  C  CA  . LYS A 1 80  ? -3.371  -4.397  1.498   1.00 14.35 ? 301 LYS A CA  1 
ATOM   617  C  C   . LYS A 1 80  ? -2.267  -3.512  2.069   1.00 13.07 ? 301 LYS A C   1 
ATOM   618  O  O   . LYS A 1 80  ? -1.112  -3.509  1.583   1.00 12.38 ? 301 LYS A O   1 
ATOM   619  C  CB  . LYS A 1 80  ? -4.223  -3.586  0.504   1.00 16.81 ? 301 LYS A CB  1 
ATOM   620  C  CG  . LYS A 1 80  ? -5.091  -4.487  -0.408  1.00 18.80 ? 301 LYS A CG  1 
ATOM   621  C  CD  . LYS A 1 80  ? -6.024  -3.686  -1.362  1.00 20.26 ? 301 LYS A CD  1 
ATOM   622  C  CE  . LYS A 1 80  ? -6.619  -4.590  -2.414  1.00 20.57 ? 301 LYS A CE  1 
ATOM   623  N  NZ  . LYS A 1 80  ? -7.629  -3.948  -3.336  1.00 22.09 ? 301 LYS A NZ  1 
ATOM   624  N  N   . ALA A 1 81  ? -2.632  -2.733  3.084   1.00 13.25 ? 302 ALA A N   1 
ATOM   625  C  CA  . ALA A 1 81  ? -1.702  -1.817  3.715   1.00 12.74 ? 302 ALA A CA  1 
ATOM   626  C  C   . ALA A 1 81  ? -0.589  -2.594  4.393   1.00 11.99 ? 302 ALA A C   1 
ATOM   627  O  O   . ALA A 1 81  ? 0.590   -2.249  4.264   1.00 11.95 ? 302 ALA A O   1 
ATOM   628  C  CB  . ALA A 1 81  ? -2.390  -0.959  4.658   1.00 8.79  ? 302 ALA A CB  1 
ATOM   629  N  N   . TYR A 1 82  ? -0.910  -3.617  5.162   1.00 14.64 ? 303 TYR A N   1 
ATOM   630  C  CA  . TYR A 1 82  ? 0.191   -4.498  5.690   1.00 14.33 ? 303 TYR A CA  1 
ATOM   631  C  C   . TYR A 1 82  ? 1.078   -5.135  4.574   1.00 15.89 ? 303 TYR A C   1 
ATOM   632  O  O   . TYR A 1 82  ? 2.312   -5.128  4.663   1.00 19.26 ? 303 TYR A O   1 
ATOM   633  C  CB  . TYR A 1 82  ? -0.390  -5.640  6.481   1.00 13.94 ? 303 TYR A CB  1 
ATOM   634  C  CG  . TYR A 1 82  ? -0.934  -5.344  7.802   1.00 13.87 ? 303 TYR A CG  1 
ATOM   635  C  CD1 . TYR A 1 82  ? -2.197  -5.863  8.190   1.00 15.80 ? 303 TYR A CD1 1 
ATOM   636  C  CD2 . TYR A 1 82  ? -0.214  -4.577  8.724   1.00 15.42 ? 303 TYR A CD2 1 
ATOM   637  C  CE1 . TYR A 1 82  ? -2.735  -5.619  9.487   1.00 15.79 ? 303 TYR A CE1 1 
ATOM   638  C  CE2 . TYR A 1 82  ? -0.727  -4.300  10.002  1.00 14.89 ? 303 TYR A CE2 1 
ATOM   639  C  CZ  . TYR A 1 82  ? -1.979  -4.813  10.381  1.00 15.89 ? 303 TYR A CZ  1 
ATOM   640  O  OH  . TYR A 1 82  ? -2.410  -4.527  11.650  1.00 15.35 ? 303 TYR A OH  1 
ATOM   641  N  N   . ALA A 1 83  ? 0.469   -5.663  3.499   1.00 15.33 ? 304 ALA A N   1 
ATOM   642  C  CA  . ALA A 1 83  ? 1.267   -6.281  2.456   1.00 14.94 ? 304 ALA A CA  1 
ATOM   643  C  C   . ALA A 1 83  ? 2.137   -5.240  1.786   1.00 14.58 ? 304 ALA A C   1 
ATOM   644  O  O   . ALA A 1 83  ? 3.236   -5.565  1.443   1.00 14.47 ? 304 ALA A O   1 
ATOM   645  C  CB  . ALA A 1 83  ? 0.421   -7.053  1.423   1.00 13.08 ? 304 ALA A CB  1 
ATOM   646  N  N   . ARG A 1 84  ? 1.673   -3.994  1.641   1.00 14.58 ? 305 ARG A N   1 
ATOM   647  C  CA  . ARG A 1 84  ? 2.566   -2.881  1.134   1.00 15.14 ? 305 ARG A CA  1 
ATOM   648  C  C   . ARG A 1 84  ? 3.712   -2.618  2.081   1.00 12.30 ? 305 ARG A C   1 
ATOM   649  O  O   . ARG A 1 84  ? 4.834   -2.408  1.660   1.00 13.66 ? 305 ARG A O   1 
ATOM   650  C  CB  . ARG A 1 84  ? 1.797   -1.583  0.873   1.00 13.62 ? 305 ARG A CB  1 
ATOM   651  C  CG  . ARG A 1 84  ? 2.656   -0.379  0.353   1.00 16.09 ? 305 ARG A CG  1 
ATOM   652  C  CD  . ARG A 1 84  ? 1.811   0.548   -0.517  1.00 17.55 ? 305 ARG A CD  1 
ATOM   653  N  NE  . ARG A 1 84  ? 1.298   -0.204  -1.675  1.00 17.82 ? 305 ARG A NE  1 
ATOM   654  C  CZ  . ARG A 1 84  ? 0.107   -0.075  -2.273  1.00 16.44 ? 305 ARG A CZ  1 
ATOM   655  N  NH1 . ARG A 1 84  ? -0.819  0.816   -1.907  1.00 14.18 ? 305 ARG A NH1 1 
ATOM   656  N  NH2 . ARG A 1 84  ? -0.173  -0.886  -3.281  1.00 16.04 ? 305 ARG A NH2 1 
ATOM   657  N  N   . ILE A 1 85  ? 3.464   -2.657  3.384   1.00 14.77 ? 306 ILE A N   1 
ATOM   658  C  CA  . ILE A 1 85  ? 4.584   -2.491  4.310   1.00 13.39 ? 306 ILE A CA  1 
ATOM   659  C  C   . ILE A 1 85  ? 5.533   -3.697  4.076   1.00 14.46 ? 306 ILE A C   1 
ATOM   660  O  O   . ILE A 1 85  ? 6.746   -3.576  3.946   1.00 13.35 ? 306 ILE A O   1 
ATOM   661  C  CB  . ILE A 1 85  ? 4.129   -2.441  5.801   1.00 13.79 ? 306 ILE A CB  1 
ATOM   662  C  CG1 . ILE A 1 85  ? 3.207   -1.234  6.079   1.00 14.82 ? 306 ILE A CG1 1 
ATOM   663  C  CG2 . ILE A 1 85  ? 5.393   -2.522  6.785   1.00 12.48 ? 306 ILE A CG2 1 
ATOM   664  C  CD1 . ILE A 1 85  ? 2.622   -1.327  7.462   1.00 15.26 ? 306 ILE A CD1 1 
ATOM   665  N  N   . GLY A 1 86  ? 4.985   -4.888  4.015   1.00 13.79 ? 307 GLY A N   1 
ATOM   666  C  CA  . GLY A 1 86  ? 5.845   -6.033  3.674   1.00 14.05 ? 307 GLY A CA  1 
ATOM   667  C  C   . GLY A 1 86  ? 6.684   -5.849  2.423   1.00 12.39 ? 307 GLY A C   1 
ATOM   668  O  O   . GLY A 1 86  ? 7.883   -6.045  2.442   1.00 15.83 ? 307 GLY A O   1 
ATOM   669  N  N   . ASN A 1 87  ? 6.037   -5.414  1.348   1.00 12.41 ? 308 ASN A N   1 
ATOM   670  C  CA  . ASN A 1 87  ? 6.732   -5.148  0.122   1.00 12.06 ? 308 ASN A CA  1 
ATOM   671  C  C   . ASN A 1 87  ? 7.911   -4.124  0.260   1.00 11.07 ? 308 ASN A C   1 
ATOM   672  O  O   . ASN A 1 87  ? 9.010   -4.336  -0.214  1.00 10.68 ? 308 ASN A O   1 
ATOM   673  C  CB  . ASN A 1 87  ? 5.745   -4.731  -0.956  1.00 10.91 ? 308 ASN A CB  1 
ATOM   674  C  CG  . ASN A 1 87  ? 5.076   -5.945  -1.625  1.00 14.13 ? 308 ASN A CG  1 
ATOM   675  O  OD1 . ASN A 1 87  ? 5.198   -7.108  -1.146  1.00 12.97 ? 308 ASN A OD1 1 
ATOM   676  N  ND2 . ASN A 1 87  ? 4.456   -5.689  -2.792  1.00 12.01 ? 308 ASN A ND2 1 
ATOM   677  N  N   . SER A 1 88  ? 7.668   -3.084  1.016   1.00 12.80 ? 309 SER A N   1 
ATOM   678  C  CA  . SER A 1 88  ? 8.683   -2.070  1.254   1.00 12.09 ? 309 SER A CA  1 
ATOM   679  C  C   . SER A 1 88  ? 9.868   -2.616  2.032   1.00 11.28 ? 309 SER A C   1 
ATOM   680  O  O   . SER A 1 88  ? 10.996  -2.281  1.728   1.00 14.27 ? 309 SER A O   1 
ATOM   681  C  CB  . SER A 1 88  ? 8.059   -0.876  1.945   1.00 11.99 ? 309 SER A CB  1 
ATOM   682  O  OG  . SER A 1 88  ? 7.925   -1.074  3.356   1.00 12.25 ? 309 SER A OG  1 
ATOM   683  N  N   . TYR A 1 89  ? 9.658   -3.504  2.976   1.00 12.13 ? 310 TYR A N   1 
ATOM   684  C  CA  . TYR A 1 89  ? 10.803  -4.204  3.563   1.00 10.95 ? 310 TYR A CA  1 
ATOM   685  C  C   . TYR A 1 89  ? 11.501  -5.129  2.604   1.00 13.40 ? 310 TYR A C   1 
ATOM   686  O  O   . TYR A 1 89  ? 12.769  -5.201  2.570   1.00 15.52 ? 310 TYR A O   1 
ATOM   687  C  CB  . TYR A 1 89  ? 10.386  -4.972  4.831   1.00 12.61 ? 310 TYR A CB  1 
ATOM   688  C  CG  . TYR A 1 89  ? 10.203  -4.110  6.049   1.00 13.45 ? 310 TYR A CG  1 
ATOM   689  C  CD1 . TYR A 1 89  ? 8.966   -3.943  6.619   1.00 12.83 ? 310 TYR A CD1 1 
ATOM   690  C  CD2 . TYR A 1 89  ? 11.259  -3.366  6.572   1.00 13.22 ? 310 TYR A CD2 1 
ATOM   691  C  CE1 . TYR A 1 89  ? 8.799   -3.116  7.701   1.00 14.07 ? 310 TYR A CE1 1 
ATOM   692  C  CE2 . TYR A 1 89  ? 11.101  -2.536  7.619   1.00 13.92 ? 310 TYR A CE2 1 
ATOM   693  C  CZ  . TYR A 1 89  ? 9.889   -2.425  8.211   1.00 15.23 ? 310 TYR A CZ  1 
ATOM   694  O  OH  . TYR A 1 89  ? 9.706   -1.610  9.285   1.00 12.55 ? 310 TYR A OH  1 
ATOM   695  N  N   . PHE A 1 90  ? 10.703  -5.882  1.832   1.00 14.80 ? 311 PHE A N   1 
ATOM   696  C  CA  . PHE A 1 90  ? 11.231  -6.825  0.841   1.00 16.14 ? 311 PHE A CA  1 
ATOM   697  C  C   . PHE A 1 90  ? 12.203  -6.103  -0.132  1.00 17.85 ? 311 PHE A C   1 
ATOM   698  O  O   . PHE A 1 90  ? 13.301  -6.605  -0.456  1.00 15.65 ? 311 PHE A O   1 
ATOM   699  C  CB  . PHE A 1 90  ? 10.051  -7.477  0.059   1.00 17.51 ? 311 PHE A CB  1 
ATOM   700  C  CG  . PHE A 1 90  ? 10.482  -8.601  -0.847  1.00 17.47 ? 311 PHE A CG  1 
ATOM   701  C  CD1 . PHE A 1 90  ? 10.229  -9.911  -0.498  1.00 17.65 ? 311 PHE A CD1 1 
ATOM   702  C  CD2 . PHE A 1 90  ? 11.183  -8.340  -2.016  1.00 18.27 ? 311 PHE A CD2 1 
ATOM   703  C  CE1 . PHE A 1 90  ? 10.652  -10.933 -1.295  1.00 18.64 ? 311 PHE A CE1 1 
ATOM   704  C  CE2 . PHE A 1 90  ? 11.636  -9.355  -2.808  1.00 19.37 ? 311 PHE A CE2 1 
ATOM   705  C  CZ  . PHE A 1 90  ? 11.367  -10.670 -2.449  1.00 18.85 ? 311 PHE A CZ  1 
ATOM   706  N  N   . LYS A 1 91  ? 11.803  -4.912  -0.566  1.00 19.83 ? 312 LYS A N   1 
ATOM   707  C  CA  . LYS A 1 91  ? 12.603  -4.118  -1.501  1.00 19.63 ? 312 LYS A CA  1 
ATOM   708  C  C   . LYS A 1 91  ? 13.971  -3.737  -0.893  1.00 19.23 ? 312 LYS A C   1 
ATOM   709  O  O   . LYS A 1 91  ? 14.931  -3.715  -1.602  1.00 18.88 ? 312 LYS A O   1 
ATOM   710  C  CB  . LYS A 1 91  ? 11.850  -2.841  -1.894  1.00 22.14 ? 312 LYS A CB  1 
ATOM   711  C  CG  . LYS A 1 91  ? 11.138  -2.907  -3.167  1.00 24.33 ? 312 LYS A CG  1 
ATOM   712  C  CD  . LYS A 1 91  ? 12.077  -3.123  -4.353  1.00 25.60 ? 312 LYS A CD  1 
ATOM   713  C  CE  . LYS A 1 91  ? 11.552  -2.485  -5.602  1.00 27.43 ? 312 LYS A CE  1 
ATOM   714  N  NZ  . LYS A 1 91  ? 12.338  -2.791  -6.851  1.00 28.12 ? 312 LYS A NZ  1 
ATOM   715  N  N   . GLU A 1 92  ? 14.026  -3.482  0.419   1.00 17.77 ? 313 GLU A N   1 
ATOM   716  C  CA  . GLU A 1 92  ? 15.241  -3.187  1.102   1.00 18.51 ? 313 GLU A CA  1 
ATOM   717  C  C   . GLU A 1 92  ? 16.013  -4.431  1.611   1.00 19.04 ? 313 GLU A C   1 
ATOM   718  O  O   . GLU A 1 92  ? 16.967  -4.292  2.347   1.00 18.19 ? 313 GLU A O   1 
ATOM   719  C  CB  . GLU A 1 92  ? 14.937  -2.265  2.309   1.00 17.53 ? 313 GLU A CB  1 
ATOM   720  C  CG  . GLU A 1 92  ? 14.151  -1.015  1.905   1.00 17.91 ? 313 GLU A CG  1 
ATOM   721  C  CD  . GLU A 1 92  ? 14.090  -0.012  3.046   1.00 17.87 ? 313 GLU A CD  1 
ATOM   722  O  OE1 . GLU A 1 92  ? 13.517  -0.344  4.116   1.00 18.07 ? 313 GLU A OE1 1 
ATOM   723  O  OE2 . GLU A 1 92  ? 14.621  1.098   2.860   1.00 15.70 ? 313 GLU A OE2 1 
ATOM   724  N  N   . GLU A 1 93  ? 15.567  -5.617  1.222   1.00 17.97 ? 314 GLU A N   1 
ATOM   725  C  CA  . GLU A 1 93  ? 16.136  -6.884  1.649   1.00 18.81 ? 314 GLU A CA  1 
ATOM   726  C  C   . GLU A 1 93  ? 15.997  -7.115  3.163   1.00 16.88 ? 314 GLU A C   1 
ATOM   727  O  O   . GLU A 1 93  ? 16.784  -7.764  3.771   1.00 16.84 ? 314 GLU A O   1 
ATOM   728  C  CB  . GLU A 1 93  ? 17.575  -7.032  1.133   1.00 21.79 ? 314 GLU A CB  1 
ATOM   729  C  CG  . GLU A 1 93  ? 17.689  -6.850  -0.404  1.00 25.25 ? 314 GLU A CG  1 
ATOM   730  C  CD  . GLU A 1 93  ? 19.142  -6.938  -0.882  1.00 28.96 ? 314 GLU A CD  1 
ATOM   731  O  OE1 . GLU A 1 93  ? 19.995  -7.569  -0.223  1.00 33.69 ? 314 GLU A OE1 1 
ATOM   732  O  OE2 . GLU A 1 93  ? 19.459  -6.361  -1.904  1.00 31.80 ? 314 GLU A OE2 1 
ATOM   733  N  N   . LYS A 1 94  ? 14.938  -6.615  3.760   1.00 15.58 ? 315 LYS A N   1 
ATOM   734  C  CA  . LYS A 1 94  ? 14.749  -6.777  5.206   1.00 16.64 ? 315 LYS A CA  1 
ATOM   735  C  C   . LYS A 1 94  ? 13.678  -7.833  5.411   1.00 15.51 ? 315 LYS A C   1 
ATOM   736  O  O   . LYS A 1 94  ? 12.569  -7.555  5.853   1.00 14.96 ? 315 LYS A O   1 
ATOM   737  C  CB  . LYS A 1 94  ? 14.397  -5.408  5.835   1.00 17.20 ? 315 LYS A CB  1 
ATOM   738  C  CG  . LYS A 1 94  ? 15.516  -4.316  5.671   1.00 15.55 ? 315 LYS A CG  1 
ATOM   739  C  CD  . LYS A 1 94  ? 14.945  -2.886  6.001   1.00 16.45 ? 315 LYS A CD  1 
ATOM   740  C  CE  . LYS A 1 94  ? 16.026  -1.819  5.892   1.00 16.12 ? 315 LYS A CE  1 
ATOM   741  N  NZ  . LYS A 1 94  ? 15.427  -0.476  5.973   1.00 15.01 ? 315 LYS A NZ  1 
ATOM   742  N  N   . TYR A 1 95  ? 14.059  -9.063  5.084   1.00 15.54 ? 316 TYR A N   1 
ATOM   743  C  CA  . TYR A 1 95  ? 13.118  -10.130 4.758   1.00 15.92 ? 316 TYR A CA  1 
ATOM   744  C  C   . TYR A 1 95  ? 12.298  -10.590 5.970   1.00 13.68 ? 316 TYR A C   1 
ATOM   745  O  O   . TYR A 1 95  ? 11.147  -10.977 5.799   1.00 12.73 ? 316 TYR A O   1 
ATOM   746  C  CB  . TYR A 1 95  ? 13.888  -11.350 4.157   1.00 16.60 ? 316 TYR A CB  1 
ATOM   747  C  CG  . TYR A 1 95  ? 14.432  -11.063 2.790   1.00 18.56 ? 316 TYR A CG  1 
ATOM   748  C  CD1 . TYR A 1 95  ? 15.788  -10.952 2.574   1.00 20.07 ? 316 TYR A CD1 1 
ATOM   749  C  CD2 . TYR A 1 95  ? 13.577  -10.792 1.751   1.00 20.97 ? 316 TYR A CD2 1 
ATOM   750  C  CE1 . TYR A 1 95  ? 16.296  -10.632 1.328   1.00 21.21 ? 316 TYR A CE1 1 
ATOM   751  C  CE2 . TYR A 1 95  ? 14.042  -10.487 0.512   1.00 21.92 ? 316 TYR A CE2 1 
ATOM   752  C  CZ  . TYR A 1 95  ? 15.425  -10.408 0.309   1.00 22.44 ? 316 TYR A CZ  1 
ATOM   753  O  OH  . TYR A 1 95  ? 15.906  -10.085 -0.911  1.00 26.63 ? 316 TYR A OH  1 
ATOM   754  N  N   . LYS A 1 96  ? 12.914  -10.620 7.170   1.00 14.40 ? 317 LYS A N   1 
ATOM   755  C  CA  . LYS A 1 96  ? 12.190  -11.029 8.399   1.00 15.68 ? 317 LYS A CA  1 
ATOM   756  C  C   . LYS A 1 96  ? 11.009  -10.086 8.614   1.00 16.66 ? 317 LYS A C   1 
ATOM   757  O  O   . LYS A 1 96  ? 9.899   -10.537 8.908   1.00 11.76 ? 317 LYS A O   1 
ATOM   758  C  CB  . LYS A 1 96  ? 13.089  -11.056 9.637   1.00 17.58 ? 317 LYS A CB  1 
ATOM   759  C  CG  . LYS A 1 96  ? 13.896  -12.377 9.777   1.00 20.30 ? 317 LYS A CG  1 
ATOM   760  C  CD  . LYS A 1 96  ? 14.812  -12.389 11.030  1.00 20.49 ? 317 LYS A CD  1 
ATOM   761  C  CE  . LYS A 1 96  ? 15.896  -13.469 10.831  1.00 21.83 ? 317 LYS A CE  1 
ATOM   762  N  NZ  . LYS A 1 96  ? 16.943  -13.534 11.904  1.00 22.23 ? 317 LYS A NZ  1 
ATOM   763  N  N   . ASP A 1 97  ? 11.246  -8.771  8.407   1.00 16.89 ? 318 ASP A N   1 
ATOM   764  C  CA  . ASP A 1 97  ? 10.145  -7.803  8.498   1.00 17.09 ? 318 ASP A CA  1 
ATOM   765  C  C   . ASP A 1 97  ? 9.121   -7.913  7.368   1.00 16.00 ? 318 ASP A C   1 
ATOM   766  O  O   . ASP A 1 97  ? 7.927   -7.807  7.610   1.00 14.14 ? 318 ASP A O   1 
ATOM   767  C  CB  . ASP A 1 97  ? 10.687  -6.411  8.626   1.00 17.29 ? 318 ASP A CB  1 
ATOM   768  C  CG  . ASP A 1 97  ? 11.295  -6.192  9.983   1.00 17.03 ? 318 ASP A CG  1 
ATOM   769  O  OD1 . ASP A 1 97  ? 10.515  -6.107  10.902  1.00 19.25 ? 318 ASP A OD1 1 
ATOM   770  O  OD2 . ASP A 1 97  ? 12.516  -6.119  10.129  1.00 15.55 ? 318 ASP A OD2 1 
ATOM   771  N  N   . ALA A 1 98  ? 9.596   -8.109  6.142   1.00 14.78 ? 319 ALA A N   1 
ATOM   772  C  CA  . ALA A 1 98  ? 8.705   -8.429  5.029   1.00 14.00 ? 319 ALA A CA  1 
ATOM   773  C  C   . ALA A 1 98  ? 7.735   -9.589  5.406   1.00 14.85 ? 319 ALA A C   1 
ATOM   774  O  O   . ALA A 1 98  ? 6.524   -9.449  5.357   1.00 13.46 ? 319 ALA A O   1 
ATOM   775  C  CB  . ALA A 1 98  ? 9.559   -8.752  3.816   1.00 11.52 ? 319 ALA A CB  1 
ATOM   776  N  N   . ILE A 1 99  ? 8.291   -10.716 5.838   1.00 15.00 ? 320 ILE A N   1 
ATOM   777  C  CA  . ILE A 1 99  ? 7.500   -11.920 6.151   1.00 16.08 ? 320 ILE A CA  1 
ATOM   778  C  C   . ILE A 1 99  ? 6.534   -11.647 7.271   1.00 16.04 ? 320 ILE A C   1 
ATOM   779  O  O   . ILE A 1 99  ? 5.373   -12.075 7.224   1.00 18.11 ? 320 ILE A O   1 
ATOM   780  C  CB  . ILE A 1 99  ? 8.444   -13.112 6.561   1.00 18.04 ? 320 ILE A CB  1 
ATOM   781  C  CG1 . ILE A 1 99  ? 9.202   -13.576 5.329   1.00 19.31 ? 320 ILE A CG1 1 
ATOM   782  C  CG2 . ILE A 1 99  ? 7.654   -14.316 7.207   1.00 20.00 ? 320 ILE A CG2 1 
ATOM   783  C  CD1 . ILE A 1 99  ? 10.454  -14.413 5.675   1.00 20.18 ? 320 ILE A CD1 1 
ATOM   784  N  N   . HIS A 1 100 ? 6.996   -10.954 8.311   1.00 16.90 ? 321 HIS A N   1 
ATOM   785  C  CA  . HIS A 1 100 ? 6.118   -10.661 9.458   1.00 16.34 ? 321 HIS A CA  1 
ATOM   786  C  C   . HIS A 1 100 ? 4.863   -9.913  9.028   1.00 15.32 ? 321 HIS A C   1 
ATOM   787  O  O   . HIS A 1 100 ? 3.731   -10.242 9.456   1.00 14.93 ? 321 HIS A O   1 
ATOM   788  C  CB  . HIS A 1 100 ? 6.893   -9.820  10.439  1.00 16.64 ? 321 HIS A CB  1 
ATOM   789  C  CG  . HIS A 1 100 ? 6.152   -9.483  11.681  1.00 18.45 ? 321 HIS A CG  1 
ATOM   790  N  ND1 . HIS A 1 100 ? 5.484   -10.423 12.423  1.00 18.91 ? 321 HIS A ND1 1 
ATOM   791  C  CD2 . HIS A 1 100 ? 5.989   -8.305  12.331  1.00 17.97 ? 321 HIS A CD2 1 
ATOM   792  C  CE1 . HIS A 1 100 ? 4.918   -9.839  13.460  1.00 15.38 ? 321 HIS A CE1 1 
ATOM   793  N  NE2 . HIS A 1 100 ? 5.260   -8.572  13.456  1.00 14.34 ? 321 HIS A NE2 1 
ATOM   794  N  N   . PHE A 1 101 ? 5.083   -8.886  8.225   1.00 12.67 ? 322 PHE A N   1 
ATOM   795  C  CA  . PHE A 1 101 ? 3.996   -8.074  7.677   1.00 13.11 ? 322 PHE A CA  1 
ATOM   796  C  C   . PHE A 1 101 ? 3.119   -8.790  6.677   1.00 10.83 ? 322 PHE A C   1 
ATOM   797  O  O   . PHE A 1 101 ? 1.973   -8.490  6.608   1.00 10.91 ? 322 PHE A O   1 
ATOM   798  C  CB  . PHE A 1 101 ? 4.516   -6.713  7.159   1.00 14.51 ? 322 PHE A CB  1 
ATOM   799  C  CG  . PHE A 1 101 ? 4.685   -5.722  8.283   1.00 13.64 ? 322 PHE A CG  1 
ATOM   800  C  CD1 . PHE A 1 101 ? 5.921   -5.547  8.905   1.00 14.62 ? 322 PHE A CD1 1 
ATOM   801  C  CD2 . PHE A 1 101 ? 3.575   -5.037  8.786   1.00 14.12 ? 322 PHE A CD2 1 
ATOM   802  C  CE1 . PHE A 1 101 ? 6.065   -4.667  10.017  1.00 13.85 ? 322 PHE A CE1 1 
ATOM   803  C  CE2 . PHE A 1 101 ? 3.696   -4.168  9.868   1.00 14.67 ? 322 PHE A CE2 1 
ATOM   804  C  CZ  . PHE A 1 101 ? 4.941   -3.978  10.487  1.00 14.53 ? 322 PHE A CZ  1 
ATOM   805  N  N   . TYR A 1 102 ? 3.642   -9.753  5.931   1.00 12.38 ? 323 TYR A N   1 
ATOM   806  C  CA  . TYR A 1 102 ? 2.787   -10.572 5.060   1.00 12.56 ? 323 TYR A CA  1 
ATOM   807  C  C   . TYR A 1 102 ? 1.852   -11.435 5.854   1.00 11.97 ? 323 TYR A C   1 
ATOM   808  O  O   . TYR A 1 102 ? 0.707   -11.573 5.541   1.00 17.20 ? 323 TYR A O   1 
ATOM   809  C  CB  . TYR A 1 102 ? 3.681   -11.412 4.163   1.00 13.26 ? 323 TYR A CB  1 
ATOM   810  C  CG  . TYR A 1 102 ? 4.470   -10.631 3.118   1.00 12.35 ? 323 TYR A CG  1 
ATOM   811  C  CD1 . TYR A 1 102 ? 5.779   -10.987 2.834   1.00 11.75 ? 323 TYR A CD1 1 
ATOM   812  C  CD2 . TYR A 1 102 ? 3.907   -9.573  2.404   1.00 12.27 ? 323 TYR A CD2 1 
ATOM   813  C  CE1 . TYR A 1 102 ? 6.531   -10.305 1.897   1.00 12.84 ? 323 TYR A CE1 1 
ATOM   814  C  CE2 . TYR A 1 102 ? 4.659   -8.872  1.388   1.00 12.27 ? 323 TYR A CE2 1 
ATOM   815  C  CZ  . TYR A 1 102 ? 5.999   -9.230  1.192   1.00 14.73 ? 323 TYR A CZ  1 
ATOM   816  O  OH  . TYR A 1 102 ? 6.809   -8.628  0.215   1.00 13.77 ? 323 TYR A OH  1 
ATOM   817  N  N   . ASN A 1 103 ? 2.337   -11.990 6.935   1.00 13.51 ? 324 ASN A N   1 
ATOM   818  C  CA  . ASN A 1 103 ? 1.525   -12.750 7.836   1.00 15.59 ? 324 ASN A CA  1 
ATOM   819  C  C   . ASN A 1 103 ? 0.430   -11.891 8.424   1.00 15.00 ? 324 ASN A C   1 
ATOM   820  O  O   . ASN A 1 103 ? -0.712  -12.316 8.497   1.00 14.20 ? 324 ASN A O   1 
ATOM   821  C  CB  . ASN A 1 103 ? 2.396   -13.365 8.965   1.00 17.18 ? 324 ASN A CB  1 
ATOM   822  C  CG  . ASN A 1 103 ? 3.110   -14.583 8.513   1.00 22.90 ? 324 ASN A CG  1 
ATOM   823  O  OD1 . ASN A 1 103 ? 2.516   -15.481 7.882   1.00 26.17 ? 324 ASN A OD1 1 
ATOM   824  N  ND2 . ASN A 1 103 ? 4.381   -14.678 8.850   1.00 25.97 ? 324 ASN A ND2 1 
ATOM   825  N  N   . LYS A 1 104 ? 0.748   -10.681 8.843   1.00 14.21 ? 325 LYS A N   1 
ATOM   826  C  CA  . LYS A 1 104 ? -0.291  -9.762  9.301   1.00 15.14 ? 325 LYS A CA  1 
ATOM   827  C  C   . LYS A 1 104 ? -1.361  -9.568  8.199   1.00 15.82 ? 325 LYS A C   1 
ATOM   828  O  O   . LYS A 1 104 ? -2.567  -9.672  8.482   1.00 12.79 ? 325 LYS A O   1 
ATOM   829  C  CB  . LYS A 1 104 ? 0.289   -8.429  9.754   1.00 14.91 ? 325 LYS A CB  1 
ATOM   830  C  CG  . LYS A 1 104 ? 1.032   -8.514  11.037  1.00 15.49 ? 325 LYS A CG  1 
ATOM   831  C  CD  . LYS A 1 104 ? 1.207   -7.122  11.632  1.00 17.75 ? 325 LYS A CD  1 
ATOM   832  C  CE  . LYS A 1 104 ? 2.553   -6.911  12.394  1.00 19.40 ? 325 LYS A CE  1 
ATOM   833  N  NZ  . LYS A 1 104 ? 2.475   -7.178  13.881  1.00 18.72 ? 325 LYS A NZ  1 
ATOM   834  N  N   . SER A 1 105 ? -0.917  -9.313  6.956   1.00 16.64 ? 326 SER A N   1 
ATOM   835  C  CA  . SER A 1 105 ? -1.833  -9.107  5.858   1.00 15.42 ? 326 SER A CA  1 
ATOM   836  C  C   . SER A 1 105 ? -2.752  -10.316 5.628   1.00 15.69 ? 326 SER A C   1 
ATOM   837  O  O   . SER A 1 105 ? -3.992  -10.182 5.492   1.00 13.80 ? 326 SER A O   1 
ATOM   838  C  CB  . SER A 1 105 ? -1.043  -8.839  4.589   1.00 16.72 ? 326 SER A CB  1 
ATOM   839  O  OG  . SER A 1 105 ? -1.888  -8.632  3.455   1.00 16.63 ? 326 SER A OG  1 
ATOM   840  N  N   . LEU A 1 106 ? -2.141  -11.503 5.614   1.00 17.18 ? 327 LEU A N   1 
ATOM   841  C  CA  . LEU A 1 106 ? -2.856  -12.743 5.295   1.00 16.84 ? 327 LEU A CA  1 
ATOM   842  C  C   . LEU A 1 106 ? -3.904  -13.060 6.348   1.00 16.68 ? 327 LEU A C   1 
ATOM   843  O  O   . LEU A 1 106 ? -5.034  -13.607 6.034   1.00 18.00 ? 327 LEU A O   1 
ATOM   844  C  CB  . LEU A 1 106 ? -1.874  -13.925 5.103   1.00 16.55 ? 327 LEU A CB  1 
ATOM   845  C  CG  . LEU A 1 106 ? -0.966  -13.895 3.891   1.00 18.84 ? 327 LEU A CG  1 
ATOM   846  C  CD1 . LEU A 1 106 ? 0.104   -14.995 3.923   1.00 18.41 ? 327 LEU A CD1 1 
ATOM   847  C  CD2 . LEU A 1 106 ? -1.769  -13.951 2.594   1.00 19.95 ? 327 LEU A CD2 1 
ATOM   848  N  N   . ALA A 1 107 ? -3.566  -12.724 7.596   1.00 16.35 ? 328 ALA A N   1 
ATOM   849  C  CA  . ALA A 1 107 ? -4.452  -12.995 8.717   1.00 18.40 ? 328 ALA A CA  1 
ATOM   850  C  C   . ALA A 1 107 ? -5.723  -12.166 8.566   1.00 17.87 ? 328 ALA A C   1 
ATOM   851  O  O   . ALA A 1 107 ? -6.793  -12.609 8.942   1.00 18.02 ? 328 ALA A O   1 
ATOM   852  C  CB  . ALA A 1 107 ? -3.775  -12.678 10.061  1.00 18.05 ? 328 ALA A CB  1 
ATOM   853  N  N   . GLU A 1 108 ? -5.571  -10.947 8.035   1.00 18.08 ? 329 GLU A N   1 
ATOM   854  C  CA  . GLU A 1 108 ? -6.722  -10.092 7.674   1.00 19.18 ? 329 GLU A CA  1 
ATOM   855  C  C   . GLU A 1 108 ? -7.526  -10.607 6.489   1.00 18.64 ? 329 GLU A C   1 
ATOM   856  O  O   . GLU A 1 108 ? -8.766  -10.714 6.551   1.00 19.94 ? 329 GLU A O   1 
ATOM   857  C  CB  . GLU A 1 108 ? -6.247  -8.684  7.313   1.00 20.97 ? 329 GLU A CB  1 
ATOM   858  C  CG  . GLU A 1 108 ? -5.550  -7.934  8.390   1.00 22.56 ? 329 GLU A CG  1 
ATOM   859  C  CD  . GLU A 1 108 ? -6.420  -7.702  9.618   1.00 26.68 ? 329 GLU A CD  1 
ATOM   860  O  OE1 . GLU A 1 108 ? -5.840  -7.879  10.714  1.00 28.85 ? 329 GLU A OE1 1 
ATOM   861  O  OE2 . GLU A 1 108 ? -7.654  -7.403  9.500   1.00 26.21 ? 329 GLU A OE2 1 
ATOM   862  N  N   . HIS A 1 109 ? -6.834  -10.962 5.404   1.00 19.35 ? 330 HIS A N   1 
ATOM   863  C  CA  . HIS A 1 109 ? -7.496  -11.408 4.164   1.00 19.50 ? 330 HIS A CA  1 
ATOM   864  C  C   . HIS A 1 109 ? -6.509  -12.235 3.451   1.00 19.46 ? 330 HIS A C   1 
ATOM   865  O  O   . HIS A 1 109 ? -5.383  -11.755 3.163   1.00 16.12 ? 330 HIS A O   1 
ATOM   866  C  CB  . HIS A 1 109 ? -7.876  -10.200 3.277   1.00 19.65 ? 330 HIS A CB  1 
ATOM   867  C  CG  . HIS A 1 109 ? -8.595  -10.543 2.013   1.00 19.09 ? 330 HIS A CG  1 
ATOM   868  N  ND1 . HIS A 1 109 ? -8.334  -9.905  0.814   1.00 16.83 ? 330 HIS A ND1 1 
ATOM   869  C  CD2 . HIS A 1 109 ? -9.628  -11.400 1.771   1.00 21.66 ? 330 HIS A CD2 1 
ATOM   870  C  CE1 . HIS A 1 109 ? -9.119  -10.402 -0.121  1.00 20.05 ? 330 HIS A CE1 1 
ATOM   871  N  NE2 . HIS A 1 109 ? -9.939  -11.297 0.433   1.00 19.72 ? 330 HIS A NE2 1 
ATOM   872  N  N   . ARG A 1 110 ? -6.848  -13.486 3.171   1.00 19.05 ? 331 ARG A N   1 
ATOM   873  C  CA  . ARG A 1 110 ? -5.850  -14.272 2.429   1.00 20.13 ? 331 ARG A CA  1 
ATOM   874  C  C   . ARG A 1 110 ? -5.935  -13.893 0.997   1.00 19.71 ? 331 ARG A C   1 
ATOM   875  O  O   . ARG A 1 110 ? -7.052  -13.717 0.515   1.00 20.42 ? 331 ARG A O   1 
ATOM   876  C  CB  . ARG A 1 110 ? -5.990  -15.774 2.671   1.00 21.03 ? 331 ARG A CB  1 
ATOM   877  C  CG  . ARG A 1 110 ? -5.277  -16.179 3.927   1.00 23.10 ? 331 ARG A CG  1 
ATOM   878  C  CD  . ARG A 1 110 ? -5.290  -17.621 4.185   1.00 23.15 ? 331 ARG A CD  1 
ATOM   879  N  NE  . ARG A 1 110 ? -4.158  -18.266 3.547   1.00 21.94 ? 331 ARG A NE  1 
ATOM   880  C  CZ  . ARG A 1 110 ? -2.950  -18.379 4.090   1.00 21.77 ? 331 ARG A CZ  1 
ATOM   881  N  NH1 . ARG A 1 110 ? -2.704  -17.875 5.302   1.00 21.78 ? 331 ARG A NH1 1 
ATOM   882  N  NH2 . ARG A 1 110 ? -1.995  -19.009 3.417   1.00 22.23 ? 331 ARG A NH2 1 
ATOM   883  N  N   . THR A 1 111 ? -4.780  -13.624 0.353   1.00 17.86 ? 332 THR A N   1 
ATOM   884  C  CA  . THR A 1 111 ? -4.748  -13.432 -1.107  1.00 18.11 ? 332 THR A CA  1 
ATOM   885  C  C   . THR A 1 111 ? -3.576  -14.199 -1.735  1.00 19.44 ? 332 THR A C   1 
ATOM   886  O  O   . THR A 1 111 ? -2.507  -14.333 -1.110  1.00 16.54 ? 332 THR A O   1 
ATOM   887  C  CB  . THR A 1 111 ? -4.647  -11.952 -1.508  1.00 20.93 ? 332 THR A CB  1 
ATOM   888  O  OG1 . THR A 1 111 ? -3.369  -11.424 -1.126  1.00 19.50 ? 332 THR A OG1 1 
ATOM   889  C  CG2 . THR A 1 111 ? -5.720  -11.146 -0.877  1.00 18.93 ? 332 THR A CG2 1 
ATOM   890  N  N   . PRO A 1 112 ? -3.763  -14.739 -2.960  1.00 21.38 ? 333 PRO A N   1 
ATOM   891  C  CA  . PRO A 1 112 ? -2.648  -15.455 -3.608  1.00 22.03 ? 333 PRO A CA  1 
ATOM   892  C  C   . PRO A 1 112 ? -1.360  -14.642 -3.866  1.00 21.64 ? 333 PRO A C   1 
ATOM   893  O  O   . PRO A 1 112 ? -0.231  -15.169 -3.676  1.00 21.72 ? 333 PRO A O   1 
ATOM   894  C  CB  . PRO A 1 112 ? -3.233  -15.885 -4.964  1.00 23.47 ? 333 PRO A CB  1 
ATOM   895  C  CG  . PRO A 1 112 ? -4.629  -15.479 -4.976  1.00 22.45 ? 333 PRO A CG  1 
ATOM   896  C  CD  . PRO A 1 112 ? -4.850  -14.475 -3.913  1.00 22.02 ? 333 PRO A CD  1 
ATOM   897  N  N   . ASP A 1 113 ? -1.491  -13.394 -4.292  1.00 18.59 ? 334 ASP A N   1 
ATOM   898  C  CA  . ASP A 1 113 ? -0.319  -12.669 -4.615  1.00 18.91 ? 334 ASP A CA  1 
ATOM   899  C  C   . ASP A 1 113 ? 0.522   -12.535 -3.379  1.00 17.66 ? 334 ASP A C   1 
ATOM   900  O  O   . ASP A 1 113 ? 1.781   -12.609 -3.456  1.00 19.11 ? 334 ASP A O   1 
ATOM   901  C  CB  . ASP A 1 113 ? -0.633  -11.285 -5.174  1.00 20.67 ? 334 ASP A CB  1 
ATOM   902  C  CG  . ASP A 1 113 ? -1.130  -11.348 -6.616  1.00 23.87 ? 334 ASP A CG  1 
ATOM   903  O  OD1 . ASP A 1 113 ? -1.069  -12.408 -7.225  1.00 24.31 ? 334 ASP A OD1 1 
ATOM   904  O  OD2 . ASP A 1 113 ? -1.622  -10.346 -7.120  1.00 26.36 ? 334 ASP A OD2 1 
ATOM   905  N  N   . VAL A 1 114 ? -0.138  -12.252 -2.273  1.00 15.27 ? 335 VAL A N   1 
ATOM   906  C  CA  . VAL A 1 114 ? 0.591   -11.990 -1.009  1.00 15.96 ? 335 VAL A CA  1 
ATOM   907  C  C   . VAL A 1 114 ? 1.150   -13.273 -0.434  1.00 15.44 ? 335 VAL A C   1 
ATOM   908  O  O   . VAL A 1 114 ? 2.224   -13.267 0.163   1.00 15.22 ? 335 VAL A O   1 
ATOM   909  C  CB  . VAL A 1 114 ? -0.215  -11.205 0.044   1.00 14.52 ? 335 VAL A CB  1 
ATOM   910  C  CG1 . VAL A 1 114 ? 0.580   -11.091 1.368   1.00 13.68 ? 335 VAL A CG1 1 
ATOM   911  C  CG2 . VAL A 1 114 ? -0.624  -9.821  -0.503  1.00 14.33 ? 335 VAL A CG2 1 
ATOM   912  N  N   . LEU A 1 115 ? 0.449   -14.382 -0.639  1.00 16.69 ? 336 LEU A N   1 
ATOM   913  C  CA  . LEU A 1 115 ? 0.967   -15.673 -0.216  1.00 16.72 ? 336 LEU A CA  1 
ATOM   914  C  C   . LEU A 1 115 ? 2.219   -16.032 -0.986  1.00 17.28 ? 336 LEU A C   1 
ATOM   915  O  O   . LEU A 1 115 ? 3.138   -16.638 -0.448  1.00 16.98 ? 336 LEU A O   1 
ATOM   916  C  CB  . LEU A 1 115 ? -0.067  -16.768 -0.496  1.00 18.46 ? 336 LEU A CB  1 
ATOM   917  C  CG  . LEU A 1 115 ? 0.422   -18.165 -0.054  1.00 18.47 ? 336 LEU A CG  1 
ATOM   918  C  CD1 . LEU A 1 115 ? 0.988   -18.212 1.384   1.00 18.62 ? 336 LEU A CD1 1 
ATOM   919  C  CD2 . LEU A 1 115 ? -0.736  -19.180 -0.225  1.00 21.08 ? 336 LEU A CD2 1 
ATOM   920  N  N   . LYS A 1 116 ? 2.188   -15.765 -2.298  1.00 19.44 ? 337 LYS A N   1 
ATOM   921  C  CA  . LYS A 1 116 ? 3.285   -16.109 -3.184  1.00 20.09 ? 337 LYS A CA  1 
ATOM   922  C  C   . LYS A 1 116 ? 4.501   -15.252 -2.813  1.00 16.91 ? 337 LYS A C   1 
ATOM   923  O  O   . LYS A 1 116 ? 5.582   -15.756 -2.745  1.00 16.63 ? 337 LYS A O   1 
ATOM   924  C  CB  . LYS A 1 116 ? 2.880   -15.933 -4.663  1.00 21.49 ? 337 LYS A CB  1 
ATOM   925  C  CG  . LYS A 1 116 ? 3.733   -16.707 -5.664  1.00 23.85 ? 337 LYS A CG  1 
ATOM   926  C  CD  . LYS A 1 116 ? 3.822   -15.949 -7.097  1.00 25.49 ? 337 LYS A CD  1 
ATOM   927  C  CE  . LYS A 1 116 ? 2.694   -16.326 -8.073  1.00 25.05 ? 337 LYS A CE  1 
ATOM   928  N  NZ  . LYS A 1 116 ? 2.481   -17.703 -8.299  1.00 33.04 ? 337 LYS A NZ  1 
ATOM   929  N  N   . LYS A 1 117 ? 4.304   -13.969 -2.585  1.00 16.74 ? 338 LYS A N   1 
ATOM   930  C  CA  . LYS A 1 117 ? 5.402   -13.050 -2.161  1.00 16.80 ? 338 LYS A CA  1 
ATOM   931  C  C   . LYS A 1 117 ? 6.046   -13.453 -0.812  1.00 16.09 ? 338 LYS A C   1 
ATOM   932  O  O   . LYS A 1 117 ? 7.266   -13.456 -0.688  1.00 15.65 ? 338 LYS A O   1 
ATOM   933  C  CB  . LYS A 1 117 ? 4.900   -11.617 -2.098  1.00 15.93 ? 338 LYS A CB  1 
ATOM   934  C  CG  . LYS A 1 117 ? 6.014   -10.567 -2.040  1.00 17.71 ? 338 LYS A CG  1 
ATOM   935  C  CD  . LYS A 1 117 ? 6.799   -10.485 -3.298  1.00 18.97 ? 338 LYS A CD  1 
ATOM   936  C  CE  . LYS A 1 117 ? 7.551   -9.172  -3.471  1.00 20.63 ? 338 LYS A CE  1 
ATOM   937  N  NZ  . LYS A 1 117 ? 8.566   -9.365  -4.614  1.00 23.11 ? 338 LYS A NZ  1 
ATOM   938  N  N   . CYS A 1 118 ? 5.211   -13.818 0.153   1.00 15.53 ? 339 CYS A N   1 
ATOM   939  C  CA  . CYS A 1 118 ? 5.652   -14.400 1.422   1.00 18.49 ? 339 CYS A CA  1 
ATOM   940  C  C   . CYS A 1 118 ? 6.518   -15.633 1.228   1.00 17.64 ? 339 CYS A C   1 
ATOM   941  O  O   . CYS A 1 118 ? 7.614   -15.676 1.733   1.00 16.76 ? 339 CYS A O   1 
ATOM   942  C  CB  . CYS A 1 118 ? 4.489   -14.735 2.355   1.00 20.16 ? 339 CYS A CB  1 
ATOM   943  S  SG  . CYS A 1 118 ? 4.975   -14.946 4.171   1.00 24.73 ? 339 CYS A SG  1 
ATOM   944  N  N   . GLN A 1 119 ? 6.042   -16.600 0.460   1.00 19.23 ? 340 GLN A N   1 
ATOM   945  C  CA  . GLN A 1 119 ? 6.842   -17.830 0.188   1.00 19.48 ? 340 GLN A CA  1 
ATOM   946  C  C   . GLN A 1 119 ? 8.169   -17.507 -0.481  1.00 19.07 ? 340 GLN A C   1 
ATOM   947  O  O   . GLN A 1 119 ? 9.167   -18.112 -0.150  1.00 17.98 ? 340 GLN A O   1 
ATOM   948  C  CB  . GLN A 1 119 ? 6.044   -18.822 -0.649  1.00 22.55 ? 340 GLN A CB  1 
ATOM   949  C  CG  . GLN A 1 119 ? 4.825   -19.376 0.065   1.00 24.48 ? 340 GLN A CG  1 
ATOM   950  C  CD  . GLN A 1 119 ? 3.873   -20.113 -0.858  1.00 26.10 ? 340 GLN A CD  1 
ATOM   951  O  OE1 . GLN A 1 119 ? 3.720   -19.801 -2.044  1.00 28.12 ? 340 GLN A OE1 1 
ATOM   952  N  NE2 . GLN A 1 119 ? 3.223   -21.100 -0.309  1.00 27.66 ? 340 GLN A NE2 1 
ATOM   953  N  N   . GLN A 1 120 ? 8.185   -16.544 -1.417  1.00 19.33 ? 341 GLN A N   1 
ATOM   954  C  CA  . GLN A 1 120 ? 9.415   -16.078 -1.999  1.00 20.66 ? 341 GLN A CA  1 
ATOM   955  C  C   . GLN A 1 120 ? 10.414  -15.601 -0.911  1.00 20.92 ? 341 GLN A C   1 
ATOM   956  O  O   . GLN A 1 120 ? 11.618  -15.953 -0.922  1.00 18.26 ? 341 GLN A O   1 
ATOM   957  C  CB  . GLN A 1 120 ? 9.197   -15.014 -3.114  1.00 23.08 ? 341 GLN A CB  1 
ATOM   958  C  CG  . GLN A 1 120 ? 10.516  -14.192 -3.334  1.00 26.26 ? 341 GLN A CG  1 
ATOM   959  C  CD  . GLN A 1 120 ? 10.583  -13.211 -4.553  1.00 28.32 ? 341 GLN A CD  1 
ATOM   960  O  OE1 . GLN A 1 120 ? 11.605  -13.183 -5.254  1.00 29.26 ? 341 GLN A OE1 1 
ATOM   961  N  NE2 . GLN A 1 120 ? 9.546   -12.383 -4.754  1.00 28.08 ? 341 GLN A NE2 1 
ATOM   962  N  N   . ALA A 1 121 ? 9.928   -14.788 0.018   1.00 21.41 ? 342 ALA A N   1 
ATOM   963  C  CA  . ALA A 1 121 ? 10.782  -14.251 1.091   1.00 21.01 ? 342 ALA A CA  1 
ATOM   964  C  C   . ALA A 1 121 ? 11.229  -15.352 2.057   1.00 22.52 ? 342 ALA A C   1 
ATOM   965  O  O   . ALA A 1 121 ? 12.297  -15.257 2.661   1.00 20.85 ? 342 ALA A O   1 
ATOM   966  C  CB  . ALA A 1 121 ? 10.062  -13.157 1.893   1.00 18.98 ? 342 ALA A CB  1 
ATOM   967  N  N   . GLU A 1 122 ? 10.387  -16.349 2.240   1.00 21.17 ? 343 GLU A N   1 
ATOM   968  C  CA  . GLU A 1 122 ? 10.698  -17.386 3.216   1.00 23.16 ? 343 GLU A CA  1 
ATOM   969  C  C   . GLU A 1 122 ? 11.807  -18.220 2.667   1.00 21.23 ? 343 GLU A C   1 
ATOM   970  O  O   . GLU A 1 122 ? 12.610  -18.706 3.453   1.00 20.70 ? 343 GLU A O   1 
ATOM   971  C  CB  . GLU A 1 122 ? 9.501   -18.319 3.476   1.00 24.42 ? 343 GLU A CB  1 
ATOM   972  C  CG  . GLU A 1 122 ? 8.427   -17.717 4.301   1.00 27.26 ? 343 GLU A CG  1 
ATOM   973  C  CD  . GLU A 1 122 ? 7.210   -18.613 4.340   1.00 29.78 ? 343 GLU A CD  1 
ATOM   974  O  OE1 . GLU A 1 122 ? 7.135   -19.559 3.509   1.00 30.53 ? 343 GLU A OE1 1 
ATOM   975  O  OE2 . GLU A 1 122 ? 6.322   -18.341 5.186   1.00 33.80 ? 343 GLU A OE2 1 
ATOM   976  N  N   . LYS A 1 123 ? 11.828  -18.372 1.343   1.00 20.06 ? 344 LYS A N   1 
ATOM   977  C  CA  . LYS A 1 123 ? 12.791  -19.185 0.630   1.00 20.73 ? 344 LYS A CA  1 
ATOM   978  C  C   . LYS A 1 123 ? 14.104  -18.433 0.630   1.00 22.12 ? 344 LYS A C   1 
ATOM   979  O  O   . LYS A 1 123 ? 15.131  -18.998 0.916   1.00 21.94 ? 344 LYS A O   1 
ATOM   980  C  CB  . LYS A 1 123 ? 12.303  -19.466 -0.791  1.00 22.45 ? 344 LYS A CB  1 
ATOM   981  C  CG  . LYS A 1 123 ? 13.097  -20.385 -1.673  1.00 23.35 ? 344 LYS A CG  1 
ATOM   982  C  CD  . LYS A 1 123 ? 13.709  -21.508 -0.964  1.00 23.88 ? 344 LYS A CD  1 
ATOM   983  C  CE  . LYS A 1 123 ? 14.222  -22.536 -1.937  1.00 37.48 ? 344 LYS A CE  1 
ATOM   984  N  NZ  . LYS A 1 123 ? 14.951  -23.564 -1.369  1.00 25.64 ? 344 LYS A NZ  1 
ATOM   985  N  N   . ILE A 1 124 ? 14.048  -17.142 0.341   1.00 20.88 ? 345 ILE A N   1 
ATOM   986  C  CA  . ILE A 1 124 ? 15.292  -16.351 0.338   1.00 21.56 ? 345 ILE A CA  1 
ATOM   987  C  C   . ILE A 1 124 ? 15.900  -16.448 1.735   1.00 23.66 ? 345 ILE A C   1 
ATOM   988  O  O   . ILE A 1 124 ? 17.070  -16.728 1.906   1.00 25.32 ? 345 ILE A O   1 
ATOM   989  C  CB  . ILE A 1 124 ? 15.084  -14.920 -0.065  1.00 19.05 ? 345 ILE A CB  1 
ATOM   990  C  CG1 . ILE A 1 124 ? 14.612  -14.824 -1.559  1.00 17.98 ? 345 ILE A CG1 1 
ATOM   991  C  CG2 . ILE A 1 124 ? 16.420  -14.128 0.161   1.00 21.01 ? 345 ILE A CG2 1 
ATOM   992  C  CD1 . ILE A 1 124 ? 13.969  -13.500 -1.950  1.00 13.62 ? 345 ILE A CD1 1 
ATOM   993  N  N   . LEU A 1 125 ? 15.074  -16.232 2.736   1.00 25.55 ? 346 LEU A N   1 
ATOM   994  C  CA  . LEU A 1 125 ? 15.494  -16.263 4.136   1.00 28.12 ? 346 LEU A CA  1 
ATOM   995  C  C   . LEU A 1 125 ? 16.030  -17.650 4.554   1.00 29.18 ? 346 LEU A C   1 
ATOM   996  O  O   . LEU A 1 125 ? 17.081  -17.747 5.185   1.00 30.50 ? 346 LEU A O   1 
ATOM   997  C  CB  . LEU A 1 125 ? 14.324  -15.780 5.028   1.00 28.81 ? 346 LEU A CB  1 
ATOM   998  C  CG  . LEU A 1 125 ? 14.688  -15.452 6.463   1.00 29.77 ? 346 LEU A CG  1 
ATOM   999  C  CD1 . LEU A 1 125 ? 15.580  -14.215 6.510   1.00 28.01 ? 346 LEU A CD1 1 
ATOM   1000 C  CD2 . LEU A 1 125 ? 13.432  -15.323 7.349   1.00 30.06 ? 346 LEU A CD2 1 
ATOM   1001 N  N   . LYS A 1 126 ? 15.333  -18.698 4.183   1.00 30.90 ? 347 LYS A N   1 
ATOM   1002 C  CA  . LYS A 1 126 ? 15.777  -20.064 4.403   1.00 31.93 ? 347 LYS A CA  1 
ATOM   1003 C  C   . LYS A 1 126 ? 17.185  -20.229 3.959   1.00 32.85 ? 347 LYS A C   1 
ATOM   1004 O  O   . LYS A 1 126 ? 18.013  -20.496 4.755   1.00 33.05 ? 347 LYS A O   1 
ATOM   1005 C  CB  . LYS A 1 126 ? 14.949  -21.053 3.628   1.00 31.77 ? 347 LYS A CB  1 
ATOM   1006 C  CG  . LYS A 1 126 ? 15.207  -22.454 3.992   1.00 32.73 ? 347 LYS A CG  1 
ATOM   1007 C  CD  . LYS A 1 126 ? 14.138  -23.285 3.463   1.00 33.15 ? 347 LYS A CD  1 
ATOM   1008 C  CE  . LYS A 1 126 ? 14.602  -24.690 3.199   1.00 33.38 ? 347 LYS A CE  1 
ATOM   1009 N  NZ  . LYS A 1 126 ? 14.044  -25.556 4.211   1.00 42.51 ? 347 LYS A NZ  1 
ATOM   1010 N  N   . GLU A 1 127 ? 17.416  -20.026 2.671   1.00 33.85 ? 348 GLU A N   1 
ATOM   1011 C  CA  . GLU A 1 127 ? 18.701  -20.305 1.985   1.00 35.67 ? 348 GLU A CA  1 
ATOM   1012 C  C   . GLU A 1 127 ? 19.850  -19.262 2.244   1.00 37.05 ? 348 GLU A C   1 
ATOM   1013 O  O   . GLU A 1 127 ? 20.957  -19.404 1.706   1.00 37.32 ? 348 GLU A O   1 
ATOM   1014 C  CB  . GLU A 1 127 ? 18.465  -20.464 0.468   1.00 34.87 ? 348 GLU A CB  1 
ATOM   1015 C  CG  . GLU A 1 127 ? 17.305  -21.386 -0.005  1.00 34.12 ? 348 GLU A CG  1 
ATOM   1016 C  CD  . GLU A 1 127 ? 17.434  -22.807 0.483   1.00 35.44 ? 348 GLU A CD  1 
ATOM   1017 O  OE1 . GLU A 1 127 ? 18.488  -23.122 1.047   1.00 36.02 ? 348 GLU A OE1 1 
ATOM   1018 O  OE2 . GLU A 1 127 ? 16.489  -23.620 0.319   1.00 35.61 ? 348 GLU A OE2 1 
ATOM   1019 N  N   . GLN A 1 128 ? 19.606  -18.233 3.062   1.00 37.44 ? 349 GLN A N   1 
ATOM   1020 C  CA  . GLN A 1 128 ? 20.672  -17.256 3.437   1.00 38.75 ? 349 GLN A CA  1 
ATOM   1021 C  C   . GLN A 1 128 ? 21.777  -17.786 4.371   1.00 38.85 ? 349 GLN A C   1 
ATOM   1022 O  O   . GLN A 1 128 ? 21.510  -18.214 5.505   1.00 39.28 ? 349 GLN A O   1 
ATOM   1023 C  CB  . GLN A 1 128 ? 20.059  -16.009 4.049   1.00 38.85 ? 349 GLN A CB  1 
ATOM   1024 C  CG  . GLN A 1 128 ? 19.817  -14.983 2.985   1.00 39.64 ? 349 GLN A CG  1 
ATOM   1025 C  CD  . GLN A 1 128 ? 19.169  -13.775 3.525   1.00 40.71 ? 349 GLN A CD  1 
ATOM   1026 O  OE1 . GLN A 1 128 ? 19.113  -13.589 4.748   1.00 42.27 ? 349 GLN A OE1 1 
ATOM   1027 N  NE2 . GLN A 1 128 ? 18.651  -12.931 2.636   1.00 40.44 ? 349 GLN A NE2 1 
ATOM   1028 N  N   . GLY B 2 5   ? 10.247  -5.024  -16.771 1.00 38.34 ? 3   GLY B N   1 
ATOM   1029 C  CA  . GLY B 2 5   ? 10.664  -5.868  -15.622 1.00 37.50 ? 3   GLY B CA  1 
ATOM   1030 C  C   . GLY B 2 5   ? 9.786   -5.571  -14.367 1.00 37.32 ? 3   GLY B C   1 
ATOM   1031 O  O   . GLY B 2 5   ? 8.574   -5.823  -14.414 1.00 38.19 ? 3   GLY B O   1 
ATOM   1032 N  N   . PRO B 2 6   ? 10.380  -5.015  -13.299 1.00 36.21 ? 4   PRO B N   1 
ATOM   1033 C  CA  . PRO B 2 6   ? 9.779   -4.844  -11.957 1.00 34.26 ? 4   PRO B CA  1 
ATOM   1034 C  C   . PRO B 2 6   ? 8.255   -4.625  -11.939 1.00 33.40 ? 4   PRO B C   1 
ATOM   1035 O  O   . PRO B 2 6   ? 7.711   -3.873  -12.743 1.00 33.60 ? 4   PRO B O   1 
ATOM   1036 C  CB  . PRO B 2 6   ? 10.512  -3.690  -11.193 1.00 33.04 ? 4   PRO B CB  1 
ATOM   1037 N  N   . THR B 2 7   ? 7.569   -5.345  -11.053 1.00 31.60 ? 5   THR B N   1 
ATOM   1038 C  CA  . THR B 2 7   ? 6.137   -5.134  -10.798 1.00 31.74 ? 5   THR B CA  1 
ATOM   1039 C  C   . THR B 2 7   ? 5.909   -3.775  -10.120 1.00 29.99 ? 5   THR B C   1 
ATOM   1040 O  O   . THR B 2 7   ? 6.741   -3.368  -9.334  1.00 28.35 ? 5   THR B O   1 
ATOM   1041 C  CB  . THR B 2 7   ? 5.639   -6.191  -9.823  1.00 33.30 ? 5   THR B CB  1 
ATOM   1042 O  OG1 . THR B 2 7   ? 6.018   -7.478  -10.322 1.00 34.76 ? 5   THR B OG1 1 
ATOM   1043 C  CG2 . THR B 2 7   ? 4.099   -6.113  -9.642  1.00 34.37 ? 5   THR B CG2 1 
ATOM   1044 N  N   . ILE B 2 8   ? 4.842   -3.068  -10.470 1.00 28.71 ? 6   ILE B N   1 
ATOM   1045 C  CA  . ILE B 2 8   ? 4.455   -1.800  -9.833  1.00 26.02 ? 6   ILE B CA  1 
ATOM   1046 C  C   . ILE B 2 8   ? 3.396   -2.039  -8.757  1.00 23.43 ? 6   ILE B C   1 
ATOM   1047 O  O   . ILE B 2 8   ? 2.507   -2.809  -8.994  1.00 22.08 ? 6   ILE B O   1 
ATOM   1048 C  CB  . ILE B 2 8   ? 3.977   -0.673  -10.868 1.00 27.98 ? 6   ILE B CB  1 
ATOM   1049 C  CG1 . ILE B 2 8   ? 2.449   -0.633  -11.027 1.00 28.59 ? 6   ILE B CG1 1 
ATOM   1050 C  CG2 . ILE B 2 8   ? 4.712   -0.781  -12.163 1.00 26.88 ? 6   ILE B CG2 1 
ATOM   1051 C  CD1 . ILE B 2 8   ? 1.866   0.497   -11.979 1.00 26.64 ? 6   ILE B CD1 1 
ATOM   1052 N  N   . GLU B 2 9   ? 3.539   -1.392  -7.589  1.00 21.32 ? 7   GLU B N   1 
ATOM   1053 C  CA  . GLU B 2 9   ? 2.530   -1.394  -6.547  1.00 20.82 ? 7   GLU B CA  1 
ATOM   1054 C  C   . GLU B 2 9   ? 1.189   -0.996  -7.174  1.00 22.95 ? 7   GLU B C   1 
ATOM   1055 O  O   . GLU B 2 9   ? 1.132   -0.088  -8.007  1.00 24.97 ? 7   GLU B O   1 
ATOM   1056 C  CB  . GLU B 2 9   ? 2.888   -0.435  -5.401  1.00 20.35 ? 7   GLU B CB  1 
ATOM   1057 C  CG  . GLU B 2 9   ? 4.020   -0.928  -4.505  1.00 20.26 ? 7   GLU B CG  1 
ATOM   1058 C  CD  . GLU B 2 9   ? 3.674   -2.221  -3.762  1.00 19.73 ? 7   GLU B CD  1 
ATOM   1059 O  OE1 . GLU B 2 9   ? 2.752   -2.207  -2.913  1.00 17.41 ? 7   GLU B OE1 1 
ATOM   1060 O  OE2 . GLU B 2 9   ? 4.286   -3.263  -4.062  1.00 19.45 ? 7   GLU B OE2 1 
ATOM   1061 N  N   . GLU B 2 10  ? 0.123   -1.685  -6.798  1.00 20.99 ? 8   GLU B N   1 
ATOM   1062 C  CA  . GLU B 2 10  ? -1.165  -1.440  -7.382  1.00 20.58 ? 8   GLU B CA  1 
ATOM   1063 C  C   . GLU B 2 10  ? -1.930  -0.363  -6.586  1.00 19.21 ? 8   GLU B C   1 
ATOM   1064 O  O   . GLU B 2 10  ? -2.035  -0.424  -5.355  1.00 14.73 ? 8   GLU B O   1 
ATOM   1065 C  CB  . GLU B 2 10  ? -1.947  -2.794  -7.426  1.00 24.20 ? 8   GLU B CB  1 
ATOM   1066 C  CG  . GLU B 2 10  ? -3.351  -2.786  -6.915  1.00 25.84 ? 8   GLU B CG  1 
ATOM   1067 C  CD  . GLU B 2 10  ? -4.127  -4.097  -7.202  1.00 30.51 ? 8   GLU B CD  1 
ATOM   1068 O  OE1 . GLU B 2 10  ? -3.512  -5.149  -7.542  1.00 32.42 ? 8   GLU B OE1 1 
ATOM   1069 O  OE2 . GLU B 2 10  ? -5.376  -4.064  -7.100  1.00 32.01 ? 8   GLU B OE2 1 
ATOM   1070 N  N   . VAL B 2 11  ? -2.490  0.614   -7.299  1.00 18.36 ? 9   VAL B N   1 
ATOM   1071 C  CA  . VAL B 2 11  ? -3.389  1.609   -6.689  1.00 16.95 ? 9   VAL B CA  1 
ATOM   1072 C  C   . VAL B 2 11  ? -4.867  1.135   -6.739  1.00 18.53 ? 9   VAL B C   1 
ATOM   1073 O  O   . VAL B 2 11  ? -5.224  0.414   -7.633  1.00 17.35 ? 9   VAL B O   1 
ATOM   1074 C  CB  . VAL B 2 11  ? -3.168  3.001   -7.316  1.00 15.13 ? 9   VAL B CB  1 
ATOM   1075 C  CG1 . VAL B 2 11  ? -1.866  3.528   -6.691  1.00 12.20 ? 9   VAL B CG1 1 
ATOM   1076 C  CG2 . VAL B 2 11  ? -3.117  2.959   -8.845  1.00 15.67 ? 9   VAL B CG2 1 
ATOM   1077 N  N   . ASP B 2 12  ? -5.672  1.510   -5.762  1.00 18.98 ? 10  ASP B N   1 
ATOM   1078 C  CA  . ASP B 2 12  ? -7.056  1.133   -5.717  1.00 22.03 ? 10  ASP B CA  1 
ATOM   1079 C  C   . ASP B 2 12  ? -7.908  2.340   -6.119  1.00 22.10 ? 10  ASP B C   1 
ATOM   1080 O  O   . ASP B 2 12  ? -7.425  3.470   -6.324  1.00 19.69 ? 10  ASP B O   1 
ATOM   1081 C  CB  . ASP B 2 12  ? -7.408  0.685   -4.292  1.00 23.23 ? 10  ASP B CB  1 
ATOM   1082 C  CG  . ASP B 2 12  ? -6.732  -0.591  -3.913  1.00 25.82 ? 10  ASP B CG  1 
ATOM   1083 O  OD1 . ASP B 2 12  ? -7.073  -1.599  -4.533  1.00 24.44 ? 10  ASP B OD1 1 
ATOM   1084 O  OD2 . ASP B 2 12  ? -5.842  -0.580  -3.015  1.00 25.33 ? 10  ASP B OD2 1 
ATOM   1085 O  OXT . ASP B 2 12  ? -9.136  2.206   -6.251  1.00 22.18 ? 10  ASP B OXT 1 
HETATM 1086 NI NI  . NI  C 3 .   ? 4.453   -7.235  14.806  1.00 24.45 ? 1   NI  A NI  1 
HETATM 1087 O  O   . HOH D 4 .   ? -6.177  -15.592 6.950   1.00 13.60 ? 2   HOH A O   1 
HETATM 1088 O  O   . HOH D 4 .   ? 4.775   -13.088 12.230  1.00 15.30 ? 4   HOH A O   1 
HETATM 1089 O  O   . HOH D 4 .   ? 9.971   10.966  -1.155  1.00 19.46 ? 5   HOH A O   1 
HETATM 1090 O  O   . HOH D 4 .   ? -3.380  -10.428 1.716   1.00 8.10  ? 6   HOH A O   1 
HETATM 1091 O  O   . HOH D 4 .   ? -3.710  1.351   -2.476  1.00 13.73 ? 7   HOH A O   1 
HETATM 1092 O  O   . HOH D 4 .   ? 15.866  -10.014 7.577   1.00 15.14 ? 8   HOH A O   1 
HETATM 1093 O  O   . HOH D 4 .   ? 14.574  3.231   4.461   1.00 12.41 ? 9   HOH A O   1 
HETATM 1094 O  O   . HOH D 4 .   ? -1.156  1.788   12.176  1.00 13.43 ? 10  HOH A O   1 
HETATM 1095 O  O   . HOH D 4 .   ? 12.101  -19.192 5.858   1.00 21.90 ? 11  HOH A O   1 
HETATM 1096 O  O   . HOH D 4 .   ? -3.189  -9.121  11.406  1.00 19.79 ? 12  HOH A O   1 
HETATM 1097 O  O   . HOH D 4 .   ? 17.750  0.961   5.441   1.00 15.62 ? 13  HOH A O   1 
HETATM 1098 O  O   . HOH D 4 .   ? 8.195   -5.328  12.885  1.00 23.83 ? 14  HOH A O   1 
HETATM 1099 O  O   . HOH D 4 .   ? 3.700   -3.138  13.811  1.00 18.69 ? 15  HOH A O   1 
HETATM 1100 O  O   . HOH D 4 .   ? 13.360  4.973   3.005   1.00 17.13 ? 16  HOH A O   1 
HETATM 1101 O  O   . HOH D 4 .   ? 9.400   -12.534 10.611  1.00 21.91 ? 17  HOH A O   1 
HETATM 1102 O  O   . HOH D 4 .   ? 10.062  -0.724  -7.435  1.00 39.01 ? 18  HOH A O   1 
HETATM 1103 O  O   . HOH D 4 .   ? 5.080   -0.106  9.910   1.00 22.27 ? 19  HOH A O   1 
HETATM 1104 O  O   . HOH D 4 .   ? 7.447   -13.776 -5.267  1.00 18.80 ? 20  HOH A O   1 
HETATM 1105 O  O   . HOH D 4 .   ? 2.787   -1.165  11.392  1.00 20.76 ? 21  HOH A O   1 
HETATM 1106 O  O   . HOH D 4 .   ? 21.333  -18.343 -0.727  1.00 26.92 ? 22  HOH A O   1 
HETATM 1107 O  O   . HOH D 4 .   ? 10.775  1.639   -5.390  1.00 21.85 ? 23  HOH A O   1 
HETATM 1108 O  O   . HOH D 4 .   ? -8.034  18.711  -8.091  1.00 20.79 ? 24  HOH A O   1 
HETATM 1109 O  O   . HOH D 4 .   ? 4.378   -5.502  16.731  1.00 23.33 ? 26  HOH A O   1 
HETATM 1110 O  O   . HOH D 4 .   ? 2.888   -12.062 -5.706  1.00 20.62 ? 27  HOH A O   1 
HETATM 1111 O  O   . HOH D 4 .   ? 10.195  -7.083  -4.681  1.00 25.44 ? 29  HOH A O   1 
HETATM 1112 O  O   . HOH D 4 .   ? -4.970  18.998  -7.963  1.00 33.45 ? 30  HOH A O   1 
HETATM 1113 O  O   . HOH D 4 .   ? 6.710   -13.962 10.709  1.00 29.22 ? 31  HOH A O   1 
HETATM 1114 O  O   . HOH D 4 .   ? 11.629  -10.703 -6.296  1.00 31.60 ? 32  HOH A O   1 
HETATM 1115 O  O   . HOH D 4 .   ? -13.445 -5.043  8.674   1.00 32.76 ? 34  HOH A O   1 
HETATM 1116 O  O   . HOH D 4 .   ? -11.825 11.561  -12.792 1.00 29.74 ? 35  HOH A O   1 
HETATM 1117 O  O   . HOH D 4 .   ? 7.284   -1.546  10.181  1.00 22.48 ? 36  HOH A O   1 
HETATM 1118 O  O   . HOH D 4 .   ? 13.857  7.570   3.425   1.00 31.92 ? 37  HOH A O   1 
HETATM 1119 O  O   . HOH D 4 .   ? -2.356  -7.524  12.860  1.00 25.35 ? 38  HOH A O   1 
HETATM 1120 O  O   . HOH D 4 .   ? 0.969   -6.951  -2.334  1.00 16.46 ? 40  HOH A O   1 
HETATM 1121 O  O   . HOH D 4 .   ? -12.797 -4.934  3.438   1.00 24.95 ? 42  HOH A O   1 
HETATM 1122 O  O   . HOH D 4 .   ? 2.846   -8.701  -1.991  1.00 29.70 ? 43  HOH A O   1 
HETATM 1123 O  O   . HOH D 4 .   ? 0.168   -6.855  14.880  1.00 29.78 ? 44  HOH A O   1 
HETATM 1124 O  O   . HOH D 4 .   ? 21.930  -6.523  -1.577  1.00 36.20 ? 45  HOH A O   1 
HETATM 1125 O  O   . HOH D 4 .   ? 7.574   -1.318  -7.543  1.00 29.47 ? 46  HOH A O   1 
HETATM 1126 O  O   . HOH D 4 .   ? -11.541 -2.765  2.668   1.00 34.11 ? 47  HOH A O   1 
HETATM 1127 O  O   . HOH D 4 .   ? 20.599  -9.514  0.999   1.00 32.39 ? 48  HOH A O   1 
HETATM 1128 O  O   . HOH D 4 .   ? 6.540   3.565   -10.973 1.00 23.33 ? 49  HOH A O   1 
HETATM 1129 O  O   . HOH D 4 .   ? 2.692   6.382   10.914  1.00 28.86 ? 51  HOH A O   1 
HETATM 1130 O  O   . HOH D 4 .   ? -0.708  18.171  -12.070 1.00 27.58 ? 52  HOH A O   1 
HETATM 1131 O  O   . HOH D 4 .   ? 4.120   3.503   -11.421 1.00 33.30 ? 54  HOH A O   1 
HETATM 1132 O  O   . HOH D 4 .   ? 8.700   -5.635  -3.044  1.00 30.24 ? 57  HOH A O   1 
HETATM 1133 O  O   . HOH D 4 .   ? 11.000  9.069   4.498   1.00 31.17 ? 60  HOH A O   1 
HETATM 1134 O  O   . HOH D 4 .   ? -1.216  -2.657  13.174  1.00 26.24 ? 61  HOH A O   1 
HETATM 1135 O  O   . HOH D 4 .   ? -3.585  -2.082  13.716  1.00 32.21 ? 62  HOH A O   1 
HETATM 1136 O  O   . HOH D 4 .   ? -8.641  -14.851 -1.505  1.00 41.59 ? 64  HOH A O   1 
HETATM 1137 O  O   . HOH D 4 .   ? 4.479   -20.533 3.844   1.00 39.23 ? 65  HOH A O   1 
HETATM 1138 O  O   . HOH D 4 .   ? 1.868   13.216  0.205   1.00 35.20 ? 66  HOH A O   1 
HETATM 1139 O  O   . HOH D 4 .   ? 15.347  3.872   -1.926  1.00 24.64 ? 67  HOH A O   1 
HETATM 1140 O  O   . HOH D 4 .   ? 16.294  -4.856  -3.898  1.00 45.59 ? 68  HOH A O   1 
HETATM 1141 O  O   . HOH D 4 .   ? -11.580 3.090   3.827   1.00 23.97 ? 69  HOH A O   1 
HETATM 1142 O  O   . HOH D 4 .   ? 12.569  -15.517 -5.901  1.00 33.80 ? 70  HOH A O   1 
HETATM 1143 O  O   . HOH D 4 .   ? 3.974   -20.479 6.461   1.00 39.86 ? 71  HOH A O   1 
HETATM 1144 O  O   . HOH D 4 .   ? 1.676   -19.700 -3.583  1.00 34.10 ? 75  HOH A O   1 
HETATM 1145 O  O   . HOH D 4 .   ? -5.179  16.350  2.202   1.00 32.00 ? 77  HOH A O   1 
HETATM 1146 O  O   . HOH D 4 .   ? -10.306 3.705   -13.234 1.00 28.27 ? 78  HOH A O   1 
HETATM 1147 O  O   . HOH D 4 .   ? -2.873  6.090   -16.780 1.00 35.99 ? 79  HOH A O   1 
HETATM 1148 O  O   . HOH D 4 .   ? 5.713   -16.862 7.720   1.00 37.32 ? 81  HOH A O   1 
HETATM 1149 O  O   . HOH D 4 .   ? 6.411   13.478  -6.407  1.00 27.05 ? 82  HOH A O   1 
HETATM 1150 O  O   . HOH D 4 .   ? 5.601   7.460   -17.987 1.00 36.75 ? 84  HOH A O   1 
HETATM 1151 O  O   . HOH D 4 .   ? 2.842   13.266  4.389   1.00 37.59 ? 86  HOH A O   1 
HETATM 1152 O  O   . HOH D 4 .   ? 5.459   -5.528  13.602  1.00 18.63 ? 88  HOH A O   1 
HETATM 1153 O  O   . HOH D 4 .   ? -13.603 7.397   -10.458 1.00 33.13 ? 90  HOH A O   1 
HETATM 1154 O  O   . HOH D 4 .   ? -6.530  -7.793  0.405   1.00 20.85 ? 91  HOH A O   1 
HETATM 1155 O  O   . HOH D 4 .   ? -1.476  18.676  -2.366  1.00 30.31 ? 92  HOH A O   1 
HETATM 1156 O  O   . HOH D 4 .   ? -3.678  18.643  -3.650  1.00 27.59 ? 94  HOH A O   1 
HETATM 1157 O  O   . HOH D 4 .   ? -4.145  -7.914  0.573   1.00 21.52 ? 99  HOH A O   1 
HETATM 1158 O  O   . HOH D 4 .   ? -14.844 -7.109  1.850   1.00 38.16 ? 100 HOH A O   1 
HETATM 1159 O  O   . HOH D 4 .   ? 5.872   1.003   13.311  1.00 28.62 ? 102 HOH A O   1 
HETATM 1160 O  O   . HOH D 4 .   ? 2.930   22.425  -7.169  1.00 45.32 ? 103 HOH A O   1 
HETATM 1161 O  O   . HOH D 4 .   ? -14.275 8.769   -0.514  1.00 37.43 ? 104 HOH A O   1 
HETATM 1162 O  O   . HOH D 4 .   ? 14.428  -7.671  -2.576  1.00 31.95 ? 105 HOH A O   1 
HETATM 1163 O  O   . HOH D 4 .   ? -0.598  -18.236 -4.144  1.00 34.28 ? 106 HOH A O   1 
HETATM 1164 O  O   . HOH D 4 .   ? -7.235  -16.582 -1.912  1.00 30.95 ? 108 HOH A O   1 
HETATM 1165 O  O   . HOH D 4 .   ? -13.338 4.703   8.436   1.00 36.85 ? 109 HOH A O   1 
HETATM 1166 O  O   . HOH D 4 .   ? -13.237 14.298  -13.400 1.00 28.49 ? 111 HOH A O   1 
HETATM 1167 O  O   . HOH D 4 .   ? -11.309 17.483  4.901   1.00 34.55 ? 114 HOH A O   1 
HETATM 1168 O  O   . HOH D 4 .   ? 19.402  -6.750  5.301   1.00 31.23 ? 116 HOH A O   1 
HETATM 1169 O  O   . HOH D 4 .   ? -3.969  7.891   10.989  1.00 46.06 ? 118 HOH A O   1 
HETATM 1170 O  O   . HOH D 4 .   ? 8.363   10.182  -12.624 1.00 35.84 ? 121 HOH A O   1 
HETATM 1171 O  O   . HOH D 4 .   ? -8.598  9.620   3.044   1.00 26.07 ? 125 HOH A O   1 
HETATM 1172 O  O   . HOH D 4 .   ? -9.969  -6.443  10.930  1.00 30.47 ? 126 HOH A O   1 
HETATM 1173 O  O   . HOH D 4 .   ? 9.962   3.083   -9.021  1.00 41.80 ? 130 HOH A O   1 
HETATM 1174 O  O   . HOH D 4 .   ? -7.451  3.245   14.776  1.00 43.01 ? 132 HOH A O   1 
HETATM 1175 O  O   . HOH D 4 .   ? -3.013  18.114  -10.620 1.00 25.99 ? 136 HOH A O   1 
HETATM 1176 O  O   . HOH E 4 .   ? 0.417   -3.927  -4.903  1.00 19.96 ? 33  HOH B O   1 
HETATM 1177 O  O   . HOH E 4 .   ? 1.571   -4.254  -2.039  1.00 23.96 ? 39  HOH B O   1 
HETATM 1178 O  O   . HOH E 4 .   ? -8.811  -1.958  -5.887  1.00 32.29 ? 41  HOH B O   1 
HETATM 1179 O  O   . HOH E 4 .   ? 2.826   -5.301  -7.079  1.00 35.64 ? 72  HOH B O   1 
HETATM 1180 O  O   . HOH E 4 .   ? -10.682 -0.202  -6.306  1.00 32.79 ? 124 HOH B O   1 
# 
loop_
_pdbx_poly_seq_scheme.asym_id 
_pdbx_poly_seq_scheme.entity_id 
_pdbx_poly_seq_scheme.seq_id 
_pdbx_poly_seq_scheme.mon_id 
_pdbx_poly_seq_scheme.ndb_seq_num 
_pdbx_poly_seq_scheme.pdb_seq_num 
_pdbx_poly_seq_scheme.auth_seq_num 
_pdbx_poly_seq_scheme.pdb_mon_id 
_pdbx_poly_seq_scheme.auth_mon_id 
_pdbx_poly_seq_scheme.pdb_strand_id 
_pdbx_poly_seq_scheme.pdb_ins_code 
_pdbx_poly_seq_scheme.hetero 
A 1 1   GLY 1   222 222 GLY LYS A . n 
A 1 2   LYS 2   223 223 LYS LYS A . n 
A 1 3   GLN 3   224 224 GLN GLN A . n 
A 1 4   ALA 4   225 225 ALA ALA A . n 
A 1 5   LEU 5   226 226 LEU LEU A . n 
A 1 6   LYS 6   227 227 LYS LYS A . n 
A 1 7   GLU 7   228 228 GLU GLU A . n 
A 1 8   LYS 8   229 229 LYS LYS A . n 
A 1 9   GLU 9   230 230 GLU GLU A . n 
A 1 10  LEU 10  231 231 LEU LEU A . n 
A 1 11  GLY 11  232 232 GLY GLY A . n 
A 1 12  ASN 12  233 233 ASN ASN A . n 
A 1 13  ASP 13  234 234 ASP ASP A . n 
A 1 14  ALA 14  235 235 ALA ALA A . n 
A 1 15  TYR 15  236 236 TYR TYR A . n 
A 1 16  LYS 16  237 237 LYS LYS A . n 
A 1 17  LYS 17  238 238 LYS LYS A . n 
A 1 18  LYS 18  239 239 LYS LYS A . n 
A 1 19  ASP 19  240 240 ASP ASP A . n 
A 1 20  PHE 20  241 241 PHE PHE A . n 
A 1 21  ASP 21  242 242 ASP ASP A . n 
A 1 22  THR 22  243 243 THR THR A . n 
A 1 23  ALA 23  244 244 ALA ALA A . n 
A 1 24  LEU 24  245 245 LEU LEU A . n 
A 1 25  LYS 25  246 246 LYS LYS A . n 
A 1 26  HIS 26  247 247 HIS HIS A . n 
A 1 27  TYR 27  248 248 TYR TYR A . n 
A 1 28  ASP 28  249 249 ASP ASP A . n 
A 1 29  LYS 29  250 250 LYS LYS A . n 
A 1 30  ALA 30  251 251 ALA ALA A . n 
A 1 31  LYS 31  252 252 LYS LYS A . n 
A 1 32  GLU 32  253 253 GLU GLU A . n 
A 1 33  LEU 33  254 254 LEU LEU A . n 
A 1 34  ASP 34  255 255 ASP ASP A . n 
A 1 35  PRO 35  256 256 PRO PRO A . n 
A 1 36  THR 36  257 257 THR THR A . n 
A 1 37  ASN 37  258 258 ASN ASN A . n 
A 1 38  MET 38  259 259 MET MET A . n 
A 1 39  THR 39  260 260 THR THR A . n 
A 1 40  TYR 40  261 261 TYR TYR A . n 
A 1 41  ILE 41  262 262 ILE ILE A . n 
A 1 42  THR 42  263 263 THR THR A . n 
A 1 43  ASN 43  264 264 ASN ASN A . n 
A 1 44  GLN 44  265 265 GLN GLN A . n 
A 1 45  ALA 45  266 266 ALA ALA A . n 
A 1 46  ALA 46  267 267 ALA ALA A . n 
A 1 47  VAL 47  268 268 VAL VAL A . n 
A 1 48  TYR 48  269 269 TYR TYR A . n 
A 1 49  PHE 49  270 270 PHE PHE A . n 
A 1 50  GLU 50  271 271 GLU GLU A . n 
A 1 51  LYS 51  272 272 LYS LYS A . n 
A 1 52  GLY 52  273 273 GLY GLY A . n 
A 1 53  ASP 53  274 274 ASP ASP A . n 
A 1 54  TYR 54  275 275 TYR TYR A . n 
A 1 55  ASN 55  276 276 ASN ASN A . n 
A 1 56  LYS 56  277 277 LYS LYS A . n 
A 1 57  CYS 57  278 278 CYS CYS A . n 
A 1 58  ARG 58  279 279 ARG ARG A . n 
A 1 59  GLU 59  280 280 GLU GLU A . n 
A 1 60  LEU 60  281 281 LEU LEU A . n 
A 1 61  CYS 61  282 282 CYS CYS A . n 
A 1 62  GLU 62  283 283 GLU GLU A . n 
A 1 63  LYS 63  284 284 LYS LYS A . n 
A 1 64  ALA 64  285 285 ALA ALA A . n 
A 1 65  ILE 65  286 286 ILE ILE A . n 
A 1 66  GLU 66  287 287 GLU GLU A . n 
A 1 67  VAL 67  288 288 VAL VAL A . n 
A 1 68  GLY 68  289 289 GLY GLY A . n 
A 1 69  ARG 69  290 290 ARG ARG A . n 
A 1 70  GLU 70  291 291 GLU GLU A . n 
A 1 71  ASN 71  292 292 ASN ASN A . n 
A 1 72  ARG 72  293 293 ARG ARG A . n 
A 1 73  GLU 73  294 294 GLU GLU A . n 
A 1 74  ASP 74  295 295 ASP ASP A . n 
A 1 75  TYR 75  296 296 TYR TYR A . n 
A 1 76  ARG 76  297 297 ARG ARG A . n 
A 1 77  GLN 77  298 298 GLN GLN A . n 
A 1 78  ILE 78  299 299 ILE ILE A . n 
A 1 79  ALA 79  300 300 ALA ALA A . n 
A 1 80  LYS 80  301 301 LYS LYS A . n 
A 1 81  ALA 81  302 302 ALA ALA A . n 
A 1 82  TYR 82  303 303 TYR TYR A . n 
A 1 83  ALA 83  304 304 ALA ALA A . n 
A 1 84  ARG 84  305 305 ARG ARG A . n 
A 1 85  ILE 85  306 306 ILE ILE A . n 
A 1 86  GLY 86  307 307 GLY GLY A . n 
A 1 87  ASN 87  308 308 ASN ASN A . n 
A 1 88  SER 88  309 309 SER SER A . n 
A 1 89  TYR 89  310 310 TYR TYR A . n 
A 1 90  PHE 90  311 311 PHE PHE A . n 
A 1 91  LYS 91  312 312 LYS LYS A . n 
A 1 92  GLU 92  313 313 GLU GLU A . n 
A 1 93  GLU 93  314 314 GLU GLU A . n 
A 1 94  LYS 94  315 315 LYS LYS A . n 
A 1 95  TYR 95  316 316 TYR TYR A . n 
A 1 96  LYS 96  317 317 LYS LYS A . n 
A 1 97  ASP 97  318 318 ASP ASP A . n 
A 1 98  ALA 98  319 319 ALA ALA A . n 
A 1 99  ILE 99  320 320 ILE ILE A . n 
A 1 100 HIS 100 321 321 HIS HIS A . n 
A 1 101 PHE 101 322 322 PHE PHE A . n 
A 1 102 TYR 102 323 323 TYR TYR A . n 
A 1 103 ASN 103 324 324 ASN ASN A . n 
A 1 104 LYS 104 325 325 LYS LYS A . n 
A 1 105 SER 105 326 326 SER SER A . n 
A 1 106 LEU 106 327 327 LEU LEU A . n 
A 1 107 ALA 107 328 328 ALA ALA A . n 
A 1 108 GLU 108 329 329 GLU GLU A . n 
A 1 109 HIS 109 330 330 HIS HIS A . n 
A 1 110 ARG 110 331 331 ARG ARG A . n 
A 1 111 THR 111 332 332 THR THR A . n 
A 1 112 PRO 112 333 333 PRO PRO A . n 
A 1 113 ASP 113 334 334 ASP ASP A . n 
A 1 114 VAL 114 335 335 VAL VAL A . n 
A 1 115 LEU 115 336 336 LEU LEU A . n 
A 1 116 LYS 116 337 337 LYS LYS A . n 
A 1 117 LYS 117 338 338 LYS LYS A . n 
A 1 118 CYS 118 339 339 CYS CYS A . n 
A 1 119 GLN 119 340 340 GLN GLN A . n 
A 1 120 GLN 120 341 341 GLN GLN A . n 
A 1 121 ALA 121 342 342 ALA ALA A . n 
A 1 122 GLU 122 343 343 GLU GLU A . n 
A 1 123 LYS 123 344 344 LYS LYS A . n 
A 1 124 ILE 124 345 345 ILE ILE A . n 
A 1 125 LEU 125 346 346 LEU LEU A . n 
A 1 126 LYS 126 347 347 LYS LYS A . n 
A 1 127 GLU 127 348 348 GLU GLU A . n 
A 1 128 GLN 128 349 349 GLN GLN A . n 
A 1 129 GLU 129 350 ?   ?   ?   A . n 
B 2 1   GLY 1   -1  ?   ?   ?   B . n 
B 2 2   ALA 2   0   ?   ?   ?   B . n 
B 2 3   SER 3   1   ?   ?   ?   B . n 
B 2 4   SER 4   2   ?   ?   ?   B . n 
B 2 5   GLY 5   3   3   GLY GLY B . n 
B 2 6   PRO 6   4   4   PRO PRO B . n 
B 2 7   THR 7   5   5   THR THR B . n 
B 2 8   ILE 8   6   6   ILE ILE B . n 
B 2 9   GLU 9   7   7   GLU GLU B . n 
B 2 10  GLU 10  8   8   GLU GLU B . n 
B 2 11  VAL 11  9   9   VAL VAL B . n 
B 2 12  ASP 12  10  10  ASP ASP B . n 
# 
loop_
_pdbx_nonpoly_scheme.asym_id 
_pdbx_nonpoly_scheme.entity_id 
_pdbx_nonpoly_scheme.mon_id 
_pdbx_nonpoly_scheme.ndb_seq_num 
_pdbx_nonpoly_scheme.pdb_seq_num 
_pdbx_nonpoly_scheme.auth_seq_num 
_pdbx_nonpoly_scheme.pdb_mon_id 
_pdbx_nonpoly_scheme.auth_mon_id 
_pdbx_nonpoly_scheme.pdb_strand_id 
_pdbx_nonpoly_scheme.pdb_ins_code 
C 3 NI  1  1   1   NI  NI  A . 
D 4 HOH 1  2   2   HOH HOH A . 
D 4 HOH 2  4   4   HOH HOH A . 
D 4 HOH 3  5   5   HOH HOH A . 
D 4 HOH 4  6   6   HOH HOH A . 
D 4 HOH 5  7   7   HOH HOH A . 
D 4 HOH 6  8   8   HOH HOH A . 
D 4 HOH 7  9   9   HOH HOH A . 
D 4 HOH 8  10  10  HOH HOH A . 
D 4 HOH 9  11  11  HOH HOH A . 
D 4 HOH 10 12  12  HOH HOH A . 
D 4 HOH 11 13  13  HOH HOH A . 
D 4 HOH 12 14  14  HOH HOH A . 
D 4 HOH 13 15  15  HOH HOH A . 
D 4 HOH 14 16  16  HOH HOH A . 
D 4 HOH 15 17  17  HOH HOH A . 
D 4 HOH 16 18  18  HOH HOH A . 
D 4 HOH 17 19  19  HOH HOH A . 
D 4 HOH 18 20  20  HOH HOH A . 
D 4 HOH 19 21  21  HOH HOH A . 
D 4 HOH 20 22  22  HOH HOH A . 
D 4 HOH 21 23  23  HOH HOH A . 
D 4 HOH 22 24  24  HOH HOH A . 
D 4 HOH 23 26  26  HOH HOH A . 
D 4 HOH 24 27  27  HOH HOH A . 
D 4 HOH 25 29  29  HOH HOH A . 
D 4 HOH 26 30  30  HOH HOH A . 
D 4 HOH 27 31  31  HOH HOH A . 
D 4 HOH 28 32  32  HOH HOH A . 
D 4 HOH 29 34  34  HOH HOH A . 
D 4 HOH 30 35  35  HOH HOH A . 
D 4 HOH 31 36  36  HOH HOH A . 
D 4 HOH 32 37  37  HOH HOH A . 
D 4 HOH 33 38  38  HOH HOH A . 
D 4 HOH 34 40  40  HOH HOH A . 
D 4 HOH 35 42  42  HOH HOH A . 
D 4 HOH 36 43  43  HOH HOH A . 
D 4 HOH 37 44  44  HOH HOH A . 
D 4 HOH 38 45  45  HOH HOH A . 
D 4 HOH 39 46  46  HOH HOH A . 
D 4 HOH 40 47  47  HOH HOH A . 
D 4 HOH 41 48  48  HOH HOH A . 
D 4 HOH 42 49  49  HOH HOH A . 
D 4 HOH 43 51  51  HOH HOH A . 
D 4 HOH 44 52  52  HOH HOH A . 
D 4 HOH 45 54  54  HOH HOH A . 
D 4 HOH 46 57  57  HOH HOH A . 
D 4 HOH 47 60  60  HOH HOH A . 
D 4 HOH 48 61  61  HOH HOH A . 
D 4 HOH 49 62  62  HOH HOH A . 
D 4 HOH 50 64  64  HOH HOH A . 
D 4 HOH 51 65  65  HOH HOH A . 
D 4 HOH 52 66  66  HOH HOH A . 
D 4 HOH 53 67  67  HOH HOH A . 
D 4 HOH 54 68  68  HOH HOH A . 
D 4 HOH 55 69  69  HOH HOH A . 
D 4 HOH 56 70  70  HOH HOH A . 
D 4 HOH 57 71  71  HOH HOH A . 
D 4 HOH 58 75  75  HOH HOH A . 
D 4 HOH 59 77  77  HOH HOH A . 
D 4 HOH 60 78  78  HOH HOH A . 
D 4 HOH 61 79  79  HOH HOH A . 
D 4 HOH 62 81  81  HOH HOH A . 
D 4 HOH 63 82  82  HOH HOH A . 
D 4 HOH 64 84  84  HOH HOH A . 
D 4 HOH 65 86  86  HOH HOH A . 
D 4 HOH 66 88  88  HOH HOH A . 
D 4 HOH 67 90  90  HOH HOH A . 
D 4 HOH 68 91  91  HOH HOH A . 
D 4 HOH 69 92  92  HOH HOH A . 
D 4 HOH 70 94  94  HOH HOH A . 
D 4 HOH 71 99  99  HOH HOH A . 
D 4 HOH 72 100 100 HOH HOH A . 
D 4 HOH 73 102 102 HOH HOH A . 
D 4 HOH 74 103 103 HOH HOH A . 
D 4 HOH 75 104 104 HOH HOH A . 
D 4 HOH 76 105 105 HOH HOH A . 
D 4 HOH 77 106 106 HOH HOH A . 
D 4 HOH 78 108 108 HOH HOH A . 
D 4 HOH 79 109 109 HOH HOH A . 
D 4 HOH 80 111 111 HOH HOH A . 
D 4 HOH 81 114 114 HOH HOH A . 
D 4 HOH 82 116 116 HOH HOH A . 
D 4 HOH 83 118 118 HOH HOH A . 
D 4 HOH 84 121 121 HOH HOH A . 
D 4 HOH 85 125 125 HOH HOH A . 
D 4 HOH 86 126 126 HOH HOH A . 
D 4 HOH 87 130 130 HOH HOH A . 
D 4 HOH 88 132 132 HOH HOH A . 
D 4 HOH 89 136 136 HOH HOH A . 
E 4 HOH 1  33  33  HOH HOH B . 
E 4 HOH 2  39  39  HOH HOH B . 
E 4 HOH 3  41  41  HOH HOH B . 
E 4 HOH 4  72  72  HOH HOH B . 
E 4 HOH 5  124 124 HOH HOH B . 
# 
_pdbx_struct_assembly.id                   1 
_pdbx_struct_assembly.details              author_and_software_defined_assembly 
_pdbx_struct_assembly.method_details       PISA 
_pdbx_struct_assembly.oligomeric_details   dimeric 
_pdbx_struct_assembly.oligomeric_count     2 
# 
_pdbx_struct_assembly_gen.assembly_id       1 
_pdbx_struct_assembly_gen.oper_expression   1 
_pdbx_struct_assembly_gen.asym_id_list      A,B,C,D,E 
# 
loop_
_pdbx_struct_assembly_prop.biol_id 
_pdbx_struct_assembly_prop.type 
_pdbx_struct_assembly_prop.value 
_pdbx_struct_assembly_prop.details 
1 'ABSA (A^2)' 990  ? 
1 MORE         -5   ? 
1 'SSA (A^2)'  7660 ? 
# 
_pdbx_struct_oper_list.id                   1 
_pdbx_struct_oper_list.type                 'identity operation' 
_pdbx_struct_oper_list.name                 1_555 
_pdbx_struct_oper_list.symmetry_operation   x,y,z 
_pdbx_struct_oper_list.matrix[1][1]         1.0000000000 
_pdbx_struct_oper_list.matrix[1][2]         0.0000000000 
_pdbx_struct_oper_list.matrix[1][3]         0.0000000000 
_pdbx_struct_oper_list.vector[1]            0.0000000000 
_pdbx_struct_oper_list.matrix[2][1]         0.0000000000 
_pdbx_struct_oper_list.matrix[2][2]         1.0000000000 
_pdbx_struct_oper_list.matrix[2][3]         0.0000000000 
_pdbx_struct_oper_list.vector[2]            0.0000000000 
_pdbx_struct_oper_list.matrix[3][1]         0.0000000000 
_pdbx_struct_oper_list.matrix[3][2]         0.0000000000 
_pdbx_struct_oper_list.matrix[3][3]         1.0000000000 
_pdbx_struct_oper_list.vector[3]            0.0000000000 
# 
loop_
_pdbx_struct_conn_angle.id 
_pdbx_struct_conn_angle.ptnr1_label_atom_id 
_pdbx_struct_conn_angle.ptnr1_label_alt_id 
_pdbx_struct_conn_angle.ptnr1_label_asym_id 
_pdbx_struct_conn_angle.ptnr1_label_comp_id 
_pdbx_struct_conn_angle.ptnr1_label_seq_id 
_pdbx_struct_conn_angle.ptnr1_auth_atom_id 
_pdbx_struct_conn_angle.ptnr1_auth_asym_id 
_pdbx_struct_conn_angle.ptnr1_auth_comp_id 
_pdbx_struct_conn_angle.ptnr1_auth_seq_id 
_pdbx_struct_conn_angle.ptnr1_PDB_ins_code 
_pdbx_struct_conn_angle.ptnr1_symmetry 
_pdbx_struct_conn_angle.ptnr2_label_atom_id 
_pdbx_struct_conn_angle.ptnr2_label_alt_id 
_pdbx_struct_conn_angle.ptnr2_label_asym_id 
_pdbx_struct_conn_angle.ptnr2_label_comp_id 
_pdbx_struct_conn_angle.ptnr2_label_seq_id 
_pdbx_struct_conn_angle.ptnr2_auth_atom_id 
_pdbx_struct_conn_angle.ptnr2_auth_asym_id 
_pdbx_struct_conn_angle.ptnr2_auth_comp_id 
_pdbx_struct_conn_angle.ptnr2_auth_seq_id 
_pdbx_struct_conn_angle.ptnr2_PDB_ins_code 
_pdbx_struct_conn_angle.ptnr2_symmetry 
_pdbx_struct_conn_angle.ptnr3_label_atom_id 
_pdbx_struct_conn_angle.ptnr3_label_alt_id 
_pdbx_struct_conn_angle.ptnr3_label_asym_id 
_pdbx_struct_conn_angle.ptnr3_label_comp_id 
_pdbx_struct_conn_angle.ptnr3_label_seq_id 
_pdbx_struct_conn_angle.ptnr3_auth_atom_id 
_pdbx_struct_conn_angle.ptnr3_auth_asym_id 
_pdbx_struct_conn_angle.ptnr3_auth_comp_id 
_pdbx_struct_conn_angle.ptnr3_auth_seq_id 
_pdbx_struct_conn_angle.ptnr3_PDB_ins_code 
_pdbx_struct_conn_angle.ptnr3_symmetry 
_pdbx_struct_conn_angle.value 
_pdbx_struct_conn_angle.value_esd 
1 O   ? D HOH .   ? A HOH 26  ? 1_555 NI ? C NI . ? A NI 1 ? 1_555 O   ? D HOH .   ? A HOH 88  ? 1_555 84.6  ? 
2 O   ? D HOH .   ? A HOH 26  ? 1_555 NI ? C NI . ? A NI 1 ? 1_555 NE2 ? A HIS 100 ? A HIS 321 ? 1_555 158.5 ? 
3 O   ? D HOH .   ? A HOH 88  ? 1_555 NI ? C NI . ? A NI 1 ? 1_555 NE2 ? A HIS 100 ? A HIS 321 ? 1_555 88.1  ? 
4 O   ? D HOH .   ? A HOH 26  ? 1_555 NI ? C NI . ? A NI 1 ? 1_555 NZ  ? A LYS 104 ? A LYS 325 ? 1_555 105.7 ? 
5 O   ? D HOH .   ? A HOH 88  ? 1_555 NI ? C NI . ? A NI 1 ? 1_555 NZ  ? A LYS 104 ? A LYS 325 ? 1_555 98.8  ? 
6 NE2 ? A HIS 100 ? A HIS 321 ? 1_555 NI ? C NI . ? A NI 1 ? 1_555 NZ  ? A LYS 104 ? A LYS 325 ? 1_555 95.4  ? 
# 
loop_
_pdbx_audit_revision_history.ordinal 
_pdbx_audit_revision_history.data_content_type 
_pdbx_audit_revision_history.major_revision 
_pdbx_audit_revision_history.minor_revision 
_pdbx_audit_revision_history.revision_date 
1 'Structure model' 1 0 2009-07-07 
2 'Structure model' 1 1 2011-07-13 
3 'Structure model' 1 2 2014-04-02 
4 'Structure model' 1 3 2023-09-06 
# 
_pdbx_audit_revision_details.ordinal             1 
_pdbx_audit_revision_details.revision_ordinal    1 
_pdbx_audit_revision_details.data_content_type   'Structure model' 
_pdbx_audit_revision_details.provider            repository 
_pdbx_audit_revision_details.type                'Initial release' 
_pdbx_audit_revision_details.description         ? 
_pdbx_audit_revision_details.details             ? 
# 
loop_
_pdbx_audit_revision_group.ordinal 
_pdbx_audit_revision_group.revision_ordinal 
_pdbx_audit_revision_group.data_content_type 
_pdbx_audit_revision_group.group 
1 2 'Structure model' 'Version format compliance' 
2 3 'Structure model' 'Source and taxonomy'       
3 4 'Structure model' 'Data collection'           
4 4 'Structure model' 'Database references'       
5 4 'Structure model' 'Derived calculations'      
6 4 'Structure model' 'Refinement description'    
# 
loop_
_pdbx_audit_revision_category.ordinal 
_pdbx_audit_revision_category.revision_ordinal 
_pdbx_audit_revision_category.data_content_type 
_pdbx_audit_revision_category.category 
1 4 'Structure model' chem_comp_atom                
2 4 'Structure model' chem_comp_bond                
3 4 'Structure model' database_2                    
4 4 'Structure model' pdbx_initial_refinement_model 
5 4 'Structure model' pdbx_struct_conn_angle        
6 4 'Structure model' struct_conn                   
7 4 'Structure model' struct_ref_seq_dif            
8 4 'Structure model' struct_site                   
# 
loop_
_pdbx_audit_revision_item.ordinal 
_pdbx_audit_revision_item.revision_ordinal 
_pdbx_audit_revision_item.data_content_type 
_pdbx_audit_revision_item.item 
1  4 'Structure model' '_database_2.pdbx_DOI'                        
2  4 'Structure model' '_database_2.pdbx_database_accession'         
3  4 'Structure model' '_pdbx_struct_conn_angle.ptnr1_auth_comp_id'  
4  4 'Structure model' '_pdbx_struct_conn_angle.ptnr1_auth_seq_id'   
5  4 'Structure model' '_pdbx_struct_conn_angle.ptnr1_label_asym_id' 
6  4 'Structure model' '_pdbx_struct_conn_angle.ptnr1_label_atom_id' 
7  4 'Structure model' '_pdbx_struct_conn_angle.ptnr1_label_comp_id' 
8  4 'Structure model' '_pdbx_struct_conn_angle.ptnr1_label_seq_id'  
9  4 'Structure model' '_pdbx_struct_conn_angle.ptnr3_auth_comp_id'  
10 4 'Structure model' '_pdbx_struct_conn_angle.ptnr3_auth_seq_id'   
11 4 'Structure model' '_pdbx_struct_conn_angle.ptnr3_label_asym_id' 
12 4 'Structure model' '_pdbx_struct_conn_angle.ptnr3_label_atom_id' 
13 4 'Structure model' '_pdbx_struct_conn_angle.ptnr3_label_comp_id' 
14 4 'Structure model' '_pdbx_struct_conn_angle.ptnr3_label_seq_id'  
15 4 'Structure model' '_pdbx_struct_conn_angle.value'               
16 4 'Structure model' '_struct_conn.pdbx_dist_value'                
17 4 'Structure model' '_struct_conn.ptnr1_auth_comp_id'             
18 4 'Structure model' '_struct_conn.ptnr1_auth_seq_id'              
19 4 'Structure model' '_struct_conn.ptnr1_label_asym_id'            
20 4 'Structure model' '_struct_conn.ptnr1_label_atom_id'            
21 4 'Structure model' '_struct_conn.ptnr1_label_comp_id'            
22 4 'Structure model' '_struct_conn.ptnr1_label_seq_id'             
23 4 'Structure model' '_struct_conn.ptnr2_auth_comp_id'             
24 4 'Structure model' '_struct_conn.ptnr2_auth_seq_id'              
25 4 'Structure model' '_struct_conn.ptnr2_label_asym_id'            
26 4 'Structure model' '_struct_conn.ptnr2_label_atom_id'            
27 4 'Structure model' '_struct_conn.ptnr2_label_comp_id'            
28 4 'Structure model' '_struct_conn.ptnr2_label_seq_id'             
29 4 'Structure model' '_struct_ref_seq_dif.details'                 
30 4 'Structure model' '_struct_site.pdbx_auth_asym_id'              
31 4 'Structure model' '_struct_site.pdbx_auth_comp_id'              
32 4 'Structure model' '_struct_site.pdbx_auth_seq_id'               
# 
loop_
_software.name 
_software.classification 
_software.version 
_software.citation_id 
_software.pdbx_ordinal 
HKL-2000 'data collection' .        ? 1 
AMoRE    phasing           .        ? 2 
REFMAC   refinement        5.5.0036 ? 3 
HKL-2000 'data reduction'  .        ? 4 
HKL-2000 'data scaling'    .        ? 5 
# 
loop_
_pdbx_validate_rmsd_angle.id 
_pdbx_validate_rmsd_angle.PDB_model_num 
_pdbx_validate_rmsd_angle.auth_atom_id_1 
_pdbx_validate_rmsd_angle.auth_asym_id_1 
_pdbx_validate_rmsd_angle.auth_comp_id_1 
_pdbx_validate_rmsd_angle.auth_seq_id_1 
_pdbx_validate_rmsd_angle.PDB_ins_code_1 
_pdbx_validate_rmsd_angle.label_alt_id_1 
_pdbx_validate_rmsd_angle.auth_atom_id_2 
_pdbx_validate_rmsd_angle.auth_asym_id_2 
_pdbx_validate_rmsd_angle.auth_comp_id_2 
_pdbx_validate_rmsd_angle.auth_seq_id_2 
_pdbx_validate_rmsd_angle.PDB_ins_code_2 
_pdbx_validate_rmsd_angle.label_alt_id_2 
_pdbx_validate_rmsd_angle.auth_atom_id_3 
_pdbx_validate_rmsd_angle.auth_asym_id_3 
_pdbx_validate_rmsd_angle.auth_comp_id_3 
_pdbx_validate_rmsd_angle.auth_seq_id_3 
_pdbx_validate_rmsd_angle.PDB_ins_code_3 
_pdbx_validate_rmsd_angle.label_alt_id_3 
_pdbx_validate_rmsd_angle.angle_value 
_pdbx_validate_rmsd_angle.angle_target_value 
_pdbx_validate_rmsd_angle.angle_deviation 
_pdbx_validate_rmsd_angle.angle_standard_deviation 
_pdbx_validate_rmsd_angle.linker_flag 
1 1 C  A ASP 255 ? ? N  A PRO 256 ? ? CA  A PRO 256 ? ? 128.61 119.30 9.31   1.50 Y 
2 1 O  A ASN 292 ? ? C  A ASN 292 ? ? N   A ARG 293 ? ? 112.52 122.70 -10.18 1.60 Y 
3 1 NE A ARG 305 ? ? CZ A ARG 305 ? ? NH1 A ARG 305 ? ? 123.92 120.30 3.62   0.50 N 
# 
loop_
_pdbx_validate_torsion.id 
_pdbx_validate_torsion.PDB_model_num 
_pdbx_validate_torsion.auth_comp_id 
_pdbx_validate_torsion.auth_asym_id 
_pdbx_validate_torsion.auth_seq_id 
_pdbx_validate_torsion.PDB_ins_code 
_pdbx_validate_torsion.label_alt_id 
_pdbx_validate_torsion.phi 
_pdbx_validate_torsion.psi 
1 1 ASP A 255 ? ? -158.22 82.87  
2 1 ARG A 293 ? ? 84.88   -20.60 
3 1 LYS A 315 ? ? -104.95 69.82  
4 1 PRO B 4   ? ? -31.43  133.74 
# 
_pdbx_validate_main_chain_plane.id                       1 
_pdbx_validate_main_chain_plane.PDB_model_num            1 
_pdbx_validate_main_chain_plane.auth_comp_id             ASN 
_pdbx_validate_main_chain_plane.auth_asym_id             A 
_pdbx_validate_main_chain_plane.auth_seq_id              292 
_pdbx_validate_main_chain_plane.PDB_ins_code             ? 
_pdbx_validate_main_chain_plane.label_alt_id             ? 
_pdbx_validate_main_chain_plane.improper_torsion_angle   30.09 
# 
loop_
_pdbx_unobs_or_zero_occ_atoms.id 
_pdbx_unobs_or_zero_occ_atoms.PDB_model_num 
_pdbx_unobs_or_zero_occ_atoms.polymer_flag 
_pdbx_unobs_or_zero_occ_atoms.occupancy_flag 
_pdbx_unobs_or_zero_occ_atoms.auth_asym_id 
_pdbx_unobs_or_zero_occ_atoms.auth_comp_id 
_pdbx_unobs_or_zero_occ_atoms.auth_seq_id 
_pdbx_unobs_or_zero_occ_atoms.PDB_ins_code 
_pdbx_unobs_or_zero_occ_atoms.auth_atom_id 
_pdbx_unobs_or_zero_occ_atoms.label_alt_id 
_pdbx_unobs_or_zero_occ_atoms.label_asym_id 
_pdbx_unobs_or_zero_occ_atoms.label_comp_id 
_pdbx_unobs_or_zero_occ_atoms.label_seq_id 
_pdbx_unobs_or_zero_occ_atoms.label_atom_id 
1  1 Y 1 A LYS 223 ? CG  ? A LYS 2  CG  
2  1 Y 1 A LYS 223 ? CD  ? A LYS 2  CD  
3  1 Y 1 A LYS 223 ? CE  ? A LYS 2  CE  
4  1 Y 1 A LYS 223 ? NZ  ? A LYS 2  NZ  
5  1 Y 1 A LYS 227 ? CE  ? A LYS 6  CE  
6  1 Y 1 A LYS 227 ? NZ  ? A LYS 6  NZ  
7  1 Y 0 A LYS 237 ? CE  ? A LYS 16 CE  
8  1 Y 0 A LYS 237 ? NZ  ? A LYS 16 NZ  
9  1 Y 0 A LYS 239 ? NZ  ? A LYS 18 NZ  
10 1 Y 0 A ASP 242 ? OD1 ? A ASP 21 OD1 
11 1 Y 1 A LYS 250 ? CG  ? A LYS 29 CG  
12 1 Y 1 A LYS 250 ? CD  ? A LYS 29 CD  
13 1 Y 1 A LYS 250 ? CE  ? A LYS 29 CE  
14 1 Y 1 A LYS 250 ? NZ  ? A LYS 29 NZ  
15 1 Y 1 A LYS 252 ? CG  ? A LYS 31 CG  
16 1 Y 1 A LYS 252 ? CD  ? A LYS 31 CD  
17 1 Y 1 A LYS 252 ? CE  ? A LYS 31 CE  
18 1 Y 1 A LYS 252 ? NZ  ? A LYS 31 NZ  
19 1 Y 1 A LYS 284 ? CG  ? A LYS 63 CG  
20 1 Y 1 A LYS 284 ? CD  ? A LYS 63 CD  
21 1 Y 1 A LYS 284 ? CE  ? A LYS 63 CE  
22 1 Y 1 A LYS 284 ? NZ  ? A LYS 63 NZ  
23 1 Y 1 A GLU 291 ? CG  ? A GLU 70 CG  
24 1 Y 1 A GLU 291 ? CD  ? A GLU 70 CD  
25 1 Y 1 A GLU 291 ? OE1 ? A GLU 70 OE1 
26 1 Y 1 A GLU 291 ? OE2 ? A GLU 70 OE2 
27 1 Y 1 A ASN 292 ? CG  ? A ASN 71 CG  
28 1 Y 1 A ASN 292 ? OD1 ? A ASN 71 OD1 
29 1 Y 1 A ASN 292 ? ND2 ? A ASN 71 ND2 
30 1 Y 1 A ARG 293 ? CG  ? A ARG 72 CG  
31 1 Y 1 A ARG 293 ? CD  ? A ARG 72 CD  
32 1 Y 1 A ARG 293 ? NE  ? A ARG 72 NE  
33 1 Y 1 A ARG 293 ? CZ  ? A ARG 72 CZ  
34 1 Y 1 A ARG 293 ? NH1 ? A ARG 72 NH1 
35 1 Y 1 A ARG 293 ? NH2 ? A ARG 72 NH2 
36 1 Y 0 A ARG 293 ? CB  ? A ARG 72 CB  
37 1 Y 1 A GLU 294 ? CG  ? A GLU 73 CG  
38 1 Y 1 A GLU 294 ? CD  ? A GLU 73 CD  
39 1 Y 1 A GLU 294 ? OE1 ? A GLU 73 OE1 
40 1 Y 1 A GLU 294 ? OE2 ? A GLU 73 OE2 
41 1 Y 1 B PRO 4   ? CG  ? B PRO 6  CG  
42 1 Y 1 B PRO 4   ? CD  ? B PRO 6  CD  
# 
loop_
_pdbx_unobs_or_zero_occ_residues.id 
_pdbx_unobs_or_zero_occ_residues.PDB_model_num 
_pdbx_unobs_or_zero_occ_residues.polymer_flag 
_pdbx_unobs_or_zero_occ_residues.occupancy_flag 
_pdbx_unobs_or_zero_occ_residues.auth_asym_id 
_pdbx_unobs_or_zero_occ_residues.auth_comp_id 
_pdbx_unobs_or_zero_occ_residues.auth_seq_id 
_pdbx_unobs_or_zero_occ_residues.PDB_ins_code 
_pdbx_unobs_or_zero_occ_residues.label_asym_id 
_pdbx_unobs_or_zero_occ_residues.label_comp_id 
_pdbx_unobs_or_zero_occ_residues.label_seq_id 
1 1 Y 1 A GLU 350 ? A GLU 129 
2 1 Y 1 B GLY -1  ? B GLY 1   
3 1 Y 1 B ALA 0   ? B ALA 2   
4 1 Y 1 B SER 1   ? B SER 3   
5 1 Y 1 B SER 2   ? B SER 4   
# 
loop_
_chem_comp_atom.comp_id 
_chem_comp_atom.atom_id 
_chem_comp_atom.type_symbol 
_chem_comp_atom.pdbx_aromatic_flag 
_chem_comp_atom.pdbx_stereo_config 
_chem_comp_atom.pdbx_ordinal 
ALA N    N  N N 1   
ALA CA   C  N S 2   
ALA C    C  N N 3   
ALA O    O  N N 4   
ALA CB   C  N N 5   
ALA OXT  O  N N 6   
ALA H    H  N N 7   
ALA H2   H  N N 8   
ALA HA   H  N N 9   
ALA HB1  H  N N 10  
ALA HB2  H  N N 11  
ALA HB3  H  N N 12  
ALA HXT  H  N N 13  
ARG N    N  N N 14  
ARG CA   C  N S 15  
ARG C    C  N N 16  
ARG O    O  N N 17  
ARG CB   C  N N 18  
ARG CG   C  N N 19  
ARG CD   C  N N 20  
ARG NE   N  N N 21  
ARG CZ   C  N N 22  
ARG NH1  N  N N 23  
ARG NH2  N  N N 24  
ARG OXT  O  N N 25  
ARG H    H  N N 26  
ARG H2   H  N N 27  
ARG HA   H  N N 28  
ARG HB2  H  N N 29  
ARG HB3  H  N N 30  
ARG HG2  H  N N 31  
ARG HG3  H  N N 32  
ARG HD2  H  N N 33  
ARG HD3  H  N N 34  
ARG HE   H  N N 35  
ARG HH11 H  N N 36  
ARG HH12 H  N N 37  
ARG HH21 H  N N 38  
ARG HH22 H  N N 39  
ARG HXT  H  N N 40  
ASN N    N  N N 41  
ASN CA   C  N S 42  
ASN C    C  N N 43  
ASN O    O  N N 44  
ASN CB   C  N N 45  
ASN CG   C  N N 46  
ASN OD1  O  N N 47  
ASN ND2  N  N N 48  
ASN OXT  O  N N 49  
ASN H    H  N N 50  
ASN H2   H  N N 51  
ASN HA   H  N N 52  
ASN HB2  H  N N 53  
ASN HB3  H  N N 54  
ASN HD21 H  N N 55  
ASN HD22 H  N N 56  
ASN HXT  H  N N 57  
ASP N    N  N N 58  
ASP CA   C  N S 59  
ASP C    C  N N 60  
ASP O    O  N N 61  
ASP CB   C  N N 62  
ASP CG   C  N N 63  
ASP OD1  O  N N 64  
ASP OD2  O  N N 65  
ASP OXT  O  N N 66  
ASP H    H  N N 67  
ASP H2   H  N N 68  
ASP HA   H  N N 69  
ASP HB2  H  N N 70  
ASP HB3  H  N N 71  
ASP HD2  H  N N 72  
ASP HXT  H  N N 73  
CYS N    N  N N 74  
CYS CA   C  N R 75  
CYS C    C  N N 76  
CYS O    O  N N 77  
CYS CB   C  N N 78  
CYS SG   S  N N 79  
CYS OXT  O  N N 80  
CYS H    H  N N 81  
CYS H2   H  N N 82  
CYS HA   H  N N 83  
CYS HB2  H  N N 84  
CYS HB3  H  N N 85  
CYS HG   H  N N 86  
CYS HXT  H  N N 87  
GLN N    N  N N 88  
GLN CA   C  N S 89  
GLN C    C  N N 90  
GLN O    O  N N 91  
GLN CB   C  N N 92  
GLN CG   C  N N 93  
GLN CD   C  N N 94  
GLN OE1  O  N N 95  
GLN NE2  N  N N 96  
GLN OXT  O  N N 97  
GLN H    H  N N 98  
GLN H2   H  N N 99  
GLN HA   H  N N 100 
GLN HB2  H  N N 101 
GLN HB3  H  N N 102 
GLN HG2  H  N N 103 
GLN HG3  H  N N 104 
GLN HE21 H  N N 105 
GLN HE22 H  N N 106 
GLN HXT  H  N N 107 
GLU N    N  N N 108 
GLU CA   C  N S 109 
GLU C    C  N N 110 
GLU O    O  N N 111 
GLU CB   C  N N 112 
GLU CG   C  N N 113 
GLU CD   C  N N 114 
GLU OE1  O  N N 115 
GLU OE2  O  N N 116 
GLU OXT  O  N N 117 
GLU H    H  N N 118 
GLU H2   H  N N 119 
GLU HA   H  N N 120 
GLU HB2  H  N N 121 
GLU HB3  H  N N 122 
GLU HG2  H  N N 123 
GLU HG3  H  N N 124 
GLU HE2  H  N N 125 
GLU HXT  H  N N 126 
GLY N    N  N N 127 
GLY CA   C  N N 128 
GLY C    C  N N 129 
GLY O    O  N N 130 
GLY OXT  O  N N 131 
GLY H    H  N N 132 
GLY H2   H  N N 133 
GLY HA2  H  N N 134 
GLY HA3  H  N N 135 
GLY HXT  H  N N 136 
HIS N    N  N N 137 
HIS CA   C  N S 138 
HIS C    C  N N 139 
HIS O    O  N N 140 
HIS CB   C  N N 141 
HIS CG   C  Y N 142 
HIS ND1  N  Y N 143 
HIS CD2  C  Y N 144 
HIS CE1  C  Y N 145 
HIS NE2  N  Y N 146 
HIS OXT  O  N N 147 
HIS H    H  N N 148 
HIS H2   H  N N 149 
HIS HA   H  N N 150 
HIS HB2  H  N N 151 
HIS HB3  H  N N 152 
HIS HD1  H  N N 153 
HIS HD2  H  N N 154 
HIS HE1  H  N N 155 
HIS HE2  H  N N 156 
HIS HXT  H  N N 157 
HOH O    O  N N 158 
HOH H1   H  N N 159 
HOH H2   H  N N 160 
ILE N    N  N N 161 
ILE CA   C  N S 162 
ILE C    C  N N 163 
ILE O    O  N N 164 
ILE CB   C  N S 165 
ILE CG1  C  N N 166 
ILE CG2  C  N N 167 
ILE CD1  C  N N 168 
ILE OXT  O  N N 169 
ILE H    H  N N 170 
ILE H2   H  N N 171 
ILE HA   H  N N 172 
ILE HB   H  N N 173 
ILE HG12 H  N N 174 
ILE HG13 H  N N 175 
ILE HG21 H  N N 176 
ILE HG22 H  N N 177 
ILE HG23 H  N N 178 
ILE HD11 H  N N 179 
ILE HD12 H  N N 180 
ILE HD13 H  N N 181 
ILE HXT  H  N N 182 
LEU N    N  N N 183 
LEU CA   C  N S 184 
LEU C    C  N N 185 
LEU O    O  N N 186 
LEU CB   C  N N 187 
LEU CG   C  N N 188 
LEU CD1  C  N N 189 
LEU CD2  C  N N 190 
LEU OXT  O  N N 191 
LEU H    H  N N 192 
LEU H2   H  N N 193 
LEU HA   H  N N 194 
LEU HB2  H  N N 195 
LEU HB3  H  N N 196 
LEU HG   H  N N 197 
LEU HD11 H  N N 198 
LEU HD12 H  N N 199 
LEU HD13 H  N N 200 
LEU HD21 H  N N 201 
LEU HD22 H  N N 202 
LEU HD23 H  N N 203 
LEU HXT  H  N N 204 
LYS N    N  N N 205 
LYS CA   C  N S 206 
LYS C    C  N N 207 
LYS O    O  N N 208 
LYS CB   C  N N 209 
LYS CG   C  N N 210 
LYS CD   C  N N 211 
LYS CE   C  N N 212 
LYS NZ   N  N N 213 
LYS OXT  O  N N 214 
LYS H    H  N N 215 
LYS H2   H  N N 216 
LYS HA   H  N N 217 
LYS HB2  H  N N 218 
LYS HB3  H  N N 219 
LYS HG2  H  N N 220 
LYS HG3  H  N N 221 
LYS HD2  H  N N 222 
LYS HD3  H  N N 223 
LYS HE2  H  N N 224 
LYS HE3  H  N N 225 
LYS HZ1  H  N N 226 
LYS HZ2  H  N N 227 
LYS HZ3  H  N N 228 
LYS HXT  H  N N 229 
MET N    N  N N 230 
MET CA   C  N S 231 
MET C    C  N N 232 
MET O    O  N N 233 
MET CB   C  N N 234 
MET CG   C  N N 235 
MET SD   S  N N 236 
MET CE   C  N N 237 
MET OXT  O  N N 238 
MET H    H  N N 239 
MET H2   H  N N 240 
MET HA   H  N N 241 
MET HB2  H  N N 242 
MET HB3  H  N N 243 
MET HG2  H  N N 244 
MET HG3  H  N N 245 
MET HE1  H  N N 246 
MET HE2  H  N N 247 
MET HE3  H  N N 248 
MET HXT  H  N N 249 
NI  NI   NI N N 250 
PHE N    N  N N 251 
PHE CA   C  N S 252 
PHE C    C  N N 253 
PHE O    O  N N 254 
PHE CB   C  N N 255 
PHE CG   C  Y N 256 
PHE CD1  C  Y N 257 
PHE CD2  C  Y N 258 
PHE CE1  C  Y N 259 
PHE CE2  C  Y N 260 
PHE CZ   C  Y N 261 
PHE OXT  O  N N 262 
PHE H    H  N N 263 
PHE H2   H  N N 264 
PHE HA   H  N N 265 
PHE HB2  H  N N 266 
PHE HB3  H  N N 267 
PHE HD1  H  N N 268 
PHE HD2  H  N N 269 
PHE HE1  H  N N 270 
PHE HE2  H  N N 271 
PHE HZ   H  N N 272 
PHE HXT  H  N N 273 
PRO N    N  N N 274 
PRO CA   C  N S 275 
PRO C    C  N N 276 
PRO O    O  N N 277 
PRO CB   C  N N 278 
PRO CG   C  N N 279 
PRO CD   C  N N 280 
PRO OXT  O  N N 281 
PRO H    H  N N 282 
PRO HA   H  N N 283 
PRO HB2  H  N N 284 
PRO HB3  H  N N 285 
PRO HG2  H  N N 286 
PRO HG3  H  N N 287 
PRO HD2  H  N N 288 
PRO HD3  H  N N 289 
PRO HXT  H  N N 290 
SER N    N  N N 291 
SER CA   C  N S 292 
SER C    C  N N 293 
SER O    O  N N 294 
SER CB   C  N N 295 
SER OG   O  N N 296 
SER OXT  O  N N 297 
SER H    H  N N 298 
SER H2   H  N N 299 
SER HA   H  N N 300 
SER HB2  H  N N 301 
SER HB3  H  N N 302 
SER HG   H  N N 303 
SER HXT  H  N N 304 
THR N    N  N N 305 
THR CA   C  N S 306 
THR C    C  N N 307 
THR O    O  N N 308 
THR CB   C  N R 309 
THR OG1  O  N N 310 
THR CG2  C  N N 311 
THR OXT  O  N N 312 
THR H    H  N N 313 
THR H2   H  N N 314 
THR HA   H  N N 315 
THR HB   H  N N 316 
THR HG1  H  N N 317 
THR HG21 H  N N 318 
THR HG22 H  N N 319 
THR HG23 H  N N 320 
THR HXT  H  N N 321 
TYR N    N  N N 322 
TYR CA   C  N S 323 
TYR C    C  N N 324 
TYR O    O  N N 325 
TYR CB   C  N N 326 
TYR CG   C  Y N 327 
TYR CD1  C  Y N 328 
TYR CD2  C  Y N 329 
TYR CE1  C  Y N 330 
TYR CE2  C  Y N 331 
TYR CZ   C  Y N 332 
TYR OH   O  N N 333 
TYR OXT  O  N N 334 
TYR H    H  N N 335 
TYR H2   H  N N 336 
TYR HA   H  N N 337 
TYR HB2  H  N N 338 
TYR HB3  H  N N 339 
TYR HD1  H  N N 340 
TYR HD2  H  N N 341 
TYR HE1  H  N N 342 
TYR HE2  H  N N 343 
TYR HH   H  N N 344 
TYR HXT  H  N N 345 
VAL N    N  N N 346 
VAL CA   C  N S 347 
VAL C    C  N N 348 
VAL O    O  N N 349 
VAL CB   C  N N 350 
VAL CG1  C  N N 351 
VAL CG2  C  N N 352 
VAL OXT  O  N N 353 
VAL H    H  N N 354 
VAL H2   H  N N 355 
VAL HA   H  N N 356 
VAL HB   H  N N 357 
VAL HG11 H  N N 358 
VAL HG12 H  N N 359 
VAL HG13 H  N N 360 
VAL HG21 H  N N 361 
VAL HG22 H  N N 362 
VAL HG23 H  N N 363 
VAL HXT  H  N N 364 
# 
loop_
_chem_comp_bond.comp_id 
_chem_comp_bond.atom_id_1 
_chem_comp_bond.atom_id_2 
_chem_comp_bond.value_order 
_chem_comp_bond.pdbx_aromatic_flag 
_chem_comp_bond.pdbx_stereo_config 
_chem_comp_bond.pdbx_ordinal 
ALA N   CA   sing N N 1   
ALA N   H    sing N N 2   
ALA N   H2   sing N N 3   
ALA CA  C    sing N N 4   
ALA CA  CB   sing N N 5   
ALA CA  HA   sing N N 6   
ALA C   O    doub N N 7   
ALA C   OXT  sing N N 8   
ALA CB  HB1  sing N N 9   
ALA CB  HB2  sing N N 10  
ALA CB  HB3  sing N N 11  
ALA OXT HXT  sing N N 12  
ARG N   CA   sing N N 13  
ARG N   H    sing N N 14  
ARG N   H2   sing N N 15  
ARG CA  C    sing N N 16  
ARG CA  CB   sing N N 17  
ARG CA  HA   sing N N 18  
ARG C   O    doub N N 19  
ARG C   OXT  sing N N 20  
ARG CB  CG   sing N N 21  
ARG CB  HB2  sing N N 22  
ARG CB  HB3  sing N N 23  
ARG CG  CD   sing N N 24  
ARG CG  HG2  sing N N 25  
ARG CG  HG3  sing N N 26  
ARG CD  NE   sing N N 27  
ARG CD  HD2  sing N N 28  
ARG CD  HD3  sing N N 29  
ARG NE  CZ   sing N N 30  
ARG NE  HE   sing N N 31  
ARG CZ  NH1  sing N N 32  
ARG CZ  NH2  doub N N 33  
ARG NH1 HH11 sing N N 34  
ARG NH1 HH12 sing N N 35  
ARG NH2 HH21 sing N N 36  
ARG NH2 HH22 sing N N 37  
ARG OXT HXT  sing N N 38  
ASN N   CA   sing N N 39  
ASN N   H    sing N N 40  
ASN N   H2   sing N N 41  
ASN CA  C    sing N N 42  
ASN CA  CB   sing N N 43  
ASN CA  HA   sing N N 44  
ASN C   O    doub N N 45  
ASN C   OXT  sing N N 46  
ASN CB  CG   sing N N 47  
ASN CB  HB2  sing N N 48  
ASN CB  HB3  sing N N 49  
ASN CG  OD1  doub N N 50  
ASN CG  ND2  sing N N 51  
ASN ND2 HD21 sing N N 52  
ASN ND2 HD22 sing N N 53  
ASN OXT HXT  sing N N 54  
ASP N   CA   sing N N 55  
ASP N   H    sing N N 56  
ASP N   H2   sing N N 57  
ASP CA  C    sing N N 58  
ASP CA  CB   sing N N 59  
ASP CA  HA   sing N N 60  
ASP C   O    doub N N 61  
ASP C   OXT  sing N N 62  
ASP CB  CG   sing N N 63  
ASP CB  HB2  sing N N 64  
ASP CB  HB3  sing N N 65  
ASP CG  OD1  doub N N 66  
ASP CG  OD2  sing N N 67  
ASP OD2 HD2  sing N N 68  
ASP OXT HXT  sing N N 69  
CYS N   CA   sing N N 70  
CYS N   H    sing N N 71  
CYS N   H2   sing N N 72  
CYS CA  C    sing N N 73  
CYS CA  CB   sing N N 74  
CYS CA  HA   sing N N 75  
CYS C   O    doub N N 76  
CYS C   OXT  sing N N 77  
CYS CB  SG   sing N N 78  
CYS CB  HB2  sing N N 79  
CYS CB  HB3  sing N N 80  
CYS SG  HG   sing N N 81  
CYS OXT HXT  sing N N 82  
GLN N   CA   sing N N 83  
GLN N   H    sing N N 84  
GLN N   H2   sing N N 85  
GLN CA  C    sing N N 86  
GLN CA  CB   sing N N 87  
GLN CA  HA   sing N N 88  
GLN C   O    doub N N 89  
GLN C   OXT  sing N N 90  
GLN CB  CG   sing N N 91  
GLN CB  HB2  sing N N 92  
GLN CB  HB3  sing N N 93  
GLN CG  CD   sing N N 94  
GLN CG  HG2  sing N N 95  
GLN CG  HG3  sing N N 96  
GLN CD  OE1  doub N N 97  
GLN CD  NE2  sing N N 98  
GLN NE2 HE21 sing N N 99  
GLN NE2 HE22 sing N N 100 
GLN OXT HXT  sing N N 101 
GLU N   CA   sing N N 102 
GLU N   H    sing N N 103 
GLU N   H2   sing N N 104 
GLU CA  C    sing N N 105 
GLU CA  CB   sing N N 106 
GLU CA  HA   sing N N 107 
GLU C   O    doub N N 108 
GLU C   OXT  sing N N 109 
GLU CB  CG   sing N N 110 
GLU CB  HB2  sing N N 111 
GLU CB  HB3  sing N N 112 
GLU CG  CD   sing N N 113 
GLU CG  HG2  sing N N 114 
GLU CG  HG3  sing N N 115 
GLU CD  OE1  doub N N 116 
GLU CD  OE2  sing N N 117 
GLU OE2 HE2  sing N N 118 
GLU OXT HXT  sing N N 119 
GLY N   CA   sing N N 120 
GLY N   H    sing N N 121 
GLY N   H2   sing N N 122 
GLY CA  C    sing N N 123 
GLY CA  HA2  sing N N 124 
GLY CA  HA3  sing N N 125 
GLY C   O    doub N N 126 
GLY C   OXT  sing N N 127 
GLY OXT HXT  sing N N 128 
HIS N   CA   sing N N 129 
HIS N   H    sing N N 130 
HIS N   H2   sing N N 131 
HIS CA  C    sing N N 132 
HIS CA  CB   sing N N 133 
HIS CA  HA   sing N N 134 
HIS C   O    doub N N 135 
HIS C   OXT  sing N N 136 
HIS CB  CG   sing N N 137 
HIS CB  HB2  sing N N 138 
HIS CB  HB3  sing N N 139 
HIS CG  ND1  sing Y N 140 
HIS CG  CD2  doub Y N 141 
HIS ND1 CE1  doub Y N 142 
HIS ND1 HD1  sing N N 143 
HIS CD2 NE2  sing Y N 144 
HIS CD2 HD2  sing N N 145 
HIS CE1 NE2  sing Y N 146 
HIS CE1 HE1  sing N N 147 
HIS NE2 HE2  sing N N 148 
HIS OXT HXT  sing N N 149 
HOH O   H1   sing N N 150 
HOH O   H2   sing N N 151 
ILE N   CA   sing N N 152 
ILE N   H    sing N N 153 
ILE N   H2   sing N N 154 
ILE CA  C    sing N N 155 
ILE CA  CB   sing N N 156 
ILE CA  HA   sing N N 157 
ILE C   O    doub N N 158 
ILE C   OXT  sing N N 159 
ILE CB  CG1  sing N N 160 
ILE CB  CG2  sing N N 161 
ILE CB  HB   sing N N 162 
ILE CG1 CD1  sing N N 163 
ILE CG1 HG12 sing N N 164 
ILE CG1 HG13 sing N N 165 
ILE CG2 HG21 sing N N 166 
ILE CG2 HG22 sing N N 167 
ILE CG2 HG23 sing N N 168 
ILE CD1 HD11 sing N N 169 
ILE CD1 HD12 sing N N 170 
ILE CD1 HD13 sing N N 171 
ILE OXT HXT  sing N N 172 
LEU N   CA   sing N N 173 
LEU N   H    sing N N 174 
LEU N   H2   sing N N 175 
LEU CA  C    sing N N 176 
LEU CA  CB   sing N N 177 
LEU CA  HA   sing N N 178 
LEU C   O    doub N N 179 
LEU C   OXT  sing N N 180 
LEU CB  CG   sing N N 181 
LEU CB  HB2  sing N N 182 
LEU CB  HB3  sing N N 183 
LEU CG  CD1  sing N N 184 
LEU CG  CD2  sing N N 185 
LEU CG  HG   sing N N 186 
LEU CD1 HD11 sing N N 187 
LEU CD1 HD12 sing N N 188 
LEU CD1 HD13 sing N N 189 
LEU CD2 HD21 sing N N 190 
LEU CD2 HD22 sing N N 191 
LEU CD2 HD23 sing N N 192 
LEU OXT HXT  sing N N 193 
LYS N   CA   sing N N 194 
LYS N   H    sing N N 195 
LYS N   H2   sing N N 196 
LYS CA  C    sing N N 197 
LYS CA  CB   sing N N 198 
LYS CA  HA   sing N N 199 
LYS C   O    doub N N 200 
LYS C   OXT  sing N N 201 
LYS CB  CG   sing N N 202 
LYS CB  HB2  sing N N 203 
LYS CB  HB3  sing N N 204 
LYS CG  CD   sing N N 205 
LYS CG  HG2  sing N N 206 
LYS CG  HG3  sing N N 207 
LYS CD  CE   sing N N 208 
LYS CD  HD2  sing N N 209 
LYS CD  HD3  sing N N 210 
LYS CE  NZ   sing N N 211 
LYS CE  HE2  sing N N 212 
LYS CE  HE3  sing N N 213 
LYS NZ  HZ1  sing N N 214 
LYS NZ  HZ2  sing N N 215 
LYS NZ  HZ3  sing N N 216 
LYS OXT HXT  sing N N 217 
MET N   CA   sing N N 218 
MET N   H    sing N N 219 
MET N   H2   sing N N 220 
MET CA  C    sing N N 221 
MET CA  CB   sing N N 222 
MET CA  HA   sing N N 223 
MET C   O    doub N N 224 
MET C   OXT  sing N N 225 
MET CB  CG   sing N N 226 
MET CB  HB2  sing N N 227 
MET CB  HB3  sing N N 228 
MET CG  SD   sing N N 229 
MET CG  HG2  sing N N 230 
MET CG  HG3  sing N N 231 
MET SD  CE   sing N N 232 
MET CE  HE1  sing N N 233 
MET CE  HE2  sing N N 234 
MET CE  HE3  sing N N 235 
MET OXT HXT  sing N N 236 
PHE N   CA   sing N N 237 
PHE N   H    sing N N 238 
PHE N   H2   sing N N 239 
PHE CA  C    sing N N 240 
PHE CA  CB   sing N N 241 
PHE CA  HA   sing N N 242 
PHE C   O    doub N N 243 
PHE C   OXT  sing N N 244 
PHE CB  CG   sing N N 245 
PHE CB  HB2  sing N N 246 
PHE CB  HB3  sing N N 247 
PHE CG  CD1  doub Y N 248 
PHE CG  CD2  sing Y N 249 
PHE CD1 CE1  sing Y N 250 
PHE CD1 HD1  sing N N 251 
PHE CD2 CE2  doub Y N 252 
PHE CD2 HD2  sing N N 253 
PHE CE1 CZ   doub Y N 254 
PHE CE1 HE1  sing N N 255 
PHE CE2 CZ   sing Y N 256 
PHE CE2 HE2  sing N N 257 
PHE CZ  HZ   sing N N 258 
PHE OXT HXT  sing N N 259 
PRO N   CA   sing N N 260 
PRO N   CD   sing N N 261 
PRO N   H    sing N N 262 
PRO CA  C    sing N N 263 
PRO CA  CB   sing N N 264 
PRO CA  HA   sing N N 265 
PRO C   O    doub N N 266 
PRO C   OXT  sing N N 267 
PRO CB  CG   sing N N 268 
PRO CB  HB2  sing N N 269 
PRO CB  HB3  sing N N 270 
PRO CG  CD   sing N N 271 
PRO CG  HG2  sing N N 272 
PRO CG  HG3  sing N N 273 
PRO CD  HD2  sing N N 274 
PRO CD  HD3  sing N N 275 
PRO OXT HXT  sing N N 276 
SER N   CA   sing N N 277 
SER N   H    sing N N 278 
SER N   H2   sing N N 279 
SER CA  C    sing N N 280 
SER CA  CB   sing N N 281 
SER CA  HA   sing N N 282 
SER C   O    doub N N 283 
SER C   OXT  sing N N 284 
SER CB  OG   sing N N 285 
SER CB  HB2  sing N N 286 
SER CB  HB3  sing N N 287 
SER OG  HG   sing N N 288 
SER OXT HXT  sing N N 289 
THR N   CA   sing N N 290 
THR N   H    sing N N 291 
THR N   H2   sing N N 292 
THR CA  C    sing N N 293 
THR CA  CB   sing N N 294 
THR CA  HA   sing N N 295 
THR C   O    doub N N 296 
THR C   OXT  sing N N 297 
THR CB  OG1  sing N N 298 
THR CB  CG2  sing N N 299 
THR CB  HB   sing N N 300 
THR OG1 HG1  sing N N 301 
THR CG2 HG21 sing N N 302 
THR CG2 HG22 sing N N 303 
THR CG2 HG23 sing N N 304 
THR OXT HXT  sing N N 305 
TYR N   CA   sing N N 306 
TYR N   H    sing N N 307 
TYR N   H2   sing N N 308 
TYR CA  C    sing N N 309 
TYR CA  CB   sing N N 310 
TYR CA  HA   sing N N 311 
TYR C   O    doub N N 312 
TYR C   OXT  sing N N 313 
TYR CB  CG   sing N N 314 
TYR CB  HB2  sing N N 315 
TYR CB  HB3  sing N N 316 
TYR CG  CD1  doub Y N 317 
TYR CG  CD2  sing Y N 318 
TYR CD1 CE1  sing Y N 319 
TYR CD1 HD1  sing N N 320 
TYR CD2 CE2  doub Y N 321 
TYR CD2 HD2  sing N N 322 
TYR CE1 CZ   doub Y N 323 
TYR CE1 HE1  sing N N 324 
TYR CE2 CZ   sing Y N 325 
TYR CE2 HE2  sing N N 326 
TYR CZ  OH   sing N N 327 
TYR OH  HH   sing N N 328 
TYR OXT HXT  sing N N 329 
VAL N   CA   sing N N 330 
VAL N   H    sing N N 331 
VAL N   H2   sing N N 332 
VAL CA  C    sing N N 333 
VAL CA  CB   sing N N 334 
VAL CA  HA   sing N N 335 
VAL C   O    doub N N 336 
VAL C   OXT  sing N N 337 
VAL CB  CG1  sing N N 338 
VAL CB  CG2  sing N N 339 
VAL CB  HB   sing N N 340 
VAL CG1 HG11 sing N N 341 
VAL CG1 HG12 sing N N 342 
VAL CG1 HG13 sing N N 343 
VAL CG2 HG21 sing N N 344 
VAL CG2 HG22 sing N N 345 
VAL CG2 HG23 sing N N 346 
VAL OXT HXT  sing N N 347 
# 
loop_
_pdbx_entity_nonpoly.entity_id 
_pdbx_entity_nonpoly.name 
_pdbx_entity_nonpoly.comp_id 
3 'NICKEL (II) ION' NI  
4 water             HOH 
# 
_pdbx_initial_refinement_model.id               1 
_pdbx_initial_refinement_model.entity_id_list   ? 
_pdbx_initial_refinement_model.type             'experimental model' 
_pdbx_initial_refinement_model.source_name      PDB 
_pdbx_initial_refinement_model.accession_code   1ELR 
_pdbx_initial_refinement_model.details          'PDB ENTRY 1ELR' 
# 
